data_3HMC
# 
_entry.id   3HMC 
# 
_audit_conform.dict_name       mmcif_pdbx.dic 
_audit_conform.dict_version    5.387 
_audit_conform.dict_location   http://mmcif.pdb.org/dictionaries/ascii/mmcif_pdbx.dic 
# 
loop_
_database_2.database_id 
_database_2.database_code 
_database_2.pdbx_database_accession 
_database_2.pdbx_DOI 
PDB   3HMC         pdb_00003hmc 10.2210/pdb3hmc/pdb 
RCSB  RCSB053310   ?            ?                   
WWPDB D_1000053310 ?            ?                   
# 
loop_
_pdbx_audit_revision_history.ordinal 
_pdbx_audit_revision_history.data_content_type 
_pdbx_audit_revision_history.major_revision 
_pdbx_audit_revision_history.minor_revision 
_pdbx_audit_revision_history.revision_date 
1 'Structure model' 1 0 2010-06-09 
2 'Structure model' 1 1 2011-07-13 
3 'Structure model' 1 2 2011-08-10 
4 'Structure model' 1 3 2011-08-17 
5 'Structure model' 1 4 2011-12-21 
6 'Structure model' 1 5 2024-02-21 
# 
_pdbx_audit_revision_details.ordinal             1 
_pdbx_audit_revision_details.revision_ordinal    1 
_pdbx_audit_revision_details.data_content_type   'Structure model' 
_pdbx_audit_revision_details.provider            repository 
_pdbx_audit_revision_details.type                'Initial release' 
_pdbx_audit_revision_details.description         ? 
_pdbx_audit_revision_details.details             ? 
# 
loop_
_pdbx_audit_revision_group.ordinal 
_pdbx_audit_revision_group.revision_ordinal 
_pdbx_audit_revision_group.data_content_type 
_pdbx_audit_revision_group.group 
1 2 'Structure model' 'Version format compliance' 
2 3 'Structure model' 'Database references'       
3 4 'Structure model' 'Database references'       
4 5 'Structure model' 'Database references'       
5 6 'Structure model' 'Data collection'           
6 6 'Structure model' 'Database references'       
7 6 'Structure model' 'Derived calculations'      
# 
loop_
_pdbx_audit_revision_category.ordinal 
_pdbx_audit_revision_category.revision_ordinal 
_pdbx_audit_revision_category.data_content_type 
_pdbx_audit_revision_category.category 
1 6 'Structure model' chem_comp_atom     
2 6 'Structure model' chem_comp_bond     
3 6 'Structure model' database_2         
4 6 'Structure model' struct_ref_seq_dif 
5 6 'Structure model' struct_site        
# 
loop_
_pdbx_audit_revision_item.ordinal 
_pdbx_audit_revision_item.revision_ordinal 
_pdbx_audit_revision_item.data_content_type 
_pdbx_audit_revision_item.item 
1 6 'Structure model' '_database_2.pdbx_DOI'                
2 6 'Structure model' '_database_2.pdbx_database_accession' 
3 6 'Structure model' '_struct_ref_seq_dif.details'         
4 6 'Structure model' '_struct_site.pdbx_auth_asym_id'      
5 6 'Structure model' '_struct_site.pdbx_auth_comp_id'      
6 6 'Structure model' '_struct_site.pdbx_auth_seq_id'       
# 
_pdbx_database_status.status_code                     REL 
_pdbx_database_status.entry_id                        3HMC 
_pdbx_database_status.recvd_initial_deposition_date   2009-05-29 
_pdbx_database_status.deposit_site                    RCSB 
_pdbx_database_status.process_site                    RCSB 
_pdbx_database_status.status_code_sf                  REL 
_pdbx_database_status.status_code_mr                  ? 
_pdbx_database_status.SG_entry                        ? 
_pdbx_database_status.status_code_cs                  ? 
_pdbx_database_status.pdb_format_compatible           Y 
_pdbx_database_status.status_code_nmr_data            ? 
_pdbx_database_status.methods_development_category    ? 
# 
loop_
_pdbx_database_related.db_name 
_pdbx_database_related.db_id 
_pdbx_database_related.details 
_pdbx_database_related.content_type 
PDB 3HMA . unspecified 
PDB 3HMB . unspecified 
# 
loop_
_audit_author.name 
_audit_author.pdbx_ordinal 
'Low, L.Y.'      1 
'Liddington, R.' 2 
# 
_citation.id                        primary 
_citation.title                     
;Role of net charge on catalytic domain and influence of cell wall binding domain on bactericidal activity, specificity, and host range of phage lysins.
;
_citation.journal_abbrev            J.Biol.Chem. 
_citation.journal_volume            286 
_citation.page_first                34391 
_citation.page_last                 34403 
_citation.year                      2011 
_citation.journal_id_ASTM           JBCHA3 
_citation.country                   US 
_citation.journal_id_ISSN           0021-9258 
_citation.journal_id_CSD            0071 
_citation.book_publisher            ? 
_citation.pdbx_database_id_PubMed   21816821 
_citation.pdbx_database_id_DOI      10.1074/jbc.M111.244160 
# 
loop_
_citation_author.citation_id 
_citation_author.name 
_citation_author.ordinal 
_citation_author.identifier_ORCID 
primary 'Low, L.Y.'      1 ? 
primary 'Yang, C.'       2 ? 
primary 'Perego, M.'     3 ? 
primary 'Osterman, A.'   4 ? 
primary 'Liddington, R.' 5 ? 
# 
loop_
_entity.id 
_entity.type 
_entity.src_method 
_entity.pdbx_description 
_entity.formula_weight 
_entity.pdbx_number_of_molecules 
_entity.pdbx_ec 
_entity.pdbx_mutation 
_entity.pdbx_fragment 
_entity.details 
1 polymer     man 'Putative prophage LambdaBa04, glycosyl hydrolase, family 25' 21637.506 1   ? ? ? ? 
2 non-polymer syn '2-(N-MORPHOLINO)-ETHANESULFONIC ACID'                        195.237   1   ? ? ? ? 
3 water       nat water                                                         18.015    231 ? ? ? ? 
# 
_entity_name_com.entity_id   1 
_entity_name_com.name        'Prophage LambdaBa04, glycosyl hydrolase, family 25, putative' 
# 
_entity_poly.entity_id                      1 
_entity_poly.type                           'polypeptide(L)' 
_entity_poly.nstd_linkage                   no 
_entity_poly.nstd_monomer                   no 
_entity_poly.pdbx_seq_one_letter_code       
;GSHMGHIIDISKWNGDINWSIAKQHIDFIIARVQDGSNYVDPLYKGYVQAMKQHGIPFGNYAFCRFVSIADAKKEAQDFW
NRGDKSATVWVADVEVKTMNDMRAGTQAFIDELYRLGAKKVGLYVGHHMYTPFGMANVKSDFVWIPRYGGNKPAYPCDIW
QYTETGNVPGIGKCDLNSLIGNKSLSWFTESA
;
_entity_poly.pdbx_seq_one_letter_code_can   
;GSHMGHIIDISKWNGDINWSIAKQHIDFIIARVQDGSNYVDPLYKGYVQAMKQHGIPFGNYAFCRFVSIADAKKEAQDFW
NRGDKSATVWVADVEVKTMNDMRAGTQAFIDELYRLGAKKVGLYVGHHMYTPFGMANVKSDFVWIPRYGGNKPAYPCDIW
QYTETGNVPGIGKCDLNSLIGNKSLSWFTESA
;
_entity_poly.pdbx_strand_id                 A 
_entity_poly.pdbx_target_identifier         ? 
# 
loop_
_pdbx_entity_nonpoly.entity_id 
_pdbx_entity_nonpoly.name 
_pdbx_entity_nonpoly.comp_id 
2 '2-(N-MORPHOLINO)-ETHANESULFONIC ACID' MES 
3 water                                  HOH 
# 
loop_
_entity_poly_seq.entity_id 
_entity_poly_seq.num 
_entity_poly_seq.mon_id 
_entity_poly_seq.hetero 
1 1   GLY n 
1 2   SER n 
1 3   HIS n 
1 4   MET n 
1 5   GLY n 
1 6   HIS n 
1 7   ILE n 
1 8   ILE n 
1 9   ASP n 
1 10  ILE n 
1 11  SER n 
1 12  LYS n 
1 13  TRP n 
1 14  ASN n 
1 15  GLY n 
1 16  ASP n 
1 17  ILE n 
1 18  ASN n 
1 19  TRP n 
1 20  SER n 
1 21  ILE n 
1 22  ALA n 
1 23  LYS n 
1 24  GLN n 
1 25  HIS n 
1 26  ILE n 
1 27  ASP n 
1 28  PHE n 
1 29  ILE n 
1 30  ILE n 
1 31  ALA n 
1 32  ARG n 
1 33  VAL n 
1 34  GLN n 
1 35  ASP n 
1 36  GLY n 
1 37  SER n 
1 38  ASN n 
1 39  TYR n 
1 40  VAL n 
1 41  ASP n 
1 42  PRO n 
1 43  LEU n 
1 44  TYR n 
1 45  LYS n 
1 46  GLY n 
1 47  TYR n 
1 48  VAL n 
1 49  GLN n 
1 50  ALA n 
1 51  MET n 
1 52  LYS n 
1 53  GLN n 
1 54  HIS n 
1 55  GLY n 
1 56  ILE n 
1 57  PRO n 
1 58  PHE n 
1 59  GLY n 
1 60  ASN n 
1 61  TYR n 
1 62  ALA n 
1 63  PHE n 
1 64  CYS n 
1 65  ARG n 
1 66  PHE n 
1 67  VAL n 
1 68  SER n 
1 69  ILE n 
1 70  ALA n 
1 71  ASP n 
1 72  ALA n 
1 73  LYS n 
1 74  LYS n 
1 75  GLU n 
1 76  ALA n 
1 77  GLN n 
1 78  ASP n 
1 79  PHE n 
1 80  TRP n 
1 81  ASN n 
1 82  ARG n 
1 83  GLY n 
1 84  ASP n 
1 85  LYS n 
1 86  SER n 
1 87  ALA n 
1 88  THR n 
1 89  VAL n 
1 90  TRP n 
1 91  VAL n 
1 92  ALA n 
1 93  ASP n 
1 94  VAL n 
1 95  GLU n 
1 96  VAL n 
1 97  LYS n 
1 98  THR n 
1 99  MET n 
1 100 ASN n 
1 101 ASP n 
1 102 MET n 
1 103 ARG n 
1 104 ALA n 
1 105 GLY n 
1 106 THR n 
1 107 GLN n 
1 108 ALA n 
1 109 PHE n 
1 110 ILE n 
1 111 ASP n 
1 112 GLU n 
1 113 LEU n 
1 114 TYR n 
1 115 ARG n 
1 116 LEU n 
1 117 GLY n 
1 118 ALA n 
1 119 LYS n 
1 120 LYS n 
1 121 VAL n 
1 122 GLY n 
1 123 LEU n 
1 124 TYR n 
1 125 VAL n 
1 126 GLY n 
1 127 HIS n 
1 128 HIS n 
1 129 MET n 
1 130 TYR n 
1 131 THR n 
1 132 PRO n 
1 133 PHE n 
1 134 GLY n 
1 135 MET n 
1 136 ALA n 
1 137 ASN n 
1 138 VAL n 
1 139 LYS n 
1 140 SER n 
1 141 ASP n 
1 142 PHE n 
1 143 VAL n 
1 144 TRP n 
1 145 ILE n 
1 146 PRO n 
1 147 ARG n 
1 148 TYR n 
1 149 GLY n 
1 150 GLY n 
1 151 ASN n 
1 152 LYS n 
1 153 PRO n 
1 154 ALA n 
1 155 TYR n 
1 156 PRO n 
1 157 CYS n 
1 158 ASP n 
1 159 ILE n 
1 160 TRP n 
1 161 GLN n 
1 162 TYR n 
1 163 THR n 
1 164 GLU n 
1 165 THR n 
1 166 GLY n 
1 167 ASN n 
1 168 VAL n 
1 169 PRO n 
1 170 GLY n 
1 171 ILE n 
1 172 GLY n 
1 173 LYS n 
1 174 CYS n 
1 175 ASP n 
1 176 LEU n 
1 177 ASN n 
1 178 SER n 
1 179 LEU n 
1 180 ILE n 
1 181 GLY n 
1 182 ASN n 
1 183 LYS n 
1 184 SER n 
1 185 LEU n 
1 186 SER n 
1 187 TRP n 
1 188 PHE n 
1 189 THR n 
1 190 GLU n 
1 191 SER n 
1 192 ALA n 
# 
_entity_src_gen.entity_id                          1 
_entity_src_gen.pdbx_src_id                        1 
_entity_src_gen.pdbx_alt_source_flag               sample 
_entity_src_gen.pdbx_seq_type                      ? 
_entity_src_gen.pdbx_beg_seq_num                   ? 
_entity_src_gen.pdbx_end_seq_num                   ? 
_entity_src_gen.gene_src_common_name               'anthrax,anthrax bacterium' 
_entity_src_gen.gene_src_genus                     ? 
_entity_src_gen.pdbx_gene_src_gene                 'BAS0460, BA_0485, GBAA0485, GBAA_0485' 
_entity_src_gen.gene_src_species                   ? 
_entity_src_gen.gene_src_strain                    ? 
_entity_src_gen.gene_src_tissue                    ? 
_entity_src_gen.gene_src_tissue_fraction           ? 
_entity_src_gen.gene_src_details                   ? 
_entity_src_gen.pdbx_gene_src_fragment             ? 
_entity_src_gen.pdbx_gene_src_scientific_name      'Bacillus anthracis' 
_entity_src_gen.pdbx_gene_src_ncbi_taxonomy_id     1392 
_entity_src_gen.pdbx_gene_src_variant              ? 
_entity_src_gen.pdbx_gene_src_cell_line            ? 
_entity_src_gen.pdbx_gene_src_atcc                 ? 
_entity_src_gen.pdbx_gene_src_organ                ? 
_entity_src_gen.pdbx_gene_src_organelle            ? 
_entity_src_gen.pdbx_gene_src_cell                 ? 
_entity_src_gen.pdbx_gene_src_cellular_location    ? 
_entity_src_gen.host_org_common_name               ? 
_entity_src_gen.pdbx_host_org_scientific_name      'Escherichia coli' 
_entity_src_gen.pdbx_host_org_ncbi_taxonomy_id     562 
_entity_src_gen.host_org_genus                     ? 
_entity_src_gen.pdbx_host_org_gene                 ? 
_entity_src_gen.pdbx_host_org_organ                ? 
_entity_src_gen.host_org_species                   ? 
_entity_src_gen.pdbx_host_org_tissue               ? 
_entity_src_gen.pdbx_host_org_tissue_fraction      ? 
_entity_src_gen.pdbx_host_org_strain               ? 
_entity_src_gen.pdbx_host_org_variant              ? 
_entity_src_gen.pdbx_host_org_cell_line            ? 
_entity_src_gen.pdbx_host_org_atcc                 ? 
_entity_src_gen.pdbx_host_org_culture_collection   ? 
_entity_src_gen.pdbx_host_org_cell                 ? 
_entity_src_gen.pdbx_host_org_organelle            ? 
_entity_src_gen.pdbx_host_org_cellular_location    ? 
_entity_src_gen.pdbx_host_org_vector_type          ? 
_entity_src_gen.pdbx_host_org_vector               ? 
_entity_src_gen.host_org_details                   ? 
_entity_src_gen.expression_system_id               ? 
_entity_src_gen.plasmid_name                       ? 
_entity_src_gen.plasmid_details                    ? 
_entity_src_gen.pdbx_description                   ? 
# 
loop_
_chem_comp.id 
_chem_comp.type 
_chem_comp.mon_nstd_flag 
_chem_comp.name 
_chem_comp.pdbx_synonyms 
_chem_comp.formula 
_chem_comp.formula_weight 
ALA 'L-peptide linking' y ALANINE                                ? 'C3 H7 N O2'     89.093  
ARG 'L-peptide linking' y ARGININE                               ? 'C6 H15 N4 O2 1' 175.209 
ASN 'L-peptide linking' y ASPARAGINE                             ? 'C4 H8 N2 O3'    132.118 
ASP 'L-peptide linking' y 'ASPARTIC ACID'                        ? 'C4 H7 N O4'     133.103 
CYS 'L-peptide linking' y CYSTEINE                               ? 'C3 H7 N O2 S'   121.158 
GLN 'L-peptide linking' y GLUTAMINE                              ? 'C5 H10 N2 O3'   146.144 
GLU 'L-peptide linking' y 'GLUTAMIC ACID'                        ? 'C5 H9 N O4'     147.129 
GLY 'peptide linking'   y GLYCINE                                ? 'C2 H5 N O2'     75.067  
HIS 'L-peptide linking' y HISTIDINE                              ? 'C6 H10 N3 O2 1' 156.162 
HOH non-polymer         . WATER                                  ? 'H2 O'           18.015  
ILE 'L-peptide linking' y ISOLEUCINE                             ? 'C6 H13 N O2'    131.173 
LEU 'L-peptide linking' y LEUCINE                                ? 'C6 H13 N O2'    131.173 
LYS 'L-peptide linking' y LYSINE                                 ? 'C6 H15 N2 O2 1' 147.195 
MES non-polymer         . '2-(N-MORPHOLINO)-ETHANESULFONIC ACID' ? 'C6 H13 N O4 S'  195.237 
MET 'L-peptide linking' y METHIONINE                             ? 'C5 H11 N O2 S'  149.211 
PHE 'L-peptide linking' y PHENYLALANINE                          ? 'C9 H11 N O2'    165.189 
PRO 'L-peptide linking' y PROLINE                                ? 'C5 H9 N O2'     115.130 
SER 'L-peptide linking' y SERINE                                 ? 'C3 H7 N O3'     105.093 
THR 'L-peptide linking' y THREONINE                              ? 'C4 H9 N O3'     119.119 
TRP 'L-peptide linking' y TRYPTOPHAN                             ? 'C11 H12 N2 O2'  204.225 
TYR 'L-peptide linking' y TYROSINE                               ? 'C9 H11 N O3'    181.189 
VAL 'L-peptide linking' y VALINE                                 ? 'C5 H11 N O2'    117.146 
# 
loop_
_pdbx_poly_seq_scheme.asym_id 
_pdbx_poly_seq_scheme.entity_id 
_pdbx_poly_seq_scheme.seq_id 
_pdbx_poly_seq_scheme.mon_id 
_pdbx_poly_seq_scheme.ndb_seq_num 
_pdbx_poly_seq_scheme.pdb_seq_num 
_pdbx_poly_seq_scheme.auth_seq_num 
_pdbx_poly_seq_scheme.pdb_mon_id 
_pdbx_poly_seq_scheme.auth_mon_id 
_pdbx_poly_seq_scheme.pdb_strand_id 
_pdbx_poly_seq_scheme.pdb_ins_code 
_pdbx_poly_seq_scheme.hetero 
A 1 1   GLY 1   1   ?   ?   ?   A . n 
A 1 2   SER 2   2   2   SER SER A . n 
A 1 3   HIS 3   3   3   HIS HIS A . n 
A 1 4   MET 4   4   4   MET MET A . n 
A 1 5   GLY 5   5   5   GLY GLY A . n 
A 1 6   HIS 6   6   6   HIS HIS A . n 
A 1 7   ILE 7   7   7   ILE ILE A . n 
A 1 8   ILE 8   8   8   ILE ILE A . n 
A 1 9   ASP 9   9   9   ASP ASP A . n 
A 1 10  ILE 10  10  10  ILE ILE A . n 
A 1 11  SER 11  11  11  SER SER A . n 
A 1 12  LYS 12  12  12  LYS LYS A . n 
A 1 13  TRP 13  13  13  TRP TRP A . n 
A 1 14  ASN 14  14  14  ASN ASN A . n 
A 1 15  GLY 15  15  15  GLY GLY A . n 
A 1 16  ASP 16  16  16  ASP ASP A . n 
A 1 17  ILE 17  17  17  ILE ILE A . n 
A 1 18  ASN 18  18  18  ASN ASN A . n 
A 1 19  TRP 19  19  19  TRP TRP A . n 
A 1 20  SER 20  20  20  SER SER A . n 
A 1 21  ILE 21  21  21  ILE ILE A . n 
A 1 22  ALA 22  22  22  ALA ALA A . n 
A 1 23  LYS 23  23  23  LYS LYS A . n 
A 1 24  GLN 24  24  24  GLN GLN A . n 
A 1 25  HIS 25  25  25  HIS HIS A . n 
A 1 26  ILE 26  26  26  ILE ILE A . n 
A 1 27  ASP 27  27  27  ASP ASP A . n 
A 1 28  PHE 28  28  28  PHE PHE A . n 
A 1 29  ILE 29  29  29  ILE ILE A . n 
A 1 30  ILE 30  30  30  ILE ILE A . n 
A 1 31  ALA 31  31  31  ALA ALA A . n 
A 1 32  ARG 32  32  32  ARG ARG A . n 
A 1 33  VAL 33  33  33  VAL VAL A . n 
A 1 34  GLN 34  34  34  GLN GLN A . n 
A 1 35  ASP 35  35  35  ASP ASP A . n 
A 1 36  GLY 36  36  36  GLY GLY A . n 
A 1 37  SER 37  37  37  SER SER A . n 
A 1 38  ASN 38  38  38  ASN ASN A . n 
A 1 39  TYR 39  39  39  TYR TYR A . n 
A 1 40  VAL 40  40  40  VAL VAL A . n 
A 1 41  ASP 41  41  41  ASP ASP A . n 
A 1 42  PRO 42  42  42  PRO PRO A . n 
A 1 43  LEU 43  43  43  LEU LEU A . n 
A 1 44  TYR 44  44  44  TYR TYR A . n 
A 1 45  LYS 45  45  45  LYS LYS A . n 
A 1 46  GLY 46  46  46  GLY GLY A . n 
A 1 47  TYR 47  47  47  TYR TYR A . n 
A 1 48  VAL 48  48  48  VAL VAL A . n 
A 1 49  GLN 49  49  49  GLN GLN A . n 
A 1 50  ALA 50  50  50  ALA ALA A . n 
A 1 51  MET 51  51  51  MET MET A . n 
A 1 52  LYS 52  52  52  LYS LYS A . n 
A 1 53  GLN 53  53  53  GLN GLN A . n 
A 1 54  HIS 54  54  54  HIS HIS A . n 
A 1 55  GLY 55  55  55  GLY GLY A . n 
A 1 56  ILE 56  56  56  ILE ILE A . n 
A 1 57  PRO 57  57  57  PRO PRO A . n 
A 1 58  PHE 58  58  58  PHE PHE A . n 
A 1 59  GLY 59  59  59  GLY GLY A . n 
A 1 60  ASN 60  60  60  ASN ASN A . n 
A 1 61  TYR 61  61  61  TYR TYR A . n 
A 1 62  ALA 62  62  62  ALA ALA A . n 
A 1 63  PHE 63  63  63  PHE PHE A . n 
A 1 64  CYS 64  64  64  CYS CYS A . n 
A 1 65  ARG 65  65  65  ARG ARG A . n 
A 1 66  PHE 66  66  66  PHE PHE A . n 
A 1 67  VAL 67  67  67  VAL VAL A . n 
A 1 68  SER 68  68  68  SER SER A . n 
A 1 69  ILE 69  69  69  ILE ILE A . n 
A 1 70  ALA 70  70  70  ALA ALA A . n 
A 1 71  ASP 71  71  71  ASP ASP A . n 
A 1 72  ALA 72  72  72  ALA ALA A . n 
A 1 73  LYS 73  73  73  LYS LYS A . n 
A 1 74  LYS 74  74  74  LYS LYS A . n 
A 1 75  GLU 75  75  75  GLU GLU A . n 
A 1 76  ALA 76  76  76  ALA ALA A . n 
A 1 77  GLN 77  77  77  GLN GLN A . n 
A 1 78  ASP 78  78  78  ASP ASP A . n 
A 1 79  PHE 79  79  79  PHE PHE A . n 
A 1 80  TRP 80  80  80  TRP TRP A . n 
A 1 81  ASN 81  81  81  ASN ASN A . n 
A 1 82  ARG 82  82  82  ARG ARG A . n 
A 1 83  GLY 83  83  83  GLY GLY A . n 
A 1 84  ASP 84  84  84  ASP ASP A . n 
A 1 85  LYS 85  85  85  LYS LYS A . n 
A 1 86  SER 86  86  86  SER SER A . n 
A 1 87  ALA 87  87  87  ALA ALA A . n 
A 1 88  THR 88  88  88  THR THR A . n 
A 1 89  VAL 89  89  89  VAL VAL A . n 
A 1 90  TRP 90  90  90  TRP TRP A . n 
A 1 91  VAL 91  91  91  VAL VAL A . n 
A 1 92  ALA 92  92  92  ALA ALA A . n 
A 1 93  ASP 93  93  93  ASP ASP A . n 
A 1 94  VAL 94  94  94  VAL VAL A . n 
A 1 95  GLU 95  95  95  GLU GLU A . n 
A 1 96  VAL 96  96  96  VAL VAL A . n 
A 1 97  LYS 97  97  97  LYS LYS A . n 
A 1 98  THR 98  98  98  THR THR A . n 
A 1 99  MET 99  99  99  MET MET A . n 
A 1 100 ASN 100 100 100 ASN ASN A . n 
A 1 101 ASP 101 101 101 ASP ASP A . n 
A 1 102 MET 102 102 102 MET MET A . n 
A 1 103 ARG 103 103 103 ARG ARG A . n 
A 1 104 ALA 104 104 104 ALA ALA A . n 
A 1 105 GLY 105 105 105 GLY GLY A . n 
A 1 106 THR 106 106 106 THR THR A . n 
A 1 107 GLN 107 107 107 GLN GLN A . n 
A 1 108 ALA 108 108 108 ALA ALA A . n 
A 1 109 PHE 109 109 109 PHE PHE A . n 
A 1 110 ILE 110 110 110 ILE ILE A . n 
A 1 111 ASP 111 111 111 ASP ASP A . n 
A 1 112 GLU 112 112 112 GLU GLU A . n 
A 1 113 LEU 113 113 113 LEU LEU A . n 
A 1 114 TYR 114 114 114 TYR TYR A . n 
A 1 115 ARG 115 115 115 ARG ARG A . n 
A 1 116 LEU 116 116 116 LEU LEU A . n 
A 1 117 GLY 117 117 117 GLY GLY A . n 
A 1 118 ALA 118 118 118 ALA ALA A . n 
A 1 119 LYS 119 119 119 LYS LYS A . n 
A 1 120 LYS 120 120 120 LYS LYS A . n 
A 1 121 VAL 121 121 121 VAL VAL A . n 
A 1 122 GLY 122 122 122 GLY GLY A . n 
A 1 123 LEU 123 123 123 LEU LEU A . n 
A 1 124 TYR 124 124 124 TYR TYR A . n 
A 1 125 VAL 125 125 125 VAL VAL A . n 
A 1 126 GLY 126 126 126 GLY GLY A . n 
A 1 127 HIS 127 127 127 HIS HIS A . n 
A 1 128 HIS 128 128 128 HIS HIS A . n 
A 1 129 MET 129 129 129 MET MET A . n 
A 1 130 TYR 130 130 130 TYR TYR A . n 
A 1 131 THR 131 131 131 THR THR A . n 
A 1 132 PRO 132 132 132 PRO PRO A . n 
A 1 133 PHE 133 133 133 PHE PHE A . n 
A 1 134 GLY 134 134 134 GLY GLY A . n 
A 1 135 MET 135 135 135 MET MET A . n 
A 1 136 ALA 136 136 136 ALA ALA A . n 
A 1 137 ASN 137 137 137 ASN ASN A . n 
A 1 138 VAL 138 138 138 VAL VAL A . n 
A 1 139 LYS 139 139 139 LYS LYS A . n 
A 1 140 SER 140 140 140 SER SER A . n 
A 1 141 ASP 141 141 141 ASP ASP A . n 
A 1 142 PHE 142 142 142 PHE PHE A . n 
A 1 143 VAL 143 143 143 VAL VAL A . n 
A 1 144 TRP 144 144 144 TRP TRP A . n 
A 1 145 ILE 145 145 145 ILE ILE A . n 
A 1 146 PRO 146 146 146 PRO PRO A . n 
A 1 147 ARG 147 147 147 ARG ARG A . n 
A 1 148 TYR 148 148 148 TYR TYR A . n 
A 1 149 GLY 149 149 149 GLY GLY A . n 
A 1 150 GLY 150 150 150 GLY GLY A . n 
A 1 151 ASN 151 151 151 ASN ASN A . n 
A 1 152 LYS 152 152 152 LYS LYS A . n 
A 1 153 PRO 153 153 153 PRO PRO A . n 
A 1 154 ALA 154 154 154 ALA ALA A . n 
A 1 155 TYR 155 155 155 TYR TYR A . n 
A 1 156 PRO 156 156 156 PRO PRO A . n 
A 1 157 CYS 157 157 157 CYS CYS A . n 
A 1 158 ASP 158 158 158 ASP ASP A . n 
A 1 159 ILE 159 159 159 ILE ILE A . n 
A 1 160 TRP 160 160 160 TRP TRP A . n 
A 1 161 GLN 161 161 161 GLN GLN A . n 
A 1 162 TYR 162 162 162 TYR TYR A . n 
A 1 163 THR 163 163 163 THR THR A . n 
A 1 164 GLU 164 164 164 GLU GLU A . n 
A 1 165 THR 165 165 165 THR THR A . n 
A 1 166 GLY 166 166 166 GLY GLY A . n 
A 1 167 ASN 167 167 167 ASN ASN A . n 
A 1 168 VAL 168 168 168 VAL VAL A . n 
A 1 169 PRO 169 169 169 PRO PRO A . n 
A 1 170 GLY 170 170 170 GLY GLY A . n 
A 1 171 ILE 171 171 171 ILE ILE A . n 
A 1 172 GLY 172 172 172 GLY GLY A . n 
A 1 173 LYS 173 173 173 LYS LYS A . n 
A 1 174 CYS 174 174 174 CYS CYS A . n 
A 1 175 ASP 175 175 175 ASP ASP A . n 
A 1 176 LEU 176 176 176 LEU LEU A . n 
A 1 177 ASN 177 177 177 ASN ASN A . n 
A 1 178 SER 178 178 178 SER SER A . n 
A 1 179 LEU 179 179 179 LEU LEU A . n 
A 1 180 ILE 180 180 180 ILE ILE A . n 
A 1 181 GLY 181 181 181 GLY GLY A . n 
A 1 182 ASN 182 182 182 ASN ASN A . n 
A 1 183 LYS 183 183 183 LYS LYS A . n 
A 1 184 SER 184 184 184 SER SER A . n 
A 1 185 LEU 185 185 185 LEU LEU A . n 
A 1 186 SER 186 186 186 SER SER A . n 
A 1 187 TRP 187 187 187 TRP TRP A . n 
A 1 188 PHE 188 188 188 PHE PHE A . n 
A 1 189 THR 189 189 189 THR THR A . n 
A 1 190 GLU 190 190 190 GLU GLU A . n 
A 1 191 SER 191 191 ?   ?   ?   A . n 
A 1 192 ALA 192 192 ?   ?   ?   A . n 
# 
loop_
_pdbx_nonpoly_scheme.asym_id 
_pdbx_nonpoly_scheme.entity_id 
_pdbx_nonpoly_scheme.mon_id 
_pdbx_nonpoly_scheme.ndb_seq_num 
_pdbx_nonpoly_scheme.pdb_seq_num 
_pdbx_nonpoly_scheme.auth_seq_num 
_pdbx_nonpoly_scheme.pdb_mon_id 
_pdbx_nonpoly_scheme.auth_mon_id 
_pdbx_nonpoly_scheme.pdb_strand_id 
_pdbx_nonpoly_scheme.pdb_ins_code 
B 2 MES 1   400 400 MES MES A . 
C 3 HOH 1   193 1   HOH HOH A . 
C 3 HOH 2   194 2   HOH HOH A . 
C 3 HOH 3   195 195 HOH HOH A . 
C 3 HOH 4   196 196 HOH HOH A . 
C 3 HOH 5   197 3   HOH HOH A . 
C 3 HOH 6   198 198 HOH HOH A . 
C 3 HOH 7   199 4   HOH HOH A . 
C 3 HOH 8   200 200 HOH HOH A . 
C 3 HOH 9   201 5   HOH HOH A . 
C 3 HOH 10  202 202 HOH HOH A . 
C 3 HOH 11  203 6   HOH HOH A . 
C 3 HOH 12  204 204 HOH HOH A . 
C 3 HOH 13  205 7   HOH HOH A . 
C 3 HOH 14  206 206 HOH HOH A . 
C 3 HOH 15  207 207 HOH HOH A . 
C 3 HOH 16  208 8   HOH HOH A . 
C 3 HOH 17  209 209 HOH HOH A . 
C 3 HOH 18  210 210 HOH HOH A . 
C 3 HOH 19  211 9   HOH HOH A . 
C 3 HOH 20  212 10  HOH HOH A . 
C 3 HOH 21  213 11  HOH HOH A . 
C 3 HOH 22  214 12  HOH HOH A . 
C 3 HOH 23  215 13  HOH HOH A . 
C 3 HOH 24  216 216 HOH HOH A . 
C 3 HOH 25  217 217 HOH HOH A . 
C 3 HOH 26  218 14  HOH HOH A . 
C 3 HOH 27  219 219 HOH HOH A . 
C 3 HOH 28  220 220 HOH HOH A . 
C 3 HOH 29  221 221 HOH HOH A . 
C 3 HOH 30  222 222 HOH HOH A . 
C 3 HOH 31  223 223 HOH HOH A . 
C 3 HOH 32  224 224 HOH HOH A . 
C 3 HOH 33  225 15  HOH HOH A . 
C 3 HOH 34  226 226 HOH HOH A . 
C 3 HOH 35  227 227 HOH HOH A . 
C 3 HOH 36  228 16  HOH HOH A . 
C 3 HOH 37  229 229 HOH HOH A . 
C 3 HOH 38  230 17  HOH HOH A . 
C 3 HOH 39  231 18  HOH HOH A . 
C 3 HOH 40  232 232 HOH HOH A . 
C 3 HOH 41  233 19  HOH HOH A . 
C 3 HOH 42  234 21  HOH HOH A . 
C 3 HOH 43  235 235 HOH HOH A . 
C 3 HOH 44  236 22  HOH HOH A . 
C 3 HOH 45  237 23  HOH HOH A . 
C 3 HOH 46  238 238 HOH HOH A . 
C 3 HOH 47  239 24  HOH HOH A . 
C 3 HOH 48  240 25  HOH HOH A . 
C 3 HOH 49  241 26  HOH HOH A . 
C 3 HOH 50  242 27  HOH HOH A . 
C 3 HOH 51  243 28  HOH HOH A . 
C 3 HOH 52  244 244 HOH HOH A . 
C 3 HOH 53  245 245 HOH HOH A . 
C 3 HOH 54  246 29  HOH HOH A . 
C 3 HOH 55  247 30  HOH HOH A . 
C 3 HOH 56  248 248 HOH HOH A . 
C 3 HOH 57  249 249 HOH HOH A . 
C 3 HOH 58  250 31  HOH HOH A . 
C 3 HOH 59  251 251 HOH HOH A . 
C 3 HOH 60  252 252 HOH HOH A . 
C 3 HOH 61  253 32  HOH HOH A . 
C 3 HOH 62  254 254 HOH HOH A . 
C 3 HOH 63  255 255 HOH HOH A . 
C 3 HOH 64  256 33  HOH HOH A . 
C 3 HOH 65  257 34  HOH HOH A . 
C 3 HOH 66  258 35  HOH HOH A . 
C 3 HOH 67  259 36  HOH HOH A . 
C 3 HOH 68  260 38  HOH HOH A . 
C 3 HOH 69  261 261 HOH HOH A . 
C 3 HOH 70  262 39  HOH HOH A . 
C 3 HOH 71  263 40  HOH HOH A . 
C 3 HOH 72  264 41  HOH HOH A . 
C 3 HOH 73  265 265 HOH HOH A . 
C 3 HOH 74  266 42  HOH HOH A . 
C 3 HOH 75  267 43  HOH HOH A . 
C 3 HOH 76  268 268 HOH HOH A . 
C 3 HOH 77  269 44  HOH HOH A . 
C 3 HOH 78  270 45  HOH HOH A . 
C 3 HOH 79  271 271 HOH HOH A . 
C 3 HOH 80  272 46  HOH HOH A . 
C 3 HOH 81  273 273 HOH HOH A . 
C 3 HOH 82  274 47  HOH HOH A . 
C 3 HOH 83  275 275 HOH HOH A . 
C 3 HOH 84  276 48  HOH HOH A . 
C 3 HOH 85  277 277 HOH HOH A . 
C 3 HOH 86  278 49  HOH HOH A . 
C 3 HOH 87  279 50  HOH HOH A . 
C 3 HOH 88  280 280 HOH HOH A . 
C 3 HOH 89  281 281 HOH HOH A . 
C 3 HOH 90  282 282 HOH HOH A . 
C 3 HOH 91  283 51  HOH HOH A . 
C 3 HOH 92  284 284 HOH HOH A . 
C 3 HOH 93  285 52  HOH HOH A . 
C 3 HOH 94  286 53  HOH HOH A . 
C 3 HOH 95  287 54  HOH HOH A . 
C 3 HOH 96  288 55  HOH HOH A . 
C 3 HOH 97  289 56  HOH HOH A . 
C 3 HOH 98  290 57  HOH HOH A . 
C 3 HOH 99  291 58  HOH HOH A . 
C 3 HOH 100 292 292 HOH HOH A . 
C 3 HOH 101 293 59  HOH HOH A . 
C 3 HOH 102 294 60  HOH HOH A . 
C 3 HOH 103 295 61  HOH HOH A . 
C 3 HOH 104 296 62  HOH HOH A . 
C 3 HOH 105 297 297 HOH HOH A . 
C 3 HOH 106 298 63  HOH HOH A . 
C 3 HOH 107 299 64  HOH HOH A . 
C 3 HOH 108 300 65  HOH HOH A . 
C 3 HOH 109 301 66  HOH HOH A . 
C 3 HOH 110 302 67  HOH HOH A . 
C 3 HOH 111 303 68  HOH HOH A . 
C 3 HOH 112 304 304 HOH HOH A . 
C 3 HOH 113 305 69  HOH HOH A . 
C 3 HOH 114 306 70  HOH HOH A . 
C 3 HOH 115 307 71  HOH HOH A . 
C 3 HOH 116 308 72  HOH HOH A . 
C 3 HOH 117 309 73  HOH HOH A . 
C 3 HOH 118 310 74  HOH HOH A . 
C 3 HOH 119 311 311 HOH HOH A . 
C 3 HOH 120 312 75  HOH HOH A . 
C 3 HOH 121 313 313 HOH HOH A . 
C 3 HOH 122 314 76  HOH HOH A . 
C 3 HOH 123 315 77  HOH HOH A . 
C 3 HOH 124 316 78  HOH HOH A . 
C 3 HOH 125 317 79  HOH HOH A . 
C 3 HOH 126 318 80  HOH HOH A . 
C 3 HOH 127 319 81  HOH HOH A . 
C 3 HOH 128 320 82  HOH HOH A . 
C 3 HOH 129 321 83  HOH HOH A . 
C 3 HOH 130 322 84  HOH HOH A . 
C 3 HOH 131 323 85  HOH HOH A . 
C 3 HOH 132 324 86  HOH HOH A . 
C 3 HOH 133 325 87  HOH HOH A . 
C 3 HOH 134 326 88  HOH HOH A . 
C 3 HOH 135 327 89  HOH HOH A . 
C 3 HOH 136 328 90  HOH HOH A . 
C 3 HOH 137 329 91  HOH HOH A . 
C 3 HOH 138 330 330 HOH HOH A . 
C 3 HOH 139 331 92  HOH HOH A . 
C 3 HOH 140 332 93  HOH HOH A . 
C 3 HOH 141 333 94  HOH HOH A . 
C 3 HOH 142 334 95  HOH HOH A . 
C 3 HOH 143 335 96  HOH HOH A . 
C 3 HOH 144 336 97  HOH HOH A . 
C 3 HOH 145 337 98  HOH HOH A . 
C 3 HOH 146 338 99  HOH HOH A . 
C 3 HOH 147 339 100 HOH HOH A . 
C 3 HOH 148 340 101 HOH HOH A . 
C 3 HOH 149 341 102 HOH HOH A . 
C 3 HOH 150 342 103 HOH HOH A . 
C 3 HOH 151 343 105 HOH HOH A . 
C 3 HOH 152 344 106 HOH HOH A . 
C 3 HOH 153 345 107 HOH HOH A . 
C 3 HOH 154 346 346 HOH HOH A . 
C 3 HOH 155 347 108 HOH HOH A . 
C 3 HOH 156 348 109 HOH HOH A . 
C 3 HOH 157 349 349 HOH HOH A . 
C 3 HOH 158 350 350 HOH HOH A . 
C 3 HOH 159 351 351 HOH HOH A . 
C 3 HOH 160 352 352 HOH HOH A . 
C 3 HOH 161 353 353 HOH HOH A . 
C 3 HOH 162 354 354 HOH HOH A . 
C 3 HOH 163 355 355 HOH HOH A . 
C 3 HOH 164 356 356 HOH HOH A . 
C 3 HOH 165 357 357 HOH HOH A . 
C 3 HOH 166 358 358 HOH HOH A . 
C 3 HOH 167 359 359 HOH HOH A . 
C 3 HOH 168 360 360 HOH HOH A . 
C 3 HOH 169 361 361 HOH HOH A . 
C 3 HOH 170 362 362 HOH HOH A . 
C 3 HOH 171 363 110 HOH HOH A . 
C 3 HOH 172 364 111 HOH HOH A . 
C 3 HOH 173 365 112 HOH HOH A . 
C 3 HOH 174 366 113 HOH HOH A . 
C 3 HOH 175 367 117 HOH HOH A . 
C 3 HOH 176 368 118 HOH HOH A . 
C 3 HOH 177 369 119 HOH HOH A . 
C 3 HOH 178 370 120 HOH HOH A . 
C 3 HOH 179 371 121 HOH HOH A . 
C 3 HOH 180 372 122 HOH HOH A . 
C 3 HOH 181 373 123 HOH HOH A . 
C 3 HOH 182 374 124 HOH HOH A . 
C 3 HOH 183 375 125 HOH HOH A . 
C 3 HOH 184 376 126 HOH HOH A . 
C 3 HOH 185 377 127 HOH HOH A . 
C 3 HOH 186 378 128 HOH HOH A . 
C 3 HOH 187 379 129 HOH HOH A . 
C 3 HOH 188 380 130 HOH HOH A . 
C 3 HOH 189 381 131 HOH HOH A . 
C 3 HOH 190 382 132 HOH HOH A . 
C 3 HOH 191 383 133 HOH HOH A . 
C 3 HOH 192 384 134 HOH HOH A . 
C 3 HOH 193 385 135 HOH HOH A . 
C 3 HOH 194 386 137 HOH HOH A . 
C 3 HOH 195 387 138 HOH HOH A . 
C 3 HOH 196 388 139 HOH HOH A . 
C 3 HOH 197 389 141 HOH HOH A . 
C 3 HOH 198 390 142 HOH HOH A . 
C 3 HOH 199 391 144 HOH HOH A . 
C 3 HOH 200 392 145 HOH HOH A . 
C 3 HOH 201 393 146 HOH HOH A . 
C 3 HOH 202 394 147 HOH HOH A . 
C 3 HOH 203 395 148 HOH HOH A . 
C 3 HOH 204 396 150 HOH HOH A . 
C 3 HOH 205 397 151 HOH HOH A . 
C 3 HOH 206 398 153 HOH HOH A . 
C 3 HOH 207 399 155 HOH HOH A . 
C 3 HOH 208 401 156 HOH HOH A . 
C 3 HOH 209 402 157 HOH HOH A . 
C 3 HOH 210 403 158 HOH HOH A . 
C 3 HOH 211 404 159 HOH HOH A . 
C 3 HOH 212 405 160 HOH HOH A . 
C 3 HOH 213 406 163 HOH HOH A . 
C 3 HOH 214 407 164 HOH HOH A . 
C 3 HOH 215 408 166 HOH HOH A . 
C 3 HOH 216 409 167 HOH HOH A . 
C 3 HOH 217 410 168 HOH HOH A . 
C 3 HOH 218 411 169 HOH HOH A . 
C 3 HOH 219 412 170 HOH HOH A . 
C 3 HOH 220 413 171 HOH HOH A . 
C 3 HOH 221 414 174 HOH HOH A . 
C 3 HOH 222 415 176 HOH HOH A . 
C 3 HOH 223 416 177 HOH HOH A . 
C 3 HOH 224 417 178 HOH HOH A . 
C 3 HOH 225 418 179 HOH HOH A . 
C 3 HOH 226 419 180 HOH HOH A . 
C 3 HOH 227 420 182 HOH HOH A . 
C 3 HOH 228 421 184 HOH HOH A . 
C 3 HOH 229 422 187 HOH HOH A . 
C 3 HOH 230 423 189 HOH HOH A . 
C 3 HOH 231 424 190 HOH HOH A . 
# 
loop_
_software.name 
_software.classification 
_software.version 
_software.citation_id 
_software.pdbx_ordinal 
CrystalClear 'data collection' .   ? 1 
SOLVE        phasing           .   ? 2 
CNS          refinement        1.1 ? 3 
HKL-2000     'data reduction'  .   ? 4 
HKL-2000     'data scaling'    .   ? 5 
# 
_cell.entry_id           3HMC 
_cell.length_a           48.682 
_cell.length_b           56.454 
_cell.length_c           67.361 
_cell.angle_alpha        90.00 
_cell.angle_beta         90.00 
_cell.angle_gamma        90.00 
_cell.Z_PDB              4 
_cell.pdbx_unique_axis   ? 
_cell.length_a_esd       ? 
_cell.length_b_esd       ? 
_cell.length_c_esd       ? 
_cell.angle_alpha_esd    ? 
_cell.angle_beta_esd     ? 
_cell.angle_gamma_esd    ? 
# 
_symmetry.entry_id                         3HMC 
_symmetry.space_group_name_H-M             'P 21 21 21' 
_symmetry.pdbx_full_space_group_name_H-M   ? 
_symmetry.cell_setting                     ? 
_symmetry.Int_Tables_number                19 
_symmetry.space_group_name_Hall            ? 
# 
_exptl.entry_id          3HMC 
_exptl.method            'X-RAY DIFFRACTION' 
_exptl.crystals_number   1 
# 
_exptl_crystal.id                    1 
_exptl_crystal.density_meas          ? 
_exptl_crystal.density_Matthews      2.14 
_exptl_crystal.density_percent_sol   42.50 
_exptl_crystal.description           ? 
_exptl_crystal.F_000                 ? 
_exptl_crystal.preparation           ? 
# 
_diffrn.id                     1 
_diffrn.ambient_temp           100 
_diffrn.ambient_temp_details   ? 
_diffrn.crystal_id             1 
# 
_diffrn_detector.diffrn_id              1 
_diffrn_detector.detector               'IMAGE PLATE' 
_diffrn_detector.type                   'RIGAKU RAXIS IV' 
_diffrn_detector.pdbx_collection_date   2005-02-26 
_diffrn_detector.details                ? 
# 
_diffrn_radiation.diffrn_id                        1 
_diffrn_radiation.wavelength_id                    1 
_diffrn_radiation.pdbx_monochromatic_or_laue_m_l   M 
_diffrn_radiation.monochromator                    ? 
_diffrn_radiation.pdbx_diffrn_protocol             'SINGLE WAVELENGTH' 
_diffrn_radiation.pdbx_scattering_type             x-ray 
# 
_diffrn_radiation_wavelength.id           1 
_diffrn_radiation_wavelength.wavelength   1.54 
_diffrn_radiation_wavelength.wt           1.0 
# 
_diffrn_source.diffrn_id                   1 
_diffrn_source.source                      'ROTATING ANODE' 
_diffrn_source.type                        'RIGAKU FR-E SUPERBRIGHT' 
_diffrn_source.pdbx_synchrotron_site       ? 
_diffrn_source.pdbx_synchrotron_beamline   ? 
_diffrn_source.pdbx_wavelength             ? 
_diffrn_source.pdbx_wavelength_list        1.54 
# 
_reflns.entry_id                     3HMC 
_reflns.observed_criterion_sigma_I   ? 
_reflns.observed_criterion_sigma_F   ? 
_reflns.d_resolution_low             50 
_reflns.d_resolution_high            1.44 
_reflns.number_obs                   35073 
_reflns.number_all                   ? 
_reflns.percent_possible_obs         95.2 
_reflns.pdbx_Rmerge_I_obs            .045 
_reflns.pdbx_Rsym_value              ? 
_reflns.pdbx_netI_over_sigmaI        31.4 
_reflns.B_iso_Wilson_estimate        ? 
_reflns.pdbx_redundancy              3.5 
_reflns.R_free_details               ? 
_reflns.limit_h_max                  ? 
_reflns.limit_h_min                  ? 
_reflns.limit_k_max                  ? 
_reflns.limit_k_min                  ? 
_reflns.limit_l_max                  ? 
_reflns.limit_l_min                  ? 
_reflns.observed_criterion_F_max     ? 
_reflns.observed_criterion_F_min     ? 
_reflns.pdbx_chi_squared             ? 
_reflns.pdbx_scaling_rejects         ? 
_reflns.pdbx_ordinal                 1 
_reflns.pdbx_diffrn_id               1 
# 
_reflns_shell.d_res_high             1.44 
_reflns_shell.d_res_low              1.46 
_reflns_shell.percent_possible_all   99.1 
_reflns_shell.Rmerge_I_obs           ? 
_reflns_shell.pdbx_Rsym_value        ? 
_reflns_shell.meanI_over_sigI_obs    ? 
_reflns_shell.pdbx_redundancy        ? 
_reflns_shell.percent_possible_obs   ? 
_reflns_shell.number_unique_all      ? 
_reflns_shell.number_measured_all    ? 
_reflns_shell.number_measured_obs    ? 
_reflns_shell.number_unique_obs      ? 
_reflns_shell.pdbx_chi_squared       ? 
_reflns_shell.pdbx_ordinal           1 
_reflns_shell.pdbx_diffrn_id         1 
# 
_refine.entry_id                                 3HMC 
_refine.ls_number_reflns_obs                     32736 
_refine.ls_number_reflns_all                     37265 
_refine.pdbx_ls_sigma_I                          ? 
_refine.pdbx_ls_sigma_F                          ? 
_refine.pdbx_data_cutoff_high_absF               ? 
_refine.pdbx_data_cutoff_low_absF                ? 
_refine.pdbx_data_cutoff_high_rms_absF           ? 
_refine.ls_d_res_low                             30 
_refine.ls_d_res_high                            1.44 
_refine.ls_percent_reflns_obs                    94.1 
_refine.ls_R_factor_obs                          ? 
_refine.ls_R_factor_all                          ? 
_refine.ls_R_factor_R_work                       .2071 
_refine.ls_R_factor_R_free                       .2279 
_refine.ls_R_factor_R_free_error                 ? 
_refine.ls_R_factor_R_free_error_details         ? 
_refine.ls_percent_reflns_R_free                 ? 
_refine.ls_number_reflns_R_free                  1732 
_refine.ls_number_parameters                     ? 
_refine.ls_number_restraints                     ? 
_refine.occupancy_min                            ? 
_refine.occupancy_max                            ? 
_refine.correlation_coeff_Fo_to_Fc               ? 
_refine.correlation_coeff_Fo_to_Fc_free          ? 
_refine.B_iso_mean                               ? 
_refine.aniso_B[1][1]                            ? 
_refine.aniso_B[2][2]                            ? 
_refine.aniso_B[3][3]                            ? 
_refine.aniso_B[1][2]                            ? 
_refine.aniso_B[1][3]                            ? 
_refine.aniso_B[2][3]                            ? 
_refine.solvent_model_details                    ? 
_refine.solvent_model_param_ksol                 ? 
_refine.solvent_model_param_bsol                 ? 
_refine.pdbx_solvent_vdw_probe_radii             ? 
_refine.pdbx_solvent_ion_probe_radii             ? 
_refine.pdbx_solvent_shrinkage_radii             ? 
_refine.pdbx_ls_cross_valid_method               ? 
_refine.details                                  ? 
_refine.pdbx_starting_model                      ? 
_refine.pdbx_method_to_determine_struct          SIRAS 
_refine.pdbx_isotropic_thermal_model             anisotropic 
_refine.pdbx_stereochemistry_target_values       ? 
_refine.pdbx_stereochem_target_val_spec_case     ? 
_refine.pdbx_R_Free_selection_details            ? 
_refine.pdbx_overall_ESU_R_Free                  ? 
_refine.overall_SU_ML                            ? 
_refine.overall_SU_B                             ? 
_refine.ls_redundancy_reflns_obs                 ? 
_refine.B_iso_min                                ? 
_refine.B_iso_max                                ? 
_refine.overall_SU_R_Cruickshank_DPI             ? 
_refine.overall_SU_R_free                        ? 
_refine.ls_wR_factor_R_free                      ? 
_refine.ls_wR_factor_R_work                      ? 
_refine.overall_FOM_free_R_set                   ? 
_refine.overall_FOM_work_R_set                   ? 
_refine.pdbx_overall_phase_error                 ? 
_refine.pdbx_refine_id                           'X-RAY DIFFRACTION' 
_refine.pdbx_diffrn_id                           1 
_refine.pdbx_overall_ESU_R                       ? 
_refine.pdbx_TLS_residual_ADP_flag               ? 
_refine.pdbx_overall_SU_R_free_Cruickshank_DPI   ? 
_refine.pdbx_overall_SU_R_Blow_DPI               ? 
_refine.pdbx_overall_SU_R_free_Blow_DPI          ? 
# 
_refine_hist.pdbx_refine_id                   'X-RAY DIFFRACTION' 
_refine_hist.cycle_id                         LAST 
_refine_hist.pdbx_number_atoms_protein        1510 
_refine_hist.pdbx_number_atoms_nucleic_acid   0 
_refine_hist.pdbx_number_atoms_ligand         12 
_refine_hist.number_atoms_solvent             231 
_refine_hist.number_atoms_total               1753 
_refine_hist.d_res_high                       1.44 
_refine_hist.d_res_low                        30 
# 
_struct.entry_id                  3HMC 
_struct.title                     'Endolysin from Bacillus anthracis' 
_struct.pdbx_model_details        ? 
_struct.pdbx_CASP_flag            ? 
_struct.pdbx_model_type_details   ? 
# 
_struct_keywords.entry_id        3HMC 
_struct_keywords.pdbx_keywords   HYDROLASE 
_struct_keywords.text            'endolysin, glycosyl hydrolase, Hydrolase' 
# 
loop_
_struct_asym.id 
_struct_asym.pdbx_blank_PDB_chainid_flag 
_struct_asym.pdbx_modified 
_struct_asym.entity_id 
_struct_asym.details 
A N N 1 ? 
B N N 2 ? 
C N N 3 ? 
# 
_struct_ref.id                         1 
_struct_ref.db_name                    UNP 
_struct_ref.db_code                    Q81YZ2_BACAN 
_struct_ref.pdbx_db_accession          Q81YZ2 
_struct_ref.entity_id                  1 
_struct_ref.pdbx_seq_one_letter_code   
;MGHIIDISKWNGDINWSIAKQHIDFIIARVQDGSNYVDPLYKGYVQAMKQHGIPFGNYAFCRFVSIADAKKEAQDFWNRG
DKSATVWVADVEVKTMNDMRAGTQAFIDELYRLGAKKVGLYVGHHMYTPFGMANVKSDFVWIPRYGGNKPAYPCDIWQYT
ETGNVPGIGKCDLNSLIGNKSLSWFTESA
;
_struct_ref.pdbx_align_begin           1 
_struct_ref.pdbx_db_isoform            ? 
# 
_struct_ref_seq.align_id                      1 
_struct_ref_seq.ref_id                        1 
_struct_ref_seq.pdbx_PDB_id_code              3HMC 
_struct_ref_seq.pdbx_strand_id                A 
_struct_ref_seq.seq_align_beg                 4 
_struct_ref_seq.pdbx_seq_align_beg_ins_code   ? 
_struct_ref_seq.seq_align_end                 192 
_struct_ref_seq.pdbx_seq_align_end_ins_code   ? 
_struct_ref_seq.pdbx_db_accession             Q81YZ2 
_struct_ref_seq.db_align_beg                  1 
_struct_ref_seq.pdbx_db_align_beg_ins_code    ? 
_struct_ref_seq.db_align_end                  189 
_struct_ref_seq.pdbx_db_align_end_ins_code    ? 
_struct_ref_seq.pdbx_auth_seq_align_beg       4 
_struct_ref_seq.pdbx_auth_seq_align_end       192 
# 
loop_
_struct_ref_seq_dif.align_id 
_struct_ref_seq_dif.pdbx_pdb_id_code 
_struct_ref_seq_dif.mon_id 
_struct_ref_seq_dif.pdbx_pdb_strand_id 
_struct_ref_seq_dif.seq_num 
_struct_ref_seq_dif.pdbx_pdb_ins_code 
_struct_ref_seq_dif.pdbx_seq_db_name 
_struct_ref_seq_dif.pdbx_seq_db_accession_code 
_struct_ref_seq_dif.db_mon_id 
_struct_ref_seq_dif.pdbx_seq_db_seq_num 
_struct_ref_seq_dif.details 
_struct_ref_seq_dif.pdbx_auth_seq_num 
_struct_ref_seq_dif.pdbx_ordinal 
1 3HMC GLY A 1 ? UNP Q81YZ2 ? ? 'expression tag' 1 1 
1 3HMC SER A 2 ? UNP Q81YZ2 ? ? 'expression tag' 2 2 
1 3HMC HIS A 3 ? UNP Q81YZ2 ? ? 'expression tag' 3 3 
# 
_pdbx_struct_assembly.id                   1 
_pdbx_struct_assembly.details              author_and_software_defined_assembly 
_pdbx_struct_assembly.method_details       PISA 
_pdbx_struct_assembly.oligomeric_details   monomeric 
_pdbx_struct_assembly.oligomeric_count     1 
# 
_pdbx_struct_assembly_gen.assembly_id       1 
_pdbx_struct_assembly_gen.oper_expression   1 
_pdbx_struct_assembly_gen.asym_id_list      A,B,C 
# 
_pdbx_struct_oper_list.id                   1 
_pdbx_struct_oper_list.type                 'identity operation' 
_pdbx_struct_oper_list.name                 1_555 
_pdbx_struct_oper_list.symmetry_operation   x,y,z 
_pdbx_struct_oper_list.matrix[1][1]         1.0000000000 
_pdbx_struct_oper_list.matrix[1][2]         0.0000000000 
_pdbx_struct_oper_list.matrix[1][3]         0.0000000000 
_pdbx_struct_oper_list.vector[1]            0.0000000000 
_pdbx_struct_oper_list.matrix[2][1]         0.0000000000 
_pdbx_struct_oper_list.matrix[2][2]         1.0000000000 
_pdbx_struct_oper_list.matrix[2][3]         0.0000000000 
_pdbx_struct_oper_list.vector[2]            0.0000000000 
_pdbx_struct_oper_list.matrix[3][1]         0.0000000000 
_pdbx_struct_oper_list.matrix[3][2]         0.0000000000 
_pdbx_struct_oper_list.matrix[3][3]         1.0000000000 
_pdbx_struct_oper_list.vector[3]            0.0000000000 
# 
_struct_biol.id        1 
_struct_biol.details   ? 
# 
loop_
_struct_conf.conf_type_id 
_struct_conf.id 
_struct_conf.pdbx_PDB_helix_id 
_struct_conf.beg_label_comp_id 
_struct_conf.beg_label_asym_id 
_struct_conf.beg_label_seq_id 
_struct_conf.pdbx_beg_PDB_ins_code 
_struct_conf.end_label_comp_id 
_struct_conf.end_label_asym_id 
_struct_conf.end_label_seq_id 
_struct_conf.pdbx_end_PDB_ins_code 
_struct_conf.beg_auth_comp_id 
_struct_conf.beg_auth_asym_id 
_struct_conf.beg_auth_seq_id 
_struct_conf.end_auth_comp_id 
_struct_conf.end_auth_asym_id 
_struct_conf.end_auth_seq_id 
_struct_conf.pdbx_PDB_helix_class 
_struct_conf.details 
_struct_conf.pdbx_PDB_helix_length 
HELX_P HELX_P1 1 SER A 11  ? GLY A 15  ? SER A 11  GLY A 15  5 ? 5  
HELX_P HELX_P2 2 ASN A 18  ? LYS A 23  ? ASN A 18  LYS A 23  1 ? 6  
HELX_P HELX_P3 3 LEU A 43  ? HIS A 54  ? LEU A 43  HIS A 54  1 ? 12 
HELX_P HELX_P4 4 SER A 68  ? GLY A 83  ? SER A 68  GLY A 83  1 ? 16 
HELX_P HELX_P5 5 ASP A 101 ? GLY A 117 ? ASP A 101 GLY A 117 1 ? 17 
HELX_P HELX_P6 6 MET A 129 ? GLY A 134 ? MET A 129 GLY A 134 1 ? 6  
HELX_P HELX_P7 7 MET A 135 ? VAL A 138 ? MET A 135 VAL A 138 5 ? 4  
HELX_P HELX_P8 8 SER A 184 ? GLU A 190 ? SER A 184 GLU A 190 1 ? 7  
# 
_struct_conf_type.id          HELX_P 
_struct_conf_type.criteria    ? 
_struct_conf_type.reference   ? 
# 
_struct_sheet.id               A 
_struct_sheet.type             ? 
_struct_sheet.number_strands   9 
_struct_sheet.details          ? 
# 
loop_
_struct_sheet_order.sheet_id 
_struct_sheet_order.range_id_1 
_struct_sheet_order.range_id_2 
_struct_sheet_order.offset 
_struct_sheet_order.sense 
A 1 2 ? parallel      
A 2 3 ? parallel      
A 3 4 ? parallel      
A 4 5 ? parallel      
A 5 6 ? parallel      
A 6 7 ? parallel      
A 7 8 ? anti-parallel 
A 8 9 ? anti-parallel 
# 
loop_
_struct_sheet_range.sheet_id 
_struct_sheet_range.id 
_struct_sheet_range.beg_label_comp_id 
_struct_sheet_range.beg_label_asym_id 
_struct_sheet_range.beg_label_seq_id 
_struct_sheet_range.pdbx_beg_PDB_ins_code 
_struct_sheet_range.end_label_comp_id 
_struct_sheet_range.end_label_asym_id 
_struct_sheet_range.end_label_seq_id 
_struct_sheet_range.pdbx_end_PDB_ins_code 
_struct_sheet_range.beg_auth_comp_id 
_struct_sheet_range.beg_auth_asym_id 
_struct_sheet_range.beg_auth_seq_id 
_struct_sheet_range.end_auth_comp_id 
_struct_sheet_range.end_auth_asym_id 
_struct_sheet_range.end_auth_seq_id 
A 1 HIS A 6   ? ILE A 10  ? HIS A 6   ILE A 10  
A 2 ILE A 26  ? ASP A 35  ? ILE A 26  ASP A 35  
A 3 PHE A 58  ? PHE A 63  ? PHE A 58  PHE A 63  
A 4 TRP A 90  ? VAL A 94  ? TRP A 90  VAL A 94  
A 5 VAL A 121 ? VAL A 125 ? VAL A 121 VAL A 125 
A 6 PHE A 142 ? PRO A 146 ? PHE A 142 PRO A 146 
A 7 ILE A 159 ? VAL A 168 ? ILE A 159 VAL A 168 
A 8 GLY A 172 ? LEU A 179 ? GLY A 172 LEU A 179 
A 9 HIS A 6   ? ILE A 10  ? HIS A 6   ILE A 10  
# 
loop_
_pdbx_struct_sheet_hbond.sheet_id 
_pdbx_struct_sheet_hbond.range_id_1 
_pdbx_struct_sheet_hbond.range_id_2 
_pdbx_struct_sheet_hbond.range_1_label_atom_id 
_pdbx_struct_sheet_hbond.range_1_label_comp_id 
_pdbx_struct_sheet_hbond.range_1_label_asym_id 
_pdbx_struct_sheet_hbond.range_1_label_seq_id 
_pdbx_struct_sheet_hbond.range_1_PDB_ins_code 
_pdbx_struct_sheet_hbond.range_1_auth_atom_id 
_pdbx_struct_sheet_hbond.range_1_auth_comp_id 
_pdbx_struct_sheet_hbond.range_1_auth_asym_id 
_pdbx_struct_sheet_hbond.range_1_auth_seq_id 
_pdbx_struct_sheet_hbond.range_2_label_atom_id 
_pdbx_struct_sheet_hbond.range_2_label_comp_id 
_pdbx_struct_sheet_hbond.range_2_label_asym_id 
_pdbx_struct_sheet_hbond.range_2_label_seq_id 
_pdbx_struct_sheet_hbond.range_2_PDB_ins_code 
_pdbx_struct_sheet_hbond.range_2_auth_atom_id 
_pdbx_struct_sheet_hbond.range_2_auth_comp_id 
_pdbx_struct_sheet_hbond.range_2_auth_asym_id 
_pdbx_struct_sheet_hbond.range_2_auth_seq_id 
A 1 2 N HIS A 6   ? N HIS A 6   O ASP A 27  ? O ASP A 27  
A 2 3 N VAL A 33  ? N VAL A 33  O TYR A 61  ? O TYR A 61  
A 3 4 N ALA A 62  ? N ALA A 62  O ASP A 93  ? O ASP A 93  
A 4 5 N ALA A 92  ? N ALA A 92  O TYR A 124 ? O TYR A 124 
A 5 6 N LEU A 123 ? N LEU A 123 O TRP A 144 ? O TRP A 144 
A 6 7 N ILE A 145 ? N ILE A 145 O ILE A 159 ? O ILE A 159 
A 7 8 N TRP A 160 ? N TRP A 160 O SER A 178 ? O SER A 178 
A 8 9 O ASN A 177 ? O ASN A 177 N ILE A 7   ? N ILE A 7   
# 
_struct_site.id                   AC1 
_struct_site.pdbx_evidence_code   Software 
_struct_site.pdbx_auth_asym_id    A 
_struct_site.pdbx_auth_comp_id    MES 
_struct_site.pdbx_auth_seq_id     400 
_struct_site.pdbx_auth_ins_code   ? 
_struct_site.pdbx_num_residues    11 
_struct_site.details              'BINDING SITE FOR RESIDUE MES A 400' 
# 
loop_
_struct_site_gen.id 
_struct_site_gen.site_id 
_struct_site_gen.pdbx_num_res 
_struct_site_gen.label_comp_id 
_struct_site_gen.label_asym_id 
_struct_site_gen.label_seq_id 
_struct_site_gen.pdbx_auth_ins_code 
_struct_site_gen.auth_comp_id 
_struct_site_gen.auth_asym_id 
_struct_site_gen.auth_seq_id 
_struct_site_gen.label_atom_id 
_struct_site_gen.label_alt_id 
_struct_site_gen.symmetry 
_struct_site_gen.details 
1  AC1 11 ARG A 32  ? ARG A 32  . ? 1_555 ? 
2  AC1 11 TYR A 61  ? TYR A 61  . ? 1_555 ? 
3  AC1 11 PHE A 63  ? PHE A 63  . ? 1_555 ? 
4  AC1 11 ASP A 93  ? ASP A 93  . ? 1_555 ? 
5  AC1 11 GLU A 95  ? GLU A 95  . ? 1_555 ? 
6  AC1 11 TYR A 124 ? TYR A 124 . ? 1_555 ? 
7  AC1 11 GLN A 161 ? GLN A 161 . ? 1_555 ? 
8  AC1 11 ASP A 175 ? ASP A 175 . ? 1_555 ? 
9  AC1 11 HOH C .   ? HOH A 245 . ? 1_555 ? 
10 AC1 11 HOH C .   ? HOH A 319 . ? 1_555 ? 
11 AC1 11 HOH C .   ? HOH A 337 . ? 1_555 ? 
# 
loop_
_pdbx_validate_torsion.id 
_pdbx_validate_torsion.PDB_model_num 
_pdbx_validate_torsion.auth_comp_id 
_pdbx_validate_torsion.auth_asym_id 
_pdbx_validate_torsion.auth_seq_id 
_pdbx_validate_torsion.PDB_ins_code 
_pdbx_validate_torsion.label_alt_id 
_pdbx_validate_torsion.phi 
_pdbx_validate_torsion.psi 
1 1 ARG A 65  ? ? -140.20 25.98  
2 1 ASP A 101 ? ? -102.75 79.22  
3 1 ARG A 147 ? ? -174.95 110.89 
# 
loop_
_pdbx_unobs_or_zero_occ_residues.id 
_pdbx_unobs_or_zero_occ_residues.PDB_model_num 
_pdbx_unobs_or_zero_occ_residues.polymer_flag 
_pdbx_unobs_or_zero_occ_residues.occupancy_flag 
_pdbx_unobs_or_zero_occ_residues.auth_asym_id 
_pdbx_unobs_or_zero_occ_residues.auth_comp_id 
_pdbx_unobs_or_zero_occ_residues.auth_seq_id 
_pdbx_unobs_or_zero_occ_residues.PDB_ins_code 
_pdbx_unobs_or_zero_occ_residues.label_asym_id 
_pdbx_unobs_or_zero_occ_residues.label_comp_id 
_pdbx_unobs_or_zero_occ_residues.label_seq_id 
1 1 Y 1 A GLY 1   ? A GLY 1   
2 1 Y 1 A SER 191 ? A SER 191 
3 1 Y 1 A ALA 192 ? A ALA 192 
# 
loop_
_chem_comp_atom.comp_id 
_chem_comp_atom.atom_id 
_chem_comp_atom.type_symbol 
_chem_comp_atom.pdbx_aromatic_flag 
_chem_comp_atom.pdbx_stereo_config 
_chem_comp_atom.pdbx_ordinal 
ALA N    N N N 1   
ALA CA   C N S 2   
ALA C    C N N 3   
ALA O    O N N 4   
ALA CB   C N N 5   
ALA OXT  O N N 6   
ALA H    H N N 7   
ALA H2   H N N 8   
ALA HA   H N N 9   
ALA HB1  H N N 10  
ALA HB2  H N N 11  
ALA HB3  H N N 12  
ALA HXT  H N N 13  
ARG N    N N N 14  
ARG CA   C N S 15  
ARG C    C N N 16  
ARG O    O N N 17  
ARG CB   C N N 18  
ARG CG   C N N 19  
ARG CD   C N N 20  
ARG NE   N N N 21  
ARG CZ   C N N 22  
ARG NH1  N N N 23  
ARG NH2  N N N 24  
ARG OXT  O N N 25  
ARG H    H N N 26  
ARG H2   H N N 27  
ARG HA   H N N 28  
ARG HB2  H N N 29  
ARG HB3  H N N 30  
ARG HG2  H N N 31  
ARG HG3  H N N 32  
ARG HD2  H N N 33  
ARG HD3  H N N 34  
ARG HE   H N N 35  
ARG HH11 H N N 36  
ARG HH12 H N N 37  
ARG HH21 H N N 38  
ARG HH22 H N N 39  
ARG HXT  H N N 40  
ASN N    N N N 41  
ASN CA   C N S 42  
ASN C    C N N 43  
ASN O    O N N 44  
ASN CB   C N N 45  
ASN CG   C N N 46  
ASN OD1  O N N 47  
ASN ND2  N N N 48  
ASN OXT  O N N 49  
ASN H    H N N 50  
ASN H2   H N N 51  
ASN HA   H N N 52  
ASN HB2  H N N 53  
ASN HB3  H N N 54  
ASN HD21 H N N 55  
ASN HD22 H N N 56  
ASN HXT  H N N 57  
ASP N    N N N 58  
ASP CA   C N S 59  
ASP C    C N N 60  
ASP O    O N N 61  
ASP CB   C N N 62  
ASP CG   C N N 63  
ASP OD1  O N N 64  
ASP OD2  O N N 65  
ASP OXT  O N N 66  
ASP H    H N N 67  
ASP H2   H N N 68  
ASP HA   H N N 69  
ASP HB2  H N N 70  
ASP HB3  H N N 71  
ASP HD2  H N N 72  
ASP HXT  H N N 73  
CYS N    N N N 74  
CYS CA   C N R 75  
CYS C    C N N 76  
CYS O    O N N 77  
CYS CB   C N N 78  
CYS SG   S N N 79  
CYS OXT  O N N 80  
CYS H    H N N 81  
CYS H2   H N N 82  
CYS HA   H N N 83  
CYS HB2  H N N 84  
CYS HB3  H N N 85  
CYS HG   H N N 86  
CYS HXT  H N N 87  
GLN N    N N N 88  
GLN CA   C N S 89  
GLN C    C N N 90  
GLN O    O N N 91  
GLN CB   C N N 92  
GLN CG   C N N 93  
GLN CD   C N N 94  
GLN OE1  O N N 95  
GLN NE2  N N N 96  
GLN OXT  O N N 97  
GLN H    H N N 98  
GLN H2   H N N 99  
GLN HA   H N N 100 
GLN HB2  H N N 101 
GLN HB3  H N N 102 
GLN HG2  H N N 103 
GLN HG3  H N N 104 
GLN HE21 H N N 105 
GLN HE22 H N N 106 
GLN HXT  H N N 107 
GLU N    N N N 108 
GLU CA   C N S 109 
GLU C    C N N 110 
GLU O    O N N 111 
GLU CB   C N N 112 
GLU CG   C N N 113 
GLU CD   C N N 114 
GLU OE1  O N N 115 
GLU OE2  O N N 116 
GLU OXT  O N N 117 
GLU H    H N N 118 
GLU H2   H N N 119 
GLU HA   H N N 120 
GLU HB2  H N N 121 
GLU HB3  H N N 122 
GLU HG2  H N N 123 
GLU HG3  H N N 124 
GLU HE2  H N N 125 
GLU HXT  H N N 126 
GLY N    N N N 127 
GLY CA   C N N 128 
GLY C    C N N 129 
GLY O    O N N 130 
GLY OXT  O N N 131 
GLY H    H N N 132 
GLY H2   H N N 133 
GLY HA2  H N N 134 
GLY HA3  H N N 135 
GLY HXT  H N N 136 
HIS N    N N N 137 
HIS CA   C N S 138 
HIS C    C N N 139 
HIS O    O N N 140 
HIS CB   C N N 141 
HIS CG   C Y N 142 
HIS ND1  N Y N 143 
HIS CD2  C Y N 144 
HIS CE1  C Y N 145 
HIS NE2  N Y N 146 
HIS OXT  O N N 147 
HIS H    H N N 148 
HIS H2   H N N 149 
HIS HA   H N N 150 
HIS HB2  H N N 151 
HIS HB3  H N N 152 
HIS HD1  H N N 153 
HIS HD2  H N N 154 
HIS HE1  H N N 155 
HIS HE2  H N N 156 
HIS HXT  H N N 157 
HOH O    O N N 158 
HOH H1   H N N 159 
HOH H2   H N N 160 
ILE N    N N N 161 
ILE CA   C N S 162 
ILE C    C N N 163 
ILE O    O N N 164 
ILE CB   C N S 165 
ILE CG1  C N N 166 
ILE CG2  C N N 167 
ILE CD1  C N N 168 
ILE OXT  O N N 169 
ILE H    H N N 170 
ILE H2   H N N 171 
ILE HA   H N N 172 
ILE HB   H N N 173 
ILE HG12 H N N 174 
ILE HG13 H N N 175 
ILE HG21 H N N 176 
ILE HG22 H N N 177 
ILE HG23 H N N 178 
ILE HD11 H N N 179 
ILE HD12 H N N 180 
ILE HD13 H N N 181 
ILE HXT  H N N 182 
LEU N    N N N 183 
LEU CA   C N S 184 
LEU C    C N N 185 
LEU O    O N N 186 
LEU CB   C N N 187 
LEU CG   C N N 188 
LEU CD1  C N N 189 
LEU CD2  C N N 190 
LEU OXT  O N N 191 
LEU H    H N N 192 
LEU H2   H N N 193 
LEU HA   H N N 194 
LEU HB2  H N N 195 
LEU HB3  H N N 196 
LEU HG   H N N 197 
LEU HD11 H N N 198 
LEU HD12 H N N 199 
LEU HD13 H N N 200 
LEU HD21 H N N 201 
LEU HD22 H N N 202 
LEU HD23 H N N 203 
LEU HXT  H N N 204 
LYS N    N N N 205 
LYS CA   C N S 206 
LYS C    C N N 207 
LYS O    O N N 208 
LYS CB   C N N 209 
LYS CG   C N N 210 
LYS CD   C N N 211 
LYS CE   C N N 212 
LYS NZ   N N N 213 
LYS OXT  O N N 214 
LYS H    H N N 215 
LYS H2   H N N 216 
LYS HA   H N N 217 
LYS HB2  H N N 218 
LYS HB3  H N N 219 
LYS HG2  H N N 220 
LYS HG3  H N N 221 
LYS HD2  H N N 222 
LYS HD3  H N N 223 
LYS HE2  H N N 224 
LYS HE3  H N N 225 
LYS HZ1  H N N 226 
LYS HZ2  H N N 227 
LYS HZ3  H N N 228 
LYS HXT  H N N 229 
MES O1   O N N 230 
MES C2   C N N 231 
MES C3   C N N 232 
MES N4   N N N 233 
MES C5   C N N 234 
MES C6   C N N 235 
MES C7   C N N 236 
MES C8   C N N 237 
MES S    S N N 238 
MES O1S  O N N 239 
MES O2S  O N N 240 
MES O3S  O N N 241 
MES H21  H N N 242 
MES H22  H N N 243 
MES H31  H N N 244 
MES H32  H N N 245 
MES HN4  H N N 246 
MES H51  H N N 247 
MES H52  H N N 248 
MES H61  H N N 249 
MES H62  H N N 250 
MES H71  H N N 251 
MES H72  H N N 252 
MES H81  H N N 253 
MES H82  H N N 254 
MET N    N N N 255 
MET CA   C N S 256 
MET C    C N N 257 
MET O    O N N 258 
MET CB   C N N 259 
MET CG   C N N 260 
MET SD   S N N 261 
MET CE   C N N 262 
MET OXT  O N N 263 
MET H    H N N 264 
MET H2   H N N 265 
MET HA   H N N 266 
MET HB2  H N N 267 
MET HB3  H N N 268 
MET HG2  H N N 269 
MET HG3  H N N 270 
MET HE1  H N N 271 
MET HE2  H N N 272 
MET HE3  H N N 273 
MET HXT  H N N 274 
PHE N    N N N 275 
PHE CA   C N S 276 
PHE C    C N N 277 
PHE O    O N N 278 
PHE CB   C N N 279 
PHE CG   C Y N 280 
PHE CD1  C Y N 281 
PHE CD2  C Y N 282 
PHE CE1  C Y N 283 
PHE CE2  C Y N 284 
PHE CZ   C Y N 285 
PHE OXT  O N N 286 
PHE H    H N N 287 
PHE H2   H N N 288 
PHE HA   H N N 289 
PHE HB2  H N N 290 
PHE HB3  H N N 291 
PHE HD1  H N N 292 
PHE HD2  H N N 293 
PHE HE1  H N N 294 
PHE HE2  H N N 295 
PHE HZ   H N N 296 
PHE HXT  H N N 297 
PRO N    N N N 298 
PRO CA   C N S 299 
PRO C    C N N 300 
PRO O    O N N 301 
PRO CB   C N N 302 
PRO CG   C N N 303 
PRO CD   C N N 304 
PRO OXT  O N N 305 
PRO H    H N N 306 
PRO HA   H N N 307 
PRO HB2  H N N 308 
PRO HB3  H N N 309 
PRO HG2  H N N 310 
PRO HG3  H N N 311 
PRO HD2  H N N 312 
PRO HD3  H N N 313 
PRO HXT  H N N 314 
SER N    N N N 315 
SER CA   C N S 316 
SER C    C N N 317 
SER O    O N N 318 
SER CB   C N N 319 
SER OG   O N N 320 
SER OXT  O N N 321 
SER H    H N N 322 
SER H2   H N N 323 
SER HA   H N N 324 
SER HB2  H N N 325 
SER HB3  H N N 326 
SER HG   H N N 327 
SER HXT  H N N 328 
THR N    N N N 329 
THR CA   C N S 330 
THR C    C N N 331 
THR O    O N N 332 
THR CB   C N R 333 
THR OG1  O N N 334 
THR CG2  C N N 335 
THR OXT  O N N 336 
THR H    H N N 337 
THR H2   H N N 338 
THR HA   H N N 339 
THR HB   H N N 340 
THR HG1  H N N 341 
THR HG21 H N N 342 
THR HG22 H N N 343 
THR HG23 H N N 344 
THR HXT  H N N 345 
TRP N    N N N 346 
TRP CA   C N S 347 
TRP C    C N N 348 
TRP O    O N N 349 
TRP CB   C N N 350 
TRP CG   C Y N 351 
TRP CD1  C Y N 352 
TRP CD2  C Y N 353 
TRP NE1  N Y N 354 
TRP CE2  C Y N 355 
TRP CE3  C Y N 356 
TRP CZ2  C Y N 357 
TRP CZ3  C Y N 358 
TRP CH2  C Y N 359 
TRP OXT  O N N 360 
TRP H    H N N 361 
TRP H2   H N N 362 
TRP HA   H N N 363 
TRP HB2  H N N 364 
TRP HB3  H N N 365 
TRP HD1  H N N 366 
TRP HE1  H N N 367 
TRP HE3  H N N 368 
TRP HZ2  H N N 369 
TRP HZ3  H N N 370 
TRP HH2  H N N 371 
TRP HXT  H N N 372 
TYR N    N N N 373 
TYR CA   C N S 374 
TYR C    C N N 375 
TYR O    O N N 376 
TYR CB   C N N 377 
TYR CG   C Y N 378 
TYR CD1  C Y N 379 
TYR CD2  C Y N 380 
TYR CE1  C Y N 381 
TYR CE2  C Y N 382 
TYR CZ   C Y N 383 
TYR OH   O N N 384 
TYR OXT  O N N 385 
TYR H    H N N 386 
TYR H2   H N N 387 
TYR HA   H N N 388 
TYR HB2  H N N 389 
TYR HB3  H N N 390 
TYR HD1  H N N 391 
TYR HD2  H N N 392 
TYR HE1  H N N 393 
TYR HE2  H N N 394 
TYR HH   H N N 395 
TYR HXT  H N N 396 
VAL N    N N N 397 
VAL CA   C N S 398 
VAL C    C N N 399 
VAL O    O N N 400 
VAL CB   C N N 401 
VAL CG1  C N N 402 
VAL CG2  C N N 403 
VAL OXT  O N N 404 
VAL H    H N N 405 
VAL H2   H N N 406 
VAL HA   H N N 407 
VAL HB   H N N 408 
VAL HG11 H N N 409 
VAL HG12 H N N 410 
VAL HG13 H N N 411 
VAL HG21 H N N 412 
VAL HG22 H N N 413 
VAL HG23 H N N 414 
VAL HXT  H N N 415 
# 
loop_
_chem_comp_bond.comp_id 
_chem_comp_bond.atom_id_1 
_chem_comp_bond.atom_id_2 
_chem_comp_bond.value_order 
_chem_comp_bond.pdbx_aromatic_flag 
_chem_comp_bond.pdbx_stereo_config 
_chem_comp_bond.pdbx_ordinal 
ALA N   CA   sing N N 1   
ALA N   H    sing N N 2   
ALA N   H2   sing N N 3   
ALA CA  C    sing N N 4   
ALA CA  CB   sing N N 5   
ALA CA  HA   sing N N 6   
ALA C   O    doub N N 7   
ALA C   OXT  sing N N 8   
ALA CB  HB1  sing N N 9   
ALA CB  HB2  sing N N 10  
ALA CB  HB3  sing N N 11  
ALA OXT HXT  sing N N 12  
ARG N   CA   sing N N 13  
ARG N   H    sing N N 14  
ARG N   H2   sing N N 15  
ARG CA  C    sing N N 16  
ARG CA  CB   sing N N 17  
ARG CA  HA   sing N N 18  
ARG C   O    doub N N 19  
ARG C   OXT  sing N N 20  
ARG CB  CG   sing N N 21  
ARG CB  HB2  sing N N 22  
ARG CB  HB3  sing N N 23  
ARG CG  CD   sing N N 24  
ARG CG  HG2  sing N N 25  
ARG CG  HG3  sing N N 26  
ARG CD  NE   sing N N 27  
ARG CD  HD2  sing N N 28  
ARG CD  HD3  sing N N 29  
ARG NE  CZ   sing N N 30  
ARG NE  HE   sing N N 31  
ARG CZ  NH1  sing N N 32  
ARG CZ  NH2  doub N N 33  
ARG NH1 HH11 sing N N 34  
ARG NH1 HH12 sing N N 35  
ARG NH2 HH21 sing N N 36  
ARG NH2 HH22 sing N N 37  
ARG OXT HXT  sing N N 38  
ASN N   CA   sing N N 39  
ASN N   H    sing N N 40  
ASN N   H2   sing N N 41  
ASN CA  C    sing N N 42  
ASN CA  CB   sing N N 43  
ASN CA  HA   sing N N 44  
ASN C   O    doub N N 45  
ASN C   OXT  sing N N 46  
ASN CB  CG   sing N N 47  
ASN CB  HB2  sing N N 48  
ASN CB  HB3  sing N N 49  
ASN CG  OD1  doub N N 50  
ASN CG  ND2  sing N N 51  
ASN ND2 HD21 sing N N 52  
ASN ND2 HD22 sing N N 53  
ASN OXT HXT  sing N N 54  
ASP N   CA   sing N N 55  
ASP N   H    sing N N 56  
ASP N   H2   sing N N 57  
ASP CA  C    sing N N 58  
ASP CA  CB   sing N N 59  
ASP CA  HA   sing N N 60  
ASP C   O    doub N N 61  
ASP C   OXT  sing N N 62  
ASP CB  CG   sing N N 63  
ASP CB  HB2  sing N N 64  
ASP CB  HB3  sing N N 65  
ASP CG  OD1  doub N N 66  
ASP CG  OD2  sing N N 67  
ASP OD2 HD2  sing N N 68  
ASP OXT HXT  sing N N 69  
CYS N   CA   sing N N 70  
CYS N   H    sing N N 71  
CYS N   H2   sing N N 72  
CYS CA  C    sing N N 73  
CYS CA  CB   sing N N 74  
CYS CA  HA   sing N N 75  
CYS C   O    doub N N 76  
CYS C   OXT  sing N N 77  
CYS CB  SG   sing N N 78  
CYS CB  HB2  sing N N 79  
CYS CB  HB3  sing N N 80  
CYS SG  HG   sing N N 81  
CYS OXT HXT  sing N N 82  
GLN N   CA   sing N N 83  
GLN N   H    sing N N 84  
GLN N   H2   sing N N 85  
GLN CA  C    sing N N 86  
GLN CA  CB   sing N N 87  
GLN CA  HA   sing N N 88  
GLN C   O    doub N N 89  
GLN C   OXT  sing N N 90  
GLN CB  CG   sing N N 91  
GLN CB  HB2  sing N N 92  
GLN CB  HB3  sing N N 93  
GLN CG  CD   sing N N 94  
GLN CG  HG2  sing N N 95  
GLN CG  HG3  sing N N 96  
GLN CD  OE1  doub N N 97  
GLN CD  NE2  sing N N 98  
GLN NE2 HE21 sing N N 99  
GLN NE2 HE22 sing N N 100 
GLN OXT HXT  sing N N 101 
GLU N   CA   sing N N 102 
GLU N   H    sing N N 103 
GLU N   H2   sing N N 104 
GLU CA  C    sing N N 105 
GLU CA  CB   sing N N 106 
GLU CA  HA   sing N N 107 
GLU C   O    doub N N 108 
GLU C   OXT  sing N N 109 
GLU CB  CG   sing N N 110 
GLU CB  HB2  sing N N 111 
GLU CB  HB3  sing N N 112 
GLU CG  CD   sing N N 113 
GLU CG  HG2  sing N N 114 
GLU CG  HG3  sing N N 115 
GLU CD  OE1  doub N N 116 
GLU CD  OE2  sing N N 117 
GLU OE2 HE2  sing N N 118 
GLU OXT HXT  sing N N 119 
GLY N   CA   sing N N 120 
GLY N   H    sing N N 121 
GLY N   H2   sing N N 122 
GLY CA  C    sing N N 123 
GLY CA  HA2  sing N N 124 
GLY CA  HA3  sing N N 125 
GLY C   O    doub N N 126 
GLY C   OXT  sing N N 127 
GLY OXT HXT  sing N N 128 
HIS N   CA   sing N N 129 
HIS N   H    sing N N 130 
HIS N   H2   sing N N 131 
HIS CA  C    sing N N 132 
HIS CA  CB   sing N N 133 
HIS CA  HA   sing N N 134 
HIS C   O    doub N N 135 
HIS C   OXT  sing N N 136 
HIS CB  CG   sing N N 137 
HIS CB  HB2  sing N N 138 
HIS CB  HB3  sing N N 139 
HIS CG  ND1  sing Y N 140 
HIS CG  CD2  doub Y N 141 
HIS ND1 CE1  doub Y N 142 
HIS ND1 HD1  sing N N 143 
HIS CD2 NE2  sing Y N 144 
HIS CD2 HD2  sing N N 145 
HIS CE1 NE2  sing Y N 146 
HIS CE1 HE1  sing N N 147 
HIS NE2 HE2  sing N N 148 
HIS OXT HXT  sing N N 149 
HOH O   H1   sing N N 150 
HOH O   H2   sing N N 151 
ILE N   CA   sing N N 152 
ILE N   H    sing N N 153 
ILE N   H2   sing N N 154 
ILE CA  C    sing N N 155 
ILE CA  CB   sing N N 156 
ILE CA  HA   sing N N 157 
ILE C   O    doub N N 158 
ILE C   OXT  sing N N 159 
ILE CB  CG1  sing N N 160 
ILE CB  CG2  sing N N 161 
ILE CB  HB   sing N N 162 
ILE CG1 CD1  sing N N 163 
ILE CG1 HG12 sing N N 164 
ILE CG1 HG13 sing N N 165 
ILE CG2 HG21 sing N N 166 
ILE CG2 HG22 sing N N 167 
ILE CG2 HG23 sing N N 168 
ILE CD1 HD11 sing N N 169 
ILE CD1 HD12 sing N N 170 
ILE CD1 HD13 sing N N 171 
ILE OXT HXT  sing N N 172 
LEU N   CA   sing N N 173 
LEU N   H    sing N N 174 
LEU N   H2   sing N N 175 
LEU CA  C    sing N N 176 
LEU CA  CB   sing N N 177 
LEU CA  HA   sing N N 178 
LEU C   O    doub N N 179 
LEU C   OXT  sing N N 180 
LEU CB  CG   sing N N 181 
LEU CB  HB2  sing N N 182 
LEU CB  HB3  sing N N 183 
LEU CG  CD1  sing N N 184 
LEU CG  CD2  sing N N 185 
LEU CG  HG   sing N N 186 
LEU CD1 HD11 sing N N 187 
LEU CD1 HD12 sing N N 188 
LEU CD1 HD13 sing N N 189 
LEU CD2 HD21 sing N N 190 
LEU CD2 HD22 sing N N 191 
LEU CD2 HD23 sing N N 192 
LEU OXT HXT  sing N N 193 
LYS N   CA   sing N N 194 
LYS N   H    sing N N 195 
LYS N   H2   sing N N 196 
LYS CA  C    sing N N 197 
LYS CA  CB   sing N N 198 
LYS CA  HA   sing N N 199 
LYS C   O    doub N N 200 
LYS C   OXT  sing N N 201 
LYS CB  CG   sing N N 202 
LYS CB  HB2  sing N N 203 
LYS CB  HB3  sing N N 204 
LYS CG  CD   sing N N 205 
LYS CG  HG2  sing N N 206 
LYS CG  HG3  sing N N 207 
LYS CD  CE   sing N N 208 
LYS CD  HD2  sing N N 209 
LYS CD  HD3  sing N N 210 
LYS CE  NZ   sing N N 211 
LYS CE  HE2  sing N N 212 
LYS CE  HE3  sing N N 213 
LYS NZ  HZ1  sing N N 214 
LYS NZ  HZ2  sing N N 215 
LYS NZ  HZ3  sing N N 216 
LYS OXT HXT  sing N N 217 
MES O1  C2   sing N N 218 
MES O1  C6   sing N N 219 
MES C2  C3   sing N N 220 
MES C2  H21  sing N N 221 
MES C2  H22  sing N N 222 
MES C3  N4   sing N N 223 
MES C3  H31  sing N N 224 
MES C3  H32  sing N N 225 
MES N4  C5   sing N N 226 
MES N4  C7   sing N N 227 
MES N4  HN4  sing N N 228 
MES C5  C6   sing N N 229 
MES C5  H51  sing N N 230 
MES C5  H52  sing N N 231 
MES C6  H61  sing N N 232 
MES C6  H62  sing N N 233 
MES C7  C8   sing N N 234 
MES C7  H71  sing N N 235 
MES C7  H72  sing N N 236 
MES C8  S    sing N N 237 
MES C8  H81  sing N N 238 
MES C8  H82  sing N N 239 
MES S   O1S  doub N N 240 
MES S   O2S  doub N N 241 
MES S   O3S  sing N N 242 
MET N   CA   sing N N 243 
MET N   H    sing N N 244 
MET N   H2   sing N N 245 
MET CA  C    sing N N 246 
MET CA  CB   sing N N 247 
MET CA  HA   sing N N 248 
MET C   O    doub N N 249 
MET C   OXT  sing N N 250 
MET CB  CG   sing N N 251 
MET CB  HB2  sing N N 252 
MET CB  HB3  sing N N 253 
MET CG  SD   sing N N 254 
MET CG  HG2  sing N N 255 
MET CG  HG3  sing N N 256 
MET SD  CE   sing N N 257 
MET CE  HE1  sing N N 258 
MET CE  HE2  sing N N 259 
MET CE  HE3  sing N N 260 
MET OXT HXT  sing N N 261 
PHE N   CA   sing N N 262 
PHE N   H    sing N N 263 
PHE N   H2   sing N N 264 
PHE CA  C    sing N N 265 
PHE CA  CB   sing N N 266 
PHE CA  HA   sing N N 267 
PHE C   O    doub N N 268 
PHE C   OXT  sing N N 269 
PHE CB  CG   sing N N 270 
PHE CB  HB2  sing N N 271 
PHE CB  HB3  sing N N 272 
PHE CG  CD1  doub Y N 273 
PHE CG  CD2  sing Y N 274 
PHE CD1 CE1  sing Y N 275 
PHE CD1 HD1  sing N N 276 
PHE CD2 CE2  doub Y N 277 
PHE CD2 HD2  sing N N 278 
PHE CE1 CZ   doub Y N 279 
PHE CE1 HE1  sing N N 280 
PHE CE2 CZ   sing Y N 281 
PHE CE2 HE2  sing N N 282 
PHE CZ  HZ   sing N N 283 
PHE OXT HXT  sing N N 284 
PRO N   CA   sing N N 285 
PRO N   CD   sing N N 286 
PRO N   H    sing N N 287 
PRO CA  C    sing N N 288 
PRO CA  CB   sing N N 289 
PRO CA  HA   sing N N 290 
PRO C   O    doub N N 291 
PRO C   OXT  sing N N 292 
PRO CB  CG   sing N N 293 
PRO CB  HB2  sing N N 294 
PRO CB  HB3  sing N N 295 
PRO CG  CD   sing N N 296 
PRO CG  HG2  sing N N 297 
PRO CG  HG3  sing N N 298 
PRO CD  HD2  sing N N 299 
PRO CD  HD3  sing N N 300 
PRO OXT HXT  sing N N 301 
SER N   CA   sing N N 302 
SER N   H    sing N N 303 
SER N   H2   sing N N 304 
SER CA  C    sing N N 305 
SER CA  CB   sing N N 306 
SER CA  HA   sing N N 307 
SER C   O    doub N N 308 
SER C   OXT  sing N N 309 
SER CB  OG   sing N N 310 
SER CB  HB2  sing N N 311 
SER CB  HB3  sing N N 312 
SER OG  HG   sing N N 313 
SER OXT HXT  sing N N 314 
THR N   CA   sing N N 315 
THR N   H    sing N N 316 
THR N   H2   sing N N 317 
THR CA  C    sing N N 318 
THR CA  CB   sing N N 319 
THR CA  HA   sing N N 320 
THR C   O    doub N N 321 
THR C   OXT  sing N N 322 
THR CB  OG1  sing N N 323 
THR CB  CG2  sing N N 324 
THR CB  HB   sing N N 325 
THR OG1 HG1  sing N N 326 
THR CG2 HG21 sing N N 327 
THR CG2 HG22 sing N N 328 
THR CG2 HG23 sing N N 329 
THR OXT HXT  sing N N 330 
TRP N   CA   sing N N 331 
TRP N   H    sing N N 332 
TRP N   H2   sing N N 333 
TRP CA  C    sing N N 334 
TRP CA  CB   sing N N 335 
TRP CA  HA   sing N N 336 
TRP C   O    doub N N 337 
TRP C   OXT  sing N N 338 
TRP CB  CG   sing N N 339 
TRP CB  HB2  sing N N 340 
TRP CB  HB3  sing N N 341 
TRP CG  CD1  doub Y N 342 
TRP CG  CD2  sing Y N 343 
TRP CD1 NE1  sing Y N 344 
TRP CD1 HD1  sing N N 345 
TRP CD2 CE2  doub Y N 346 
TRP CD2 CE3  sing Y N 347 
TRP NE1 CE2  sing Y N 348 
TRP NE1 HE1  sing N N 349 
TRP CE2 CZ2  sing Y N 350 
TRP CE3 CZ3  doub Y N 351 
TRP CE3 HE3  sing N N 352 
TRP CZ2 CH2  doub Y N 353 
TRP CZ2 HZ2  sing N N 354 
TRP CZ3 CH2  sing Y N 355 
TRP CZ3 HZ3  sing N N 356 
TRP CH2 HH2  sing N N 357 
TRP OXT HXT  sing N N 358 
TYR N   CA   sing N N 359 
TYR N   H    sing N N 360 
TYR N   H2   sing N N 361 
TYR CA  C    sing N N 362 
TYR CA  CB   sing N N 363 
TYR CA  HA   sing N N 364 
TYR C   O    doub N N 365 
TYR C   OXT  sing N N 366 
TYR CB  CG   sing N N 367 
TYR CB  HB2  sing N N 368 
TYR CB  HB3  sing N N 369 
TYR CG  CD1  doub Y N 370 
TYR CG  CD2  sing Y N 371 
TYR CD1 CE1  sing Y N 372 
TYR CD1 HD1  sing N N 373 
TYR CD2 CE2  doub Y N 374 
TYR CD2 HD2  sing N N 375 
TYR CE1 CZ   doub Y N 376 
TYR CE1 HE1  sing N N 377 
TYR CE2 CZ   sing Y N 378 
TYR CE2 HE2  sing N N 379 
TYR CZ  OH   sing N N 380 
TYR OH  HH   sing N N 381 
TYR OXT HXT  sing N N 382 
VAL N   CA   sing N N 383 
VAL N   H    sing N N 384 
VAL N   H2   sing N N 385 
VAL CA  C    sing N N 386 
VAL CA  CB   sing N N 387 
VAL CA  HA   sing N N 388 
VAL C   O    doub N N 389 
VAL C   OXT  sing N N 390 
VAL CB  CG1  sing N N 391 
VAL CB  CG2  sing N N 392 
VAL CB  HB   sing N N 393 
VAL CG1 HG11 sing N N 394 
VAL CG1 HG12 sing N N 395 
VAL CG1 HG13 sing N N 396 
VAL CG2 HG21 sing N N 397 
VAL CG2 HG22 sing N N 398 
VAL CG2 HG23 sing N N 399 
VAL OXT HXT  sing N N 400 
# 
_atom_sites.entry_id                    3HMC 
_atom_sites.fract_transf_matrix[1][1]   0.01984026 
_atom_sites.fract_transf_matrix[1][2]   -0.00451158 
_atom_sites.fract_transf_matrix[1][3]   0.00281823 
_atom_sites.fract_transf_matrix[2][1]   0.00457776 
_atom_sites.fract_transf_matrix[2][2]   0.01387368 
_atom_sites.fract_transf_matrix[2][3]   -0.01001752 
_atom_sites.fract_transf_matrix[3][1]   0.00024869 
_atom_sites.fract_transf_matrix[3][2]   0.00863502 
_atom_sites.fract_transf_matrix[3][3]   0.01207264 
_atom_sites.fract_transf_vector[1]      0.254934 
_atom_sites.fract_transf_vector[2]      0.670598 
_atom_sites.fract_transf_vector[3]      0.232563 
# 
loop_
_atom_type.symbol 
C 
N 
O 
S 
# 
loop_
_atom_site.group_PDB 
_atom_site.id 
_atom_site.type_symbol 
_atom_site.label_atom_id 
_atom_site.label_alt_id 
_atom_site.label_comp_id 
_atom_site.label_asym_id 
_atom_site.label_entity_id 
_atom_site.label_seq_id 
_atom_site.pdbx_PDB_ins_code 
_atom_site.Cartn_x 
_atom_site.Cartn_y 
_atom_site.Cartn_z 
_atom_site.occupancy 
_atom_site.B_iso_or_equiv 
_atom_site.pdbx_formal_charge 
_atom_site.auth_seq_id 
_atom_site.auth_comp_id 
_atom_site.auth_asym_id 
_atom_site.auth_atom_id 
_atom_site.pdbx_PDB_model_num 
ATOM   1    N N   . SER A 1 2   ? 16.685  -2.556  -22.695 1.00 29.56 ? 2   SER A N   1 
ATOM   2    C CA  . SER A 1 2   ? 15.492  -3.338  -22.260 1.00 28.65 ? 2   SER A CA  1 
ATOM   3    C C   . SER A 1 2   ? 15.001  -2.871  -20.894 1.00 27.34 ? 2   SER A C   1 
ATOM   4    O O   . SER A 1 2   ? 15.709  -2.992  -19.895 1.00 27.52 ? 2   SER A O   1 
ATOM   5    C CB  . SER A 1 2   ? 15.833  -4.829  -22.203 1.00 29.81 ? 2   SER A CB  1 
ATOM   6    O OG  . SER A 1 2   ? 14.740  -5.585  -21.707 1.00 32.95 ? 2   SER A OG  1 
ATOM   7    N N   . HIS A 1 3   ? 13.782  -2.342  -20.860 1.00 24.62 ? 3   HIS A N   1 
ATOM   8    C CA  . HIS A 1 3   ? 13.182  -1.849  -19.623 1.00 22.46 ? 3   HIS A CA  1 
ATOM   9    C C   . HIS A 1 3   ? 12.964  -2.973  -18.613 1.00 21.30 ? 3   HIS A C   1 
ATOM   10   O O   . HIS A 1 3   ? 12.512  -4.062  -18.963 1.00 21.41 ? 3   HIS A O   1 
ATOM   11   C CB  . HIS A 1 3   ? 11.840  -1.176  -19.932 1.00 20.35 ? 3   HIS A CB  1 
ATOM   12   C CG  . HIS A 1 3   ? 11.160  -0.591  -18.731 1.00 19.26 ? 3   HIS A CG  1 
ATOM   13   N ND1 . HIS A 1 3   ? 11.646  0.512   -18.061 1.00 19.95 ? 3   HIS A ND1 1 
ATOM   14   C CD2 . HIS A 1 3   ? 10.025  -0.952  -18.086 1.00 18.74 ? 3   HIS A CD2 1 
ATOM   15   C CE1 . HIS A 1 3   ? 10.841  0.805   -17.056 1.00 19.26 ? 3   HIS A CE1 1 
ATOM   16   N NE2 . HIS A 1 3   ? 9.849   -0.068  -17.048 1.00 18.22 ? 3   HIS A NE2 1 
ATOM   17   N N   . MET A 1 4   ? 13.296  -2.696  -17.357 1.00 19.94 ? 4   MET A N   1 
ATOM   18   C CA  . MET A 1 4   ? 13.125  -3.652  -16.270 1.00 19.87 ? 4   MET A CA  1 
ATOM   19   C C   . MET A 1 4   ? 12.521  -2.880  -15.102 1.00 19.65 ? 4   MET A C   1 
ATOM   20   O O   . MET A 1 4   ? 13.204  -2.562  -14.128 1.00 22.00 ? 4   MET A O   1 
ATOM   21   C CB  . MET A 1 4   ? 14.473  -4.256  -15.870 1.00 19.49 ? 4   MET A CB  1 
ATOM   22   C CG  . MET A 1 4   ? 15.071  -5.197  -16.911 1.00 21.62 ? 4   MET A CG  1 
ATOM   23   S SD  . MET A 1 4   ? 14.077  -6.684  -17.149 1.00 23.91 ? 4   MET A SD  1 
ATOM   24   C CE  . MET A 1 4   ? 14.637  -7.678  -15.766 1.00 23.80 ? 4   MET A CE  1 
ATOM   25   N N   . GLY A 1 5   ? 11.232  -2.575  -15.216 1.00 18.81 ? 5   GLY A N   1 
ATOM   26   C CA  . GLY A 1 5   ? 10.545  -1.813  -14.189 1.00 17.08 ? 5   GLY A CA  1 
ATOM   27   C C   . GLY A 1 5   ? 10.170  -2.575  -12.936 1.00 15.32 ? 5   GLY A C   1 
ATOM   28   O O   . GLY A 1 5   ? 10.091  -3.804  -12.938 1.00 16.31 ? 5   GLY A O   1 
ATOM   29   N N   . HIS A 1 6   ? 9.924   -1.830  -11.863 1.00 14.21 ? 6   HIS A N   1 
ATOM   30   C CA  . HIS A 1 6   ? 9.559   -2.420  -10.580 1.00 14.73 ? 6   HIS A CA  1 
ATOM   31   C C   . HIS A 1 6   ? 8.396   -1.695  -9.918  1.00 12.66 ? 6   HIS A C   1 
ATOM   32   O O   . HIS A 1 6   ? 8.203   -0.493  -10.112 1.00 12.65 ? 6   HIS A O   1 
ATOM   33   C CB  . HIS A 1 6   ? 10.737  -2.355  -9.605  1.00 16.95 ? 6   HIS A CB  1 
ATOM   34   C CG  . HIS A 1 6   ? 11.986  -3.011  -10.102 1.00 19.39 ? 6   HIS A CG  1 
ATOM   35   N ND1 . HIS A 1 6   ? 12.125  -4.379  -10.193 1.00 23.16 ? 6   HIS A ND1 1 
ATOM   36   C CD2 . HIS A 1 6   ? 13.162  -2.484  -10.514 1.00 22.21 ? 6   HIS A CD2 1 
ATOM   37   C CE1 . HIS A 1 6   ? 13.336  -4.666  -10.636 1.00 22.11 ? 6   HIS A CE1 1 
ATOM   38   N NE2 . HIS A 1 6   ? 13.986  -3.534  -10.839 1.00 23.25 ? 6   HIS A NE2 1 
ATOM   39   N N   . ILE A 1 7   ? 7.623   -2.440  -9.135  1.00 12.42 ? 7   ILE A N   1 
ATOM   40   C CA  . ILE A 1 7   ? 6.526   -1.871  -8.366  1.00 11.30 ? 7   ILE A CA  1 
ATOM   41   C C   . ILE A 1 7   ? 7.100   -1.904  -6.957  1.00 10.58 ? 7   ILE A C   1 
ATOM   42   O O   . ILE A 1 7   ? 7.329   -2.975  -6.390  1.00 10.31 ? 7   ILE A O   1 
ATOM   43   C CB  . ILE A 1 7   ? 5.258   -2.729  -8.445  1.00 11.09 ? 7   ILE A CB  1 
ATOM   44   C CG1 . ILE A 1 7   ? 4.714   -2.702  -9.877  1.00 13.16 ? 7   ILE A CG1 1 
ATOM   45   C CG2 . ILE A 1 7   ? 4.218   -2.210  -7.460  1.00 10.61 ? 7   ILE A CG2 1 
ATOM   46   C CD1 . ILE A 1 7   ? 3.497   -3.568  -10.086 1.00 15.23 ? 7   ILE A CD1 1 
ATOM   47   N N   . ILE A 1 8   ? 7.343   -0.725  -6.400  1.00 9.99  ? 8   ILE A N   1 
ATOM   48   C CA  . ILE A 1 8   ? 7.970   -0.612  -5.089  1.00 9.96  ? 8   ILE A CA  1 
ATOM   49   C C   . ILE A 1 8   ? 7.113   0.087   -4.044  1.00 9.57  ? 8   ILE A C   1 
ATOM   50   O O   . ILE A 1 8   ? 6.475   1.095   -4.343  1.00 10.12 ? 8   ILE A O   1 
ATOM   51   C CB  . ILE A 1 8   ? 9.282   0.205   -5.209  1.00 10.54 ? 8   ILE A CB  1 
ATOM   52   C CG1 . ILE A 1 8   ? 10.079  -0.261  -6.432  1.00 11.33 ? 8   ILE A CG1 1 
ATOM   53   C CG2 . ILE A 1 8   ? 10.103  0.081   -3.933  1.00 10.88 ? 8   ILE A CG2 1 
ATOM   54   C CD1 . ILE A 1 8   ? 11.301  0.591   -6.717  1.00 14.03 ? 8   ILE A CD1 1 
ATOM   55   N N   . ASP A 1 9   ? 7.064   -0.456  -2.830  1.00 9.38  ? 9   ASP A N   1 
ATOM   56   C CA  . ASP A 1 9   ? 6.351   0.243   -1.769  1.00 9.49  ? 9   ASP A CA  1 
ATOM   57   C C   . ASP A 1 9   ? 7.447   0.838   -0.893  1.00 10.12 ? 9   ASP A C   1 
ATOM   58   O O   . ASP A 1 9   ? 8.481   0.205   -0.661  1.00 9.69  ? 9   ASP A O   1 
ATOM   59   C CB  . ASP A 1 9   ? 5.400   -0.669  -0.961  1.00 9.84  ? 9   ASP A CB  1 
ATOM   60   C CG  . ASP A 1 9   ? 6.070   -1.909  -0.411  1.00 11.31 ? 9   ASP A CG  1 
ATOM   61   O OD1 . ASP A 1 9   ? 6.146   -2.913  -1.146  1.00 9.83  ? 9   ASP A OD1 1 
ATOM   62   O OD2 . ASP A 1 9   ? 6.496   -1.888  0.763   1.00 11.39 ? 9   ASP A OD2 1 
ATOM   63   N N   . ILE A 1 10  ? 7.235   2.074   -0.449  1.00 9.34  ? 10  ILE A N   1 
ATOM   64   C CA  . ILE A 1 10  ? 8.214   2.782   0.368   1.00 9.23  ? 10  ILE A CA  1 
ATOM   65   C C   . ILE A 1 10  ? 7.568   3.476   1.557   1.00 8.97  ? 10  ILE A C   1 
ATOM   66   O O   . ILE A 1 10  ? 6.351   3.632   1.613   1.00 9.00  ? 10  ILE A O   1 
ATOM   67   C CB  . ILE A 1 10  ? 8.959   3.858   -0.467  1.00 9.49  ? 10  ILE A CB  1 
ATOM   68   C CG1 . ILE A 1 10  ? 7.967   4.920   -0.958  1.00 8.34  ? 10  ILE A CG1 1 
ATOM   69   C CG2 . ILE A 1 10  ? 9.668   3.203   -1.649  1.00 10.01 ? 10  ILE A CG2 1 
ATOM   70   C CD1 . ILE A 1 10  ? 8.602   6.039   -1.779  1.00 10.62 ? 10  ILE A CD1 1 
ATOM   71   N N   . SER A 1 11  ? 8.412   3.886   2.498   1.00 8.79  ? 11  SER A N   1 
ATOM   72   C CA  . SER A 1 11  ? 7.995   4.595   3.700   1.00 9.06  ? 11  SER A CA  1 
ATOM   73   C C   . SER A 1 11  ? 9.214   5.402   4.126   1.00 10.35 ? 11  SER A C   1 
ATOM   74   O O   . SER A 1 11  ? 10.246  5.359   3.460   1.00 10.01 ? 11  SER A O   1 
ATOM   75   C CB  . SER A 1 11  ? 7.612   3.612   4.806   1.00 10.32 ? 11  SER A CB  1 
ATOM   76   O OG  . SER A 1 11  ? 8.750   2.918   5.280   1.00 11.24 ? 11  SER A OG  1 
ATOM   77   N N   . LYS A 1 12  ? 9.111   6.128   5.233   1.00 10.13 ? 12  LYS A N   1 
ATOM   78   C CA  . LYS A 1 12  ? 10.239  6.937   5.680   1.00 9.99  ? 12  LYS A CA  1 
ATOM   79   C C   . LYS A 1 12  ? 11.503  6.111   5.897   1.00 10.21 ? 12  LYS A C   1 
ATOM   80   O O   . LYS A 1 12  ? 12.609  6.646   5.863   1.00 10.36 ? 12  LYS A O   1 
ATOM   81   C CB  . LYS A 1 12  ? 9.875   7.693   6.963   1.00 11.12 ? 12  LYS A CB  1 
ATOM   82   C CG  . LYS A 1 12  ? 9.732   6.826   8.198   1.00 12.45 ? 12  LYS A CG  1 
ATOM   83   C CD  . LYS A 1 12  ? 11.041  6.771   8.967   1.00 15.30 ? 12  LYS A CD  1 
ATOM   84   C CE  . LYS A 1 12  ? 10.884  6.028   10.277  1.00 18.24 ? 12  LYS A CE  1 
ATOM   85   N NZ  . LYS A 1 12  ? 12.117  6.123   11.110  1.00 22.82 ? 12  LYS A NZ  1 
ATOM   86   N N   . TRP A 1 13  ? 11.352  4.806   6.107   1.00 9.11  ? 13  TRP A N   1 
ATOM   87   C CA  . TRP A 1 13  ? 12.518  3.963   6.327   1.00 10.53 ? 13  TRP A CA  1 
ATOM   88   C C   . TRP A 1 13  ? 13.455  3.924   5.123   1.00 11.06 ? 13  TRP A C   1 
ATOM   89   O O   . TRP A 1 13  ? 14.631  3.598   5.264   1.00 12.63 ? 13  TRP A O   1 
ATOM   90   C CB  . TRP A 1 13  ? 12.092  2.541   6.708   1.00 12.30 ? 13  TRP A CB  1 
ATOM   91   C CG  . TRP A 1 13  ? 11.413  2.468   8.044   1.00 15.08 ? 13  TRP A CG  1 
ATOM   92   C CD1 . TRP A 1 13  ? 10.088  2.235   8.279   1.00 15.76 ? 13  TRP A CD1 1 
ATOM   93   C CD2 . TRP A 1 13  ? 12.022  2.654   9.329   1.00 16.71 ? 13  TRP A CD2 1 
ATOM   94   N NE1 . TRP A 1 13  ? 9.834   2.263   9.630   1.00 16.58 ? 13  TRP A NE1 1 
ATOM   95   C CE2 . TRP A 1 13  ? 11.003  2.519   10.297  1.00 18.25 ? 13  TRP A CE2 1 
ATOM   96   C CE3 . TRP A 1 13  ? 13.331  2.924   9.754   1.00 17.75 ? 13  TRP A CE3 1 
ATOM   97   C CZ2 . TRP A 1 13  ? 11.250  2.642   11.670  1.00 19.94 ? 13  TRP A CZ2 1 
ATOM   98   C CZ3 . TRP A 1 13  ? 13.578  3.047   11.122  1.00 20.74 ? 13  TRP A CZ3 1 
ATOM   99   C CH2 . TRP A 1 13  ? 12.539  2.905   12.061  1.00 20.98 ? 13  TRP A CH2 1 
ATOM   100  N N   . ASN A 1 14  ? 12.942  4.265   3.943   1.00 11.08 ? 14  ASN A N   1 
ATOM   101  C CA  . ASN A 1 14  ? 13.776  4.262   2.745   1.00 10.86 ? 14  ASN A CA  1 
ATOM   102  C C   . ASN A 1 14  ? 14.677  5.491   2.660   1.00 11.20 ? 14  ASN A C   1 
ATOM   103  O O   . ASN A 1 14  ? 15.567  5.560   1.812   1.00 12.31 ? 14  ASN A O   1 
ATOM   104  C CB  . ASN A 1 14  ? 12.908  4.164   1.485   1.00 10.81 ? 14  ASN A CB  1 
ATOM   105  C CG  . ASN A 1 14  ? 12.156  2.850   1.400   1.00 10.43 ? 14  ASN A CG  1 
ATOM   106  O OD1 . ASN A 1 14  ? 11.024  2.736   1.874   1.00 10.75 ? 14  ASN A OD1 1 
ATOM   107  N ND2 . ASN A 1 14  ? 12.788  1.843   0.806   1.00 11.97 ? 14  ASN A ND2 1 
ATOM   108  N N   . GLY A 1 15  ? 14.444  6.458   3.543   1.00 10.10 ? 15  GLY A N   1 
ATOM   109  C CA  . GLY A 1 15  ? 15.258  7.662   3.556   1.00 10.92 ? 15  GLY A CA  1 
ATOM   110  C C   . GLY A 1 15  ? 15.164  8.472   2.280   1.00 12.16 ? 15  GLY A C   1 
ATOM   111  O O   . GLY A 1 15  ? 14.216  8.338   1.512   1.00 14.07 ? 15  GLY A O   1 
ATOM   112  N N   . ASP A 1 16  ? 16.155  9.323   2.049   1.00 12.57 ? 16  ASP A N   1 
ATOM   113  C CA  . ASP A 1 16  ? 16.161  10.147  0.852   1.00 12.43 ? 16  ASP A CA  1 
ATOM   114  C C   . ASP A 1 16  ? 16.416  9.286   -0.380  1.00 11.54 ? 16  ASP A C   1 
ATOM   115  O O   . ASP A 1 16  ? 17.229  8.364   -0.352  1.00 11.92 ? 16  ASP A O   1 
ATOM   116  C CB  . ASP A 1 16  ? 17.214  11.243  0.992   1.00 15.11 ? 16  ASP A CB  1 
ATOM   117  C CG  . ASP A 1 16  ? 16.881  12.219  2.109   1.00 16.53 ? 16  ASP A CG  1 
ATOM   118  O OD1 . ASP A 1 16  ? 17.809  12.871  2.622   1.00 18.89 ? 16  ASP A OD1 1 
ATOM   119  O OD2 . ASP A 1 16  ? 15.687  12.338  2.471   1.00 20.09 ? 16  ASP A OD2 1 
ATOM   120  N N   . ILE A 1 17  ? 15.707  9.599   -1.457  1.00 11.50 ? 17  ILE A N   1 
ATOM   121  C CA  . ILE A 1 17  ? 15.804  8.841   -2.692  1.00 11.93 ? 17  ILE A CA  1 
ATOM   122  C C   . ILE A 1 17  ? 16.291  9.681   -3.869  1.00 11.79 ? 17  ILE A C   1 
ATOM   123  O O   . ILE A 1 17  ? 15.909  10.842  -4.015  1.00 12.21 ? 17  ILE A O   1 
ATOM   124  C CB  . ILE A 1 17  ? 14.415  8.225   -3.027  1.00 10.84 ? 17  ILE A CB  1 
ATOM   125  C CG1 . ILE A 1 17  ? 14.085  7.123   -2.015  1.00 10.87 ? 17  ILE A CG1 1 
ATOM   126  C CG2 . ILE A 1 17  ? 14.392  7.694   -4.452  1.00 11.23 ? 17  ILE A CG2 1 
ATOM   127  C CD1 . ILE A 1 17  ? 12.644  6.642   -2.056  1.00 12.33 ? 17  ILE A CD1 1 
ATOM   128  N N   . ASN A 1 18  ? 17.152  9.085   -4.692  1.00 11.05 ? 18  ASN A N   1 
ATOM   129  C CA  . ASN A 1 18  ? 17.673  9.745   -5.887  1.00 11.38 ? 18  ASN A CA  1 
ATOM   130  C C   . ASN A 1 18  ? 16.660  9.400   -6.977  1.00 10.67 ? 18  ASN A C   1 
ATOM   131  O O   . ASN A 1 18  ? 16.815  8.416   -7.703  1.00 11.36 ? 18  ASN A O   1 
ATOM   132  C CB  . ASN A 1 18  ? 19.061  9.189   -6.235  1.00 10.81 ? 18  ASN A CB  1 
ATOM   133  C CG  . ASN A 1 18  ? 19.687  9.873   -7.443  1.00 11.02 ? 18  ASN A CG  1 
ATOM   134  O OD1 . ASN A 1 18  ? 20.888  9.736   -7.694  1.00 14.35 ? 18  ASN A OD1 1 
ATOM   135  N ND2 . ASN A 1 18  ? 18.880  10.600  -8.198  1.00 10.53 ? 18  ASN A ND2 1 
ATOM   136  N N   . TRP A 1 19  ? 15.613  10.212  -7.077  1.00 10.92 ? 19  TRP A N   1 
ATOM   137  C CA  . TRP A 1 19  ? 14.553  9.972   -8.049  1.00 11.90 ? 19  TRP A CA  1 
ATOM   138  C C   . TRP A 1 19  ? 14.976  10.006  -9.513  1.00 12.20 ? 19  TRP A C   1 
ATOM   139  O O   . TRP A 1 19  ? 14.440  9.253   -10.326 1.00 12.31 ? 19  TRP A O   1 
ATOM   140  C CB  . TRP A 1 19  ? 13.400  10.948  -7.812  1.00 11.78 ? 19  TRP A CB  1 
ATOM   141  C CG  . TRP A 1 19  ? 12.739  10.743  -6.476  1.00 11.14 ? 19  TRP A CG  1 
ATOM   142  C CD1 . TRP A 1 19  ? 12.923  11.486  -5.343  1.00 12.53 ? 19  TRP A CD1 1 
ATOM   143  C CD2 . TRP A 1 19  ? 11.828  9.694   -6.122  1.00 11.47 ? 19  TRP A CD2 1 
ATOM   144  N NE1 . TRP A 1 19  ? 12.183  10.962  -4.306  1.00 12.70 ? 19  TRP A NE1 1 
ATOM   145  C CE2 . TRP A 1 19  ? 11.503  9.862   -4.758  1.00 12.09 ? 19  TRP A CE2 1 
ATOM   146  C CE3 . TRP A 1 19  ? 11.256  8.625   -6.828  1.00 11.80 ? 19  TRP A CE3 1 
ATOM   147  C CZ2 . TRP A 1 19  ? 10.633  9.000   -4.083  1.00 12.22 ? 19  TRP A CZ2 1 
ATOM   148  C CZ3 . TRP A 1 19  ? 10.391  7.767   -6.155  1.00 11.21 ? 19  TRP A CZ3 1 
ATOM   149  C CH2 . TRP A 1 19  ? 10.089  7.960   -4.796  1.00 12.02 ? 19  TRP A CH2 1 
ATOM   150  N N   . SER A 1 20  ? 15.927  10.868  -9.861  1.00 13.05 ? 20  SER A N   1 
ATOM   151  C CA  . SER A 1 20  ? 16.380  10.938  -11.247 1.00 13.85 ? 20  SER A CA  1 
ATOM   152  C C   . SER A 1 20  ? 16.975  9.611   -11.704 1.00 12.69 ? 20  SER A C   1 
ATOM   153  O O   . SER A 1 20  ? 16.769  9.187   -12.841 1.00 13.36 ? 20  SER A O   1 
ATOM   154  C CB  . SER A 1 20  ? 17.412  12.052  -11.422 1.00 14.80 ? 20  SER A CB  1 
ATOM   155  O OG  . SER A 1 20  ? 16.781  13.319  -11.430 1.00 20.08 ? 20  SER A OG  1 
ATOM   156  N N   . ILE A 1 21  ? 17.712  8.957   -10.813 1.00 13.22 ? 21  ILE A N   1 
ATOM   157  C CA  . ILE A 1 21  ? 18.333  7.676   -11.126 1.00 13.78 ? 21  ILE A CA  1 
ATOM   158  C C   . ILE A 1 21  ? 17.354  6.507   -11.013 1.00 13.49 ? 21  ILE A C   1 
ATOM   159  O O   . ILE A 1 21  ? 17.400  5.570   -11.811 1.00 15.07 ? 21  ILE A O   1 
ATOM   160  C CB  . ILE A 1 21  ? 19.546  7.411   -10.198 1.00 15.66 ? 21  ILE A CB  1 
ATOM   161  C CG1 . ILE A 1 21  ? 20.767  8.170   -10.717 1.00 17.45 ? 21  ILE A CG1 1 
ATOM   162  C CG2 . ILE A 1 21  ? 19.824  5.914   -10.095 1.00 17.45 ? 21  ILE A CG2 1 
ATOM   163  C CD1 . ILE A 1 21  ? 21.200  7.757   -12.110 1.00 18.96 ? 21  ILE A CD1 1 
ATOM   164  N N   . ALA A 1 22  ? 16.467  6.565   -10.025 1.00 12.43 ? 22  ALA A N   1 
ATOM   165  C CA  . ALA A 1 22  ? 15.498  5.493   -9.811  1.00 13.35 ? 22  ALA A CA  1 
ATOM   166  C C   . ALA A 1 22  ? 14.416  5.434   -10.887 1.00 13.44 ? 22  ALA A C   1 
ATOM   167  O O   . ALA A 1 22  ? 13.901  4.359   -11.199 1.00 14.41 ? 22  ALA A O   1 
ATOM   168  C CB  . ALA A 1 22  ? 14.852  5.650   -8.438  1.00 11.55 ? 22  ALA A CB  1 
ATOM   169  N N   . LYS A 1 23  ? 14.089  6.590   -11.455 1.00 13.63 ? 23  LYS A N   1 
ATOM   170  C CA  . LYS A 1 23  ? 13.051  6.715   -12.477 1.00 14.49 ? 23  LYS A CA  1 
ATOM   171  C C   . LYS A 1 23  ? 12.933  5.563   -13.475 1.00 13.81 ? 23  LYS A C   1 
ATOM   172  O O   . LYS A 1 23  ? 11.881  4.936   -13.583 1.00 14.17 ? 23  LYS A O   1 
ATOM   173  C CB  . LYS A 1 23  ? 13.250  8.032   -13.237 1.00 16.57 ? 23  LYS A CB  1 
ATOM   174  C CG  . LYS A 1 23  ? 12.308  8.248   -14.410 1.00 19.73 ? 23  LYS A CG  1 
ATOM   175  C CD  . LYS A 1 23  ? 10.861  8.371   -13.970 1.00 20.18 ? 23  LYS A CD  1 
ATOM   176  C CE  . LYS A 1 23  ? 9.962   8.703   -15.157 1.00 21.64 ? 23  LYS A CE  1 
ATOM   177  N NZ  . LYS A 1 23  ? 8.531   8.838   -14.766 1.00 23.30 ? 23  LYS A NZ  1 
ATOM   178  N N   . GLN A 1 24  ? 14.009  5.285   -14.202 1.00 14.17 ? 24  GLN A N   1 
ATOM   179  C CA  . GLN A 1 24  ? 13.994  4.229   -15.211 1.00 15.32 ? 24  GLN A CA  1 
ATOM   180  C C   . GLN A 1 24  ? 13.709  2.832   -14.663 1.00 15.04 ? 24  GLN A C   1 
ATOM   181  O O   . GLN A 1 24  ? 13.370  1.923   -15.421 1.00 15.86 ? 24  GLN A O   1 
ATOM   182  C CB  . GLN A 1 24  ? 15.325  4.220   -15.966 1.00 16.09 ? 24  GLN A CB  1 
ATOM   183  C CG  . GLN A 1 24  ? 16.514  3.813   -15.113 1.00 18.84 ? 24  GLN A CG  1 
ATOM   184  C CD  . GLN A 1 24  ? 17.838  4.133   -15.774 1.00 21.13 ? 24  GLN A CD  1 
ATOM   185  O OE1 . GLN A 1 24  ? 18.183  5.299   -15.962 1.00 23.95 ? 24  GLN A OE1 1 
ATOM   186  N NE2 . GLN A 1 24  ? 18.587  3.098   -16.135 1.00 23.74 ? 24  GLN A NE2 1 
ATOM   187  N N   . HIS A 1 25  ? 13.838  2.662   -13.352 1.00 14.30 ? 25  HIS A N   1 
ATOM   188  C CA  . HIS A 1 25  ? 13.604  1.365   -12.722 1.00 14.46 ? 25  HIS A CA  1 
ATOM   189  C C   . HIS A 1 25  ? 12.239  1.276   -12.046 1.00 13.98 ? 25  HIS A C   1 
ATOM   190  O O   . HIS A 1 25  ? 11.881  0.230   -11.500 1.00 15.21 ? 25  HIS A O   1 
ATOM   191  C CB  . HIS A 1 25  ? 14.685  1.105   -11.672 1.00 15.92 ? 25  HIS A CB  1 
ATOM   192  C CG  . HIS A 1 25  ? 16.080  1.243   -12.195 1.00 17.10 ? 25  HIS A CG  1 
ATOM   193  N ND1 . HIS A 1 25  ? 16.657  0.310   -13.030 1.00 18.59 ? 25  HIS A ND1 1 
ATOM   194  C CD2 . HIS A 1 25  ? 17.009  2.210   -12.012 1.00 17.94 ? 25  HIS A CD2 1 
ATOM   195  C CE1 . HIS A 1 25  ? 17.882  0.697   -13.338 1.00 19.32 ? 25  HIS A CE1 1 
ATOM   196  N NE2 . HIS A 1 25  ? 18.120  1.847   -12.733 1.00 19.32 ? 25  HIS A NE2 1 
ATOM   197  N N   . ILE A 1 26  ? 11.483  2.365   -12.094 1.00 12.97 ? 26  ILE A N   1 
ATOM   198  C CA  . ILE A 1 26  ? 10.177  2.427   -11.442 1.00 11.63 ? 26  ILE A CA  1 
ATOM   199  C C   . ILE A 1 26  ? 8.966   2.406   -12.364 1.00 12.92 ? 26  ILE A C   1 
ATOM   200  O O   . ILE A 1 26  ? 8.857   3.228   -13.271 1.00 14.02 ? 26  ILE A O   1 
ATOM   201  C CB  . ILE A 1 26  ? 10.059  3.708   -10.578 1.00 12.09 ? 26  ILE A CB  1 
ATOM   202  C CG1 . ILE A 1 26  ? 11.120  3.707   -9.479  1.00 13.04 ? 26  ILE A CG1 1 
ATOM   203  C CG2 . ILE A 1 26  ? 8.660   3.815   -9.980  1.00 12.74 ? 26  ILE A CG2 1 
ATOM   204  C CD1 . ILE A 1 26  ? 11.213  5.025   -8.731  1.00 13.92 ? 26  ILE A CD1 1 
ATOM   205  N N   . ASP A 1 27  ? 8.052   1.471   -12.119 1.00 12.53 ? 27  ASP A N   1 
ATOM   206  C CA  . ASP A 1 27  ? 6.819   1.409   -12.891 1.00 13.43 ? 27  ASP A CA  1 
ATOM   207  C C   . ASP A 1 27  ? 5.709   2.027   -12.043 1.00 13.06 ? 27  ASP A C   1 
ATOM   208  O O   . ASP A 1 27  ? 4.838   2.724   -12.559 1.00 13.08 ? 27  ASP A O   1 
ATOM   209  C CB  . ASP A 1 27  ? 6.429   -0.032  -13.239 1.00 14.83 ? 27  ASP A CB  1 
ATOM   210  C CG  . ASP A 1 27  ? 7.291   -0.633  -14.334 1.00 15.93 ? 27  ASP A CG  1 
ATOM   211  O OD1 . ASP A 1 27  ? 7.779   0.118   -15.202 1.00 16.79 ? 27  ASP A OD1 1 
ATOM   212  O OD2 . ASP A 1 27  ? 7.464   -1.869  -14.332 1.00 18.60 ? 27  ASP A OD2 1 
ATOM   213  N N   . PHE A 1 28  ? 5.750   1.772   -10.735 1.00 11.64 ? 28  PHE A N   1 
ATOM   214  C CA  . PHE A 1 28  ? 4.730   2.284   -9.821  1.00 11.14 ? 28  PHE A CA  1 
ATOM   215  C C   . PHE A 1 28  ? 5.255   2.280   -8.389  1.00 9.76  ? 28  PHE A C   1 
ATOM   216  O O   . PHE A 1 28  ? 6.034   1.401   -8.009  1.00 10.33 ? 28  PHE A O   1 
ATOM   217  C CB  . PHE A 1 28  ? 3.477   1.405   -9.915  1.00 11.40 ? 28  PHE A CB  1 
ATOM   218  C CG  . PHE A 1 28  ? 2.275   1.958   -9.196  1.00 9.42  ? 28  PHE A CG  1 
ATOM   219  C CD1 . PHE A 1 28  ? 1.752   3.200   -9.540  1.00 8.94  ? 28  PHE A CD1 1 
ATOM   220  C CD2 . PHE A 1 28  ? 1.636   1.210   -8.211  1.00 10.13 ? 28  PHE A CD2 1 
ATOM   221  C CE1 . PHE A 1 28  ? 0.606   3.692   -8.916  1.00 8.81  ? 28  PHE A CE1 1 
ATOM   222  C CE2 . PHE A 1 28  ? 0.486   1.693   -7.578  1.00 9.20  ? 28  PHE A CE2 1 
ATOM   223  C CZ  . PHE A 1 28  ? -0.029  2.935   -7.934  1.00 9.01  ? 28  PHE A CZ  1 
ATOM   224  N N   . ILE A 1 29  ? 4.821   3.260   -7.601  1.00 9.65  ? 29  ILE A N   1 
ATOM   225  C CA  . ILE A 1 29  ? 5.227   3.386   -6.202  1.00 9.83  ? 29  ILE A CA  1 
ATOM   226  C C   . ILE A 1 29  ? 3.993   3.449   -5.307  1.00 9.38  ? 29  ILE A C   1 
ATOM   227  O O   . ILE A 1 29  ? 2.995   4.063   -5.671  1.00 9.47  ? 29  ILE A O   1 
ATOM   228  C CB  . ILE A 1 29  ? 6.014   4.704   -5.958  1.00 9.75  ? 29  ILE A CB  1 
ATOM   229  C CG1 . ILE A 1 29  ? 7.307   4.722   -6.778  1.00 10.24 ? 29  ILE A CG1 1 
ATOM   230  C CG2 . ILE A 1 29  ? 6.304   4.880   -4.472  1.00 11.43 ? 29  ILE A CG2 1 
ATOM   231  C CD1 . ILE A 1 29  ? 8.363   3.735   -6.323  1.00 11.38 ? 29  ILE A CD1 1 
ATOM   232  N N   . ILE A 1 30  ? 4.047   2.788   -4.155  1.00 9.42  ? 30  ILE A N   1 
ATOM   233  C CA  . ILE A 1 30  ? 2.958   2.881   -3.187  1.00 8.99  ? 30  ILE A CA  1 
ATOM   234  C C   . ILE A 1 30  ? 3.681   3.333   -1.915  1.00 9.52  ? 30  ILE A C   1 
ATOM   235  O O   . ILE A 1 30  ? 4.509   2.602   -1.366  1.00 8.80  ? 30  ILE A O   1 
ATOM   236  C CB  . ILE A 1 30  ? 2.225   1.539   -2.961  1.00 8.51  ? 30  ILE A CB  1 
ATOM   237  C CG1 . ILE A 1 30  ? 1.783   0.949   -4.305  1.00 10.70 ? 30  ILE A CG1 1 
ATOM   238  C CG2 . ILE A 1 30  ? 0.985   1.780   -2.098  1.00 10.51 ? 30  ILE A CG2 1 
ATOM   239  C CD1 . ILE A 1 30  ? 0.956   -0.322  -4.190  1.00 13.06 ? 30  ILE A CD1 1 
ATOM   240  N N   . ALA A 1 31  ? 3.384   4.553   -1.474  1.00 9.09  ? 31  ALA A N   1 
ATOM   241  C CA  . ALA A 1 31  ? 4.050   5.142   -0.312  1.00 8.60  ? 31  ALA A CA  1 
ATOM   242  C C   . ALA A 1 31  ? 3.202   5.236   0.943   1.00 8.65  ? 31  ALA A C   1 
ATOM   243  O O   . ALA A 1 31  ? 1.998   5.479   0.875   1.00 8.12  ? 31  ALA A O   1 
ATOM   244  C CB  . ALA A 1 31  ? 4.576   6.525   -0.681  1.00 9.87  ? 31  ALA A CB  1 
ATOM   245  N N   . ARG A 1 32  ? 3.850   5.072   2.093   1.00 8.25  ? 32  ARG A N   1 
ATOM   246  C CA  . ARG A 1 32  ? 3.153   5.130   3.371   1.00 8.74  ? 32  ARG A CA  1 
ATOM   247  C C   . ARG A 1 32  ? 2.787   6.544   3.802   1.00 8.57  ? 32  ARG A C   1 
ATOM   248  O O   . ARG A 1 32  ? 3.636   7.430   3.862   1.00 9.23  ? 32  ARG A O   1 
ATOM   249  C CB  . ARG A 1 32  ? 3.988   4.488   4.477   1.00 8.55  ? 32  ARG A CB  1 
ATOM   250  C CG  . ARG A 1 32  ? 3.217   4.376   5.786   1.00 8.61  ? 32  ARG A CG  1 
ATOM   251  C CD  . ARG A 1 32  ? 4.016   3.708   6.886   1.00 9.50  ? 32  ARG A CD  1 
ATOM   252  N NE  . ARG A 1 32  ? 5.125   4.542   7.340   1.00 10.23 ? 32  ARG A NE  1 
ATOM   253  C CZ  . ARG A 1 32  ? 5.843   4.295   8.430   1.00 12.00 ? 32  ARG A CZ  1 
ATOM   254  N NH1 . ARG A 1 32  ? 5.563   3.239   9.182   1.00 11.62 ? 32  ARG A NH1 1 
ATOM   255  N NH2 . ARG A 1 32  ? 6.846   5.098   8.765   1.00 12.89 ? 32  ARG A NH2 1 
ATOM   256  N N   . VAL A 1 33  ? 1.512   6.736   4.120   1.00 8.93  ? 33  VAL A N   1 
ATOM   257  C CA  . VAL A 1 33  ? 1.011   8.031   4.563   1.00 8.92  ? 33  VAL A CA  1 
ATOM   258  C C   . VAL A 1 33  ? 1.016   8.126   6.086   1.00 9.44  ? 33  VAL A C   1 
ATOM   259  O O   . VAL A 1 33  ? 1.362   9.161   6.654   1.00 10.36 ? 33  VAL A O   1 
ATOM   260  C CB  . VAL A 1 33  ? -0.429  8.262   4.068   1.00 9.00  ? 33  VAL A CB  1 
ATOM   261  C CG1 . VAL A 1 33  ? -1.006  9.524   4.695   1.00 10.83 ? 33  VAL A CG1 1 
ATOM   262  C CG2 . VAL A 1 33  ? -0.445  8.362   2.558   1.00 9.76  ? 33  VAL A CG2 1 
ATOM   263  N N   . GLN A 1 34  ? 0.634   7.041   6.748   1.00 9.41  ? 34  GLN A N   1 
ATOM   264  C CA  . GLN A 1 34  ? 0.580   7.043   8.201   1.00 9.89  ? 34  GLN A CA  1 
ATOM   265  C C   . GLN A 1 34  ? 0.706   5.639   8.766   1.00 10.72 ? 34  GLN A C   1 
ATOM   266  O O   . GLN A 1 34  ? 0.561   4.645   8.052   1.00 10.88 ? 34  GLN A O   1 
ATOM   267  C CB  . GLN A 1 34  ? -0.751  7.642   8.675   1.00 10.33 ? 34  GLN A CB  1 
ATOM   268  C CG  . GLN A 1 34  ? -1.974  6.820   8.255   1.00 10.45 ? 34  GLN A CG  1 
ATOM   269  C CD  . GLN A 1 34  ? -3.288  7.457   8.663   1.00 11.07 ? 34  GLN A CD  1 
ATOM   270  O OE1 . GLN A 1 34  ? -3.424  8.680   8.669   1.00 11.47 ? 34  GLN A OE1 1 
ATOM   271  N NE2 . GLN A 1 34  ? -4.275  6.626   8.983   1.00 10.94 ? 34  GLN A NE2 1 
ATOM   272  N N   . ASP A 1 35  ? 0.995   5.581   10.058  1.00 10.74 ? 35  ASP A N   1 
ATOM   273  C CA  . ASP A 1 35  ? 1.091   4.331   10.796  1.00 10.87 ? 35  ASP A CA  1 
ATOM   274  C C   . ASP A 1 35  ? 0.011   4.539   11.844  1.00 11.51 ? 35  ASP A C   1 
ATOM   275  O O   . ASP A 1 35  ? 0.274   5.051   12.936  1.00 12.17 ? 35  ASP A O   1 
ATOM   276  C CB  . ASP A 1 35  ? 2.464   4.196   11.451  1.00 12.79 ? 35  ASP A CB  1 
ATOM   277  C CG  . ASP A 1 35  ? 2.587   2.942   12.288  1.00 15.89 ? 35  ASP A CG  1 
ATOM   278  O OD1 . ASP A 1 35  ? 1.652   2.114   12.268  1.00 15.67 ? 35  ASP A OD1 1 
ATOM   279  O OD2 . ASP A 1 35  ? 3.626   2.784   12.962  1.00 18.47 ? 35  ASP A OD2 1 
ATOM   280  N N   . GLY A 1 36  ? -1.215  4.163   11.492  1.00 11.34 ? 36  GLY A N   1 
ATOM   281  C CA  . GLY A 1 36  ? -2.334  4.375   12.386  1.00 11.81 ? 36  GLY A CA  1 
ATOM   282  C C   . GLY A 1 36  ? -2.654  5.860   12.372  1.00 11.89 ? 36  GLY A C   1 
ATOM   283  O O   . GLY A 1 36  ? -2.020  6.636   11.653  1.00 12.62 ? 36  GLY A O   1 
ATOM   284  N N   . SER A 1 37  ? -3.640  6.269   13.160  1.00 11.87 ? 37  SER A N   1 
ATOM   285  C CA  . SER A 1 37  ? -4.007  7.679   13.224  1.00 12.51 ? 37  SER A CA  1 
ATOM   286  C C   . SER A 1 37  ? -2.973  8.531   13.946  1.00 12.26 ? 37  SER A C   1 
ATOM   287  O O   . SER A 1 37  ? -2.878  9.732   13.703  1.00 13.58 ? 37  SER A O   1 
ATOM   288  C CB  . SER A 1 37  ? -5.344  7.853   13.952  1.00 14.15 ? 37  SER A CB  1 
ATOM   289  O OG  . SER A 1 37  ? -6.442  7.540   13.122  1.00 18.08 ? 37  SER A OG  1 
ATOM   290  N N   . ASN A 1 38  ? -2.179  7.906   14.808  1.00 12.42 ? 38  ASN A N   1 
ATOM   291  C CA  . ASN A 1 38  ? -1.226  8.652   15.617  1.00 12.51 ? 38  ASN A CA  1 
ATOM   292  C C   . ASN A 1 38  ? 0.188   8.900   15.121  1.00 13.17 ? 38  ASN A C   1 
ATOM   293  O O   . ASN A 1 38  ? 0.988   9.513   15.828  1.00 14.51 ? 38  ASN A O   1 
ATOM   294  C CB  . ASN A 1 38  ? -1.180  8.035   17.015  1.00 12.32 ? 38  ASN A CB  1 
ATOM   295  C CG  . ASN A 1 38  ? -2.542  8.035   17.681  1.00 13.23 ? 38  ASN A CG  1 
ATOM   296  O OD1 . ASN A 1 38  ? -3.380  8.886   17.387  1.00 14.47 ? 38  ASN A OD1 1 
ATOM   297  N ND2 . ASN A 1 38  ? -2.766  7.090   18.586  1.00 15.49 ? 38  ASN A ND2 1 
ATOM   298  N N   . TYR A 1 39  ? 0.507   8.441   13.918  1.00 12.31 ? 39  TYR A N   1 
ATOM   299  C CA  . TYR A 1 39  ? 1.840   8.671   13.373  1.00 12.90 ? 39  TYR A CA  1 
ATOM   300  C C   . TYR A 1 39  ? 1.782   9.038   11.897  1.00 11.98 ? 39  TYR A C   1 
ATOM   301  O O   . TYR A 1 39  ? 1.341   8.244   11.061  1.00 12.69 ? 39  TYR A O   1 
ATOM   302  C CB  . TYR A 1 39  ? 2.729   7.438   13.543  1.00 13.71 ? 39  TYR A CB  1 
ATOM   303  C CG  . TYR A 1 39  ? 4.126   7.627   12.983  1.00 14.90 ? 39  TYR A CG  1 
ATOM   304  C CD1 . TYR A 1 39  ? 5.111   8.298   13.712  1.00 16.35 ? 39  TYR A CD1 1 
ATOM   305  C CD2 . TYR A 1 39  ? 4.454   7.159   11.710  1.00 14.34 ? 39  TYR A CD2 1 
ATOM   306  C CE1 . TYR A 1 39  ? 6.390   8.496   13.184  1.00 16.58 ? 39  TYR A CE1 1 
ATOM   307  C CE2 . TYR A 1 39  ? 5.725   7.354   11.174  1.00 16.52 ? 39  TYR A CE2 1 
ATOM   308  C CZ  . TYR A 1 39  ? 6.686   8.019   11.916  1.00 16.56 ? 39  TYR A CZ  1 
ATOM   309  O OH  . TYR A 1 39  ? 7.944   8.205   11.387  1.00 18.74 ? 39  TYR A OH  1 
ATOM   310  N N   . VAL A 1 40  ? 2.226   10.247  11.584  1.00 11.76 ? 40  VAL A N   1 
ATOM   311  C CA  . VAL A 1 40  ? 2.256   10.733  10.211  1.00 10.92 ? 40  VAL A CA  1 
ATOM   312  C C   . VAL A 1 40  ? 3.633   10.423  9.636   1.00 11.01 ? 40  VAL A C   1 
ATOM   313  O O   . VAL A 1 40  ? 4.644   10.794  10.229  1.00 12.57 ? 40  VAL A O   1 
ATOM   314  C CB  . VAL A 1 40  ? 2.033   12.263  10.158  1.00 12.46 ? 40  VAL A CB  1 
ATOM   315  C CG1 . VAL A 1 40  ? 2.172   12.766  8.729   1.00 14.93 ? 40  VAL A CG1 1 
ATOM   316  C CG2 . VAL A 1 40  ? 0.657   12.605  10.704  1.00 15.03 ? 40  VAL A CG2 1 
ATOM   317  N N   . ASP A 1 41  ? 3.690   9.734   8.497   1.00 10.98 ? 41  ASP A N   1 
ATOM   318  C CA  . ASP A 1 41  ? 4.990   9.429   7.903   1.00 11.13 ? 41  ASP A CA  1 
ATOM   319  C C   . ASP A 1 41  ? 5.634   10.765  7.530   1.00 10.92 ? 41  ASP A C   1 
ATOM   320  O O   . ASP A 1 41  ? 5.074   11.535  6.752   1.00 10.89 ? 41  ASP A O   1 
ATOM   321  C CB  . ASP A 1 41  ? 4.833   8.557   6.659   1.00 10.90 ? 41  ASP A CB  1 
ATOM   322  C CG  . ASP A 1 41  ? 6.162   8.061   6.133   1.00 9.72  ? 41  ASP A CG  1 
ATOM   323  O OD1 . ASP A 1 41  ? 6.511   6.888   6.392   1.00 9.93  ? 41  ASP A OD1 1 
ATOM   324  O OD2 . ASP A 1 41  ? 6.868   8.858   5.480   1.00 10.67 ? 41  ASP A OD2 1 
ATOM   325  N N   . PRO A 1 42  ? 6.829   11.047  8.074   1.00 10.96 ? 42  PRO A N   1 
ATOM   326  C CA  . PRO A 1 42  ? 7.558   12.294  7.824   1.00 10.96 ? 42  PRO A CA  1 
ATOM   327  C C   . PRO A 1 42  ? 8.213   12.532  6.469   1.00 11.24 ? 42  PRO A C   1 
ATOM   328  O O   . PRO A 1 42  ? 8.620   13.658  6.186   1.00 13.00 ? 42  PRO A O   1 
ATOM   329  C CB  . PRO A 1 42  ? 8.573   12.320  8.962   1.00 12.79 ? 42  PRO A CB  1 
ATOM   330  C CG  . PRO A 1 42  ? 8.928   10.881  9.095   1.00 11.95 ? 42  PRO A CG  1 
ATOM   331  C CD  . PRO A 1 42  ? 7.569   10.193  9.021   1.00 11.28 ? 42  PRO A CD  1 
ATOM   332  N N   . LEU A 1 43  ? 8.328   11.503  5.634   1.00 10.33 ? 43  LEU A N   1 
ATOM   333  C CA  . LEU A 1 43  ? 8.945   11.696  4.325   1.00 11.60 ? 43  LEU A CA  1 
ATOM   334  C C   . LEU A 1 43  ? 7.950   11.601  3.173   1.00 10.28 ? 43  LEU A C   1 
ATOM   335  O O   . LEU A 1 43  ? 8.275   11.951  2.037   1.00 10.48 ? 43  LEU A O   1 
ATOM   336  C CB  . LEU A 1 43  ? 10.081  10.692  4.101   1.00 11.98 ? 43  LEU A CB  1 
ATOM   337  C CG  . LEU A 1 43  ? 11.311  10.831  5.003   1.00 13.38 ? 43  LEU A CG  1 
ATOM   338  C CD1 . LEU A 1 43  ? 12.421  9.927   4.483   1.00 14.49 ? 43  LEU A CD1 1 
ATOM   339  C CD2 . LEU A 1 43  ? 11.787  12.279  5.016   1.00 15.03 ? 43  LEU A CD2 1 
ATOM   340  N N   . TYR A 1 44  ? 6.739   11.147  3.474   1.00 10.07 ? 44  TYR A N   1 
ATOM   341  C CA  . TYR A 1 44  ? 5.691   10.999  2.469   1.00 9.17  ? 44  TYR A CA  1 
ATOM   342  C C   . TYR A 1 44  ? 5.469   12.232  1.587   1.00 9.19  ? 44  TYR A C   1 
ATOM   343  O O   . TYR A 1 44  ? 5.508   12.135  0.362   1.00 9.51  ? 44  TYR A O   1 
ATOM   344  C CB  . TYR A 1 44  ? 4.367   10.624  3.138   1.00 9.65  ? 44  TYR A CB  1 
ATOM   345  C CG  . TYR A 1 44  ? 3.216   10.569  2.164   1.00 8.99  ? 44  TYR A CG  1 
ATOM   346  C CD1 . TYR A 1 44  ? 3.075   9.497   1.280   1.00 9.51  ? 44  TYR A CD1 1 
ATOM   347  C CD2 . TYR A 1 44  ? 2.304   11.621  2.075   1.00 9.96  ? 44  TYR A CD2 1 
ATOM   348  C CE1 . TYR A 1 44  ? 2.056   9.479   0.329   1.00 10.29 ? 44  TYR A CE1 1 
ATOM   349  C CE2 . TYR A 1 44  ? 1.288   11.612  1.129   1.00 9.93  ? 44  TYR A CE2 1 
ATOM   350  C CZ  . TYR A 1 44  ? 1.169   10.540  0.259   1.00 9.72  ? 44  TYR A CZ  1 
ATOM   351  O OH  . TYR A 1 44  ? 0.169   10.550  -0.684  1.00 9.58  ? 44  TYR A OH  1 
ATOM   352  N N   . LYS A 1 45  ? 5.224   13.385  2.199   1.00 10.03 ? 45  LYS A N   1 
ATOM   353  C CA  . LYS A 1 45  ? 4.976   14.596  1.419   1.00 10.62 ? 45  LYS A CA  1 
ATOM   354  C C   . LYS A 1 45  ? 6.122   14.936  0.472   1.00 10.32 ? 45  LYS A C   1 
ATOM   355  O O   . LYS A 1 45  ? 5.890   15.334  -0.673  1.00 11.96 ? 45  LYS A O   1 
ATOM   356  C CB  . LYS A 1 45  ? 4.685   15.778  2.345   1.00 13.19 ? 45  LYS A CB  1 
ATOM   357  C CG  . LYS A 1 45  ? 3.338   15.682  3.046   1.00 17.59 ? 45  LYS A CG  1 
ATOM   358  C CD  . LYS A 1 45  ? 2.995   16.983  3.751   1.00 20.86 ? 45  LYS A CD  1 
ATOM   359  C CE  . LYS A 1 45  ? 1.616   16.923  4.387   1.00 23.15 ? 45  LYS A CE  1 
ATOM   360  N NZ  . LYS A 1 45  ? 1.235   18.224  5.002   1.00 26.52 ? 45  LYS A NZ  1 
ATOM   361  N N   . GLY A 1 46  ? 7.353   14.779  0.947   1.00 10.60 ? 46  GLY A N   1 
ATOM   362  C CA  . GLY A 1 46  ? 8.505   15.058  0.110   1.00 10.96 ? 46  GLY A CA  1 
ATOM   363  C C   . GLY A 1 46  ? 8.593   14.060  -1.031  1.00 10.76 ? 46  GLY A C   1 
ATOM   364  O O   . GLY A 1 46  ? 8.965   14.412  -2.151  1.00 11.88 ? 46  GLY A O   1 
ATOM   365  N N   . TYR A 1 47  ? 8.254   12.803  -0.752  1.00 10.60 ? 47  TYR A N   1 
ATOM   366  C CA  . TYR A 1 47  ? 8.290   11.779  -1.788  1.00 10.46 ? 47  TYR A CA  1 
ATOM   367  C C   . TYR A 1 47  ? 7.290   12.116  -2.888  1.00 10.48 ? 47  TYR A C   1 
ATOM   368  O O   . TYR A 1 47  ? 7.601   12.023  -4.075  1.00 11.04 ? 47  TYR A O   1 
ATOM   369  C CB  . TYR A 1 47  ? 7.929   10.403  -1.228  1.00 10.00 ? 47  TYR A CB  1 
ATOM   370  C CG  . TYR A 1 47  ? 8.956   9.745   -0.331  1.00 9.38  ? 47  TYR A CG  1 
ATOM   371  C CD1 . TYR A 1 47  ? 10.323  10.016  -0.455  1.00 10.82 ? 47  TYR A CD1 1 
ATOM   372  C CD2 . TYR A 1 47  ? 8.563   8.771   0.580   1.00 9.46  ? 47  TYR A CD2 1 
ATOM   373  C CE1 . TYR A 1 47  ? 11.268  9.320   0.310   1.00 10.68 ? 47  TYR A CE1 1 
ATOM   374  C CE2 . TYR A 1 47  ? 9.488   8.073   1.336   1.00 9.73  ? 47  TYR A CE2 1 
ATOM   375  C CZ  . TYR A 1 47  ? 10.837  8.343   1.199   1.00 8.99  ? 47  TYR A CZ  1 
ATOM   376  O OH  . TYR A 1 47  ? 11.741  7.610   1.937   1.00 12.85 ? 47  TYR A OH  1 
ATOM   377  N N   . VAL A 1 48  ? 6.080   12.493  -2.489  1.00 10.59 ? 48  VAL A N   1 
ATOM   378  C CA  . VAL A 1 48  ? 5.045   12.829  -3.453  1.00 10.94 ? 48  VAL A CA  1 
ATOM   379  C C   . VAL A 1 48  ? 5.448   14.007  -4.326  1.00 11.54 ? 48  VAL A C   1 
ATOM   380  O O   . VAL A 1 48  ? 5.269   13.970  -5.542  1.00 11.65 ? 48  VAL A O   1 
ATOM   381  C CB  . VAL A 1 48  ? 3.705   13.143  -2.750  1.00 12.22 ? 48  VAL A CB  1 
ATOM   382  C CG1 . VAL A 1 48  ? 2.720   13.745  -3.742  1.00 14.78 ? 48  VAL A CG1 1 
ATOM   383  C CG2 . VAL A 1 48  ? 3.130   11.869  -2.156  1.00 14.14 ? 48  VAL A CG2 1 
ATOM   384  N N   . GLN A 1 49  ? 5.988   15.052  -3.710  1.00 12.34 ? 49  GLN A N   1 
ATOM   385  C CA  . GLN A 1 49  ? 6.420   16.225  -4.460  1.00 13.22 ? 49  GLN A CA  1 
ATOM   386  C C   . GLN A 1 49  ? 7.433   15.807  -5.526  1.00 12.89 ? 49  GLN A C   1 
ATOM   387  O O   . GLN A 1 49  ? 7.338   16.220  -6.686  1.00 13.88 ? 49  GLN A O   1 
ATOM   388  C CB  . GLN A 1 49  ? 7.043   17.253  -3.509  1.00 16.34 ? 49  GLN A CB  1 
ATOM   389  C CG  . GLN A 1 49  ? 7.556   18.516  -4.181  1.00 22.50 ? 49  GLN A CG  1 
ATOM   390  C CD  . GLN A 1 49  ? 8.140   19.505  -3.186  1.00 25.25 ? 49  GLN A CD  1 
ATOM   391  O OE1 . GLN A 1 49  ? 9.070   19.183  -2.445  1.00 28.97 ? 49  GLN A OE1 1 
ATOM   392  N NE2 . GLN A 1 49  ? 7.595   20.716  -3.166  1.00 28.44 ? 49  GLN A NE2 1 
ATOM   393  N N   . ALA A 1 50  ? 8.392   14.973  -5.134  1.00 11.71 ? 50  ALA A N   1 
ATOM   394  C CA  . ALA A 1 50  ? 9.416   14.499  -6.057  1.00 11.53 ? 50  ALA A CA  1 
ATOM   395  C C   . ALA A 1 50  ? 8.838   13.603  -7.148  1.00 12.42 ? 50  ALA A C   1 
ATOM   396  O O   . ALA A 1 50  ? 9.190   13.739  -8.319  1.00 12.92 ? 50  ALA A O   1 
ATOM   397  C CB  . ALA A 1 50  ? 10.501  13.751  -5.292  1.00 13.18 ? 50  ALA A CB  1 
ATOM   398  N N   . MET A 1 51  ? 7.958   12.680  -6.779  1.00 12.01 ? 51  MET A N   1 
ATOM   399  C CA  . MET A 1 51  ? 7.382   11.800  -7.788  1.00 11.55 ? 51  MET A CA  1 
ATOM   400  C C   . MET A 1 51  ? 6.573   12.577  -8.825  1.00 12.52 ? 51  MET A C   1 
ATOM   401  O O   . MET A 1 51  ? 6.623   12.267  -10.017 1.00 12.31 ? 51  MET A O   1 
ATOM   402  C CB  . MET A 1 51  ? 6.522   10.719  -7.130  1.00 11.11 ? 51  MET A CB  1 
ATOM   403  C CG  . MET A 1 51  ? 7.340   9.726   -6.320  1.00 10.29 ? 51  MET A CG  1 
ATOM   404  S SD  . MET A 1 51  ? 6.379   8.321   -5.723  1.00 10.73 ? 51  MET A SD  1 
ATOM   405  C CE  . MET A 1 51  ? 5.513   9.063   -4.346  1.00 11.91 ? 51  MET A CE  1 
ATOM   406  N N   . LYS A 1 52  ? 5.834   13.593  -8.388  1.00 11.68 ? 52  LYS A N   1 
ATOM   407  C CA  . LYS A 1 52  ? 5.049   14.384  -9.330  1.00 13.33 ? 52  LYS A CA  1 
ATOM   408  C C   . LYS A 1 52  ? 5.979   15.128  -10.280 1.00 14.77 ? 52  LYS A C   1 
ATOM   409  O O   . LYS A 1 52  ? 5.736   15.188  -11.484 1.00 15.30 ? 52  LYS A O   1 
ATOM   410  C CB  . LYS A 1 52  ? 4.159   15.381  -8.591  1.00 14.56 ? 52  LYS A CB  1 
ATOM   411  C CG  . LYS A 1 52  ? 3.000   14.742  -7.860  1.00 17.57 ? 52  LYS A CG  1 
ATOM   412  C CD  . LYS A 1 52  ? 2.158   15.794  -7.165  1.00 21.10 ? 52  LYS A CD  1 
ATOM   413  C CE  . LYS A 1 52  ? 0.973   15.166  -6.464  1.00 22.65 ? 52  LYS A CE  1 
ATOM   414  N NZ  . LYS A 1 52  ? 0.140   16.185  -5.774  1.00 26.42 ? 52  LYS A NZ  1 
ATOM   415  N N   . GLN A 1 53  ? 7.050   15.690  -9.729  1.00 15.12 ? 53  GLN A N   1 
ATOM   416  C CA  . GLN A 1 53  ? 8.029   16.423  -10.523 1.00 16.14 ? 53  GLN A CA  1 
ATOM   417  C C   . GLN A 1 53  ? 8.684   15.525  -11.567 1.00 14.72 ? 53  GLN A C   1 
ATOM   418  O O   . GLN A 1 53  ? 8.976   15.964  -12.681 1.00 16.33 ? 53  GLN A O   1 
ATOM   419  C CB  . GLN A 1 53  ? 9.107   17.011  -9.610  1.00 18.12 ? 53  GLN A CB  1 
ATOM   420  C CG  . GLN A 1 53  ? 8.626   18.146  -8.728  1.00 23.14 ? 53  GLN A CG  1 
ATOM   421  C CD  . GLN A 1 53  ? 8.272   19.383  -9.527  1.00 26.67 ? 53  GLN A CD  1 
ATOM   422  O OE1 . GLN A 1 53  ? 9.110   19.931  -10.242 1.00 27.70 ? 53  GLN A OE1 1 
ATOM   423  N NE2 . GLN A 1 53  ? 7.024   19.827  -9.413  1.00 29.78 ? 53  GLN A NE2 1 
ATOM   424  N N   . HIS A 1 54  ? 8.908   14.265  -11.203 1.00 13.26 ? 54  HIS A N   1 
ATOM   425  C CA  . HIS A 1 54  ? 9.549   13.305  -12.095 1.00 13.03 ? 54  HIS A CA  1 
ATOM   426  C C   . HIS A 1 54  ? 8.571   12.467  -12.917 1.00 12.59 ? 54  HIS A C   1 
ATOM   427  O O   . HIS A 1 54  ? 8.983   11.543  -13.613 1.00 14.05 ? 54  HIS A O   1 
ATOM   428  C CB  . HIS A 1 54  ? 10.467  12.379  -11.285 1.00 12.89 ? 54  HIS A CB  1 
ATOM   429  C CG  . HIS A 1 54  ? 11.687  13.058  -10.742 1.00 13.67 ? 54  HIS A CG  1 
ATOM   430  N ND1 . HIS A 1 54  ? 12.890  13.078  -11.413 1.00 13.73 ? 54  HIS A ND1 1 
ATOM   431  C CD2 . HIS A 1 54  ? 11.880  13.768  -9.605  1.00 11.05 ? 54  HIS A CD2 1 
ATOM   432  C CE1 . HIS A 1 54  ? 13.772  13.769  -10.715 1.00 13.92 ? 54  HIS A CE1 1 
ATOM   433  N NE2 . HIS A 1 54  ? 13.184  14.199  -9.612  1.00 11.85 ? 54  HIS A NE2 1 
ATOM   434  N N   . GLY A 1 55  ? 7.281   12.786  -12.833 1.00 12.51 ? 55  GLY A N   1 
ATOM   435  C CA  . GLY A 1 55  ? 6.285   12.047  -13.594 1.00 13.18 ? 55  GLY A CA  1 
ATOM   436  C C   . GLY A 1 55  ? 6.156   10.580  -13.219 1.00 12.86 ? 55  GLY A C   1 
ATOM   437  O O   . GLY A 1 55  ? 5.930   9.729   -14.080 1.00 13.89 ? 55  GLY A O   1 
ATOM   438  N N   . ILE A 1 56  ? 6.297   10.280  -11.935 1.00 11.60 ? 56  ILE A N   1 
ATOM   439  C CA  . ILE A 1 56  ? 6.198   8.907   -11.447 1.00 10.87 ? 56  ILE A CA  1 
ATOM   440  C C   . ILE A 1 56  ? 4.831   8.681   -10.809 1.00 10.71 ? 56  ILE A C   1 
ATOM   441  O O   . ILE A 1 56  ? 4.452   9.393   -9.878  1.00 12.03 ? 56  ILE A O   1 
ATOM   442  C CB  . ILE A 1 56  ? 7.291   8.626   -10.394 1.00 10.63 ? 56  ILE A CB  1 
ATOM   443  C CG1 . ILE A 1 56  ? 8.671   8.728   -11.049 1.00 11.65 ? 56  ILE A CG1 1 
ATOM   444  C CG2 . ILE A 1 56  ? 7.075   7.255   -9.756  1.00 11.38 ? 56  ILE A CG2 1 
ATOM   445  C CD1 . ILE A 1 56  ? 9.824   8.673   -10.070 1.00 12.57 ? 56  ILE A CD1 1 
ATOM   446  N N   . PRO A 1 57  ? 4.068   7.692   -11.310 1.00 10.81 ? 57  PRO A N   1 
ATOM   447  C CA  . PRO A 1 57  ? 2.740   7.392   -10.766 1.00 10.44 ? 57  PRO A CA  1 
ATOM   448  C C   . PRO A 1 57  ? 2.857   6.704   -9.410  1.00 9.67  ? 57  PRO A C   1 
ATOM   449  O O   . PRO A 1 57  ? 3.769   5.907   -9.184  1.00 10.15 ? 57  PRO A O   1 
ATOM   450  C CB  . PRO A 1 57  ? 2.126   6.489   -11.833 1.00 11.50 ? 57  PRO A CB  1 
ATOM   451  C CG  . PRO A 1 57  ? 3.311   5.747   -12.349 1.00 11.63 ? 57  PRO A CG  1 
ATOM   452  C CD  . PRO A 1 57  ? 4.371   6.823   -12.463 1.00 12.13 ? 57  PRO A CD  1 
ATOM   453  N N   . PHE A 1 58  ? 1.929   7.007   -8.507  1.00 9.77  ? 58  PHE A N   1 
ATOM   454  C CA  . PHE A 1 58  ? 1.983   6.420   -7.177  1.00 9.97  ? 58  PHE A CA  1 
ATOM   455  C C   . PHE A 1 58  ? 0.623   6.219   -6.534  1.00 9.23  ? 58  PHE A C   1 
ATOM   456  O O   . PHE A 1 58  ? -0.389  6.770   -6.978  1.00 9.84  ? 58  PHE A O   1 
ATOM   457  C CB  . PHE A 1 58  ? 2.821   7.312   -6.256  1.00 9.72  ? 58  PHE A CB  1 
ATOM   458  C CG  . PHE A 1 58  ? 2.162   8.626   -5.923  1.00 11.22 ? 58  PHE A CG  1 
ATOM   459  C CD1 . PHE A 1 58  ? 1.319   8.742   -4.822  1.00 10.85 ? 58  PHE A CD1 1 
ATOM   460  C CD2 . PHE A 1 58  ? 2.354   9.738   -6.735  1.00 11.74 ? 58  PHE A CD2 1 
ATOM   461  C CE1 . PHE A 1 58  ? 0.678   9.948   -4.536  1.00 11.28 ? 58  PHE A CE1 1 
ATOM   462  C CE2 . PHE A 1 58  ? 1.718   10.948  -6.457  1.00 13.14 ? 58  PHE A CE2 1 
ATOM   463  C CZ  . PHE A 1 58  ? 0.877   11.052  -5.354  1.00 12.26 ? 58  PHE A CZ  1 
ATOM   464  N N   . GLY A 1 59  ? 0.644   5.428   -5.465  1.00 9.71  ? 59  GLY A N   1 
ATOM   465  C CA  . GLY A 1 59  ? -0.531  5.137   -4.670  1.00 10.52 ? 59  GLY A CA  1 
ATOM   466  C C   . GLY A 1 59  ? -0.158  5.366   -3.214  1.00 8.61  ? 59  GLY A C   1 
ATOM   467  O O   . GLY A 1 59  ? 1.015   5.599   -2.901  1.00 9.35  ? 59  GLY A O   1 
ATOM   468  N N   . ASN A 1 60  ? -1.147  5.281   -2.328  1.00 9.07  ? 60  ASN A N   1 
ATOM   469  C CA  . ASN A 1 60  ? -0.959  5.505   -0.893  1.00 9.05  ? 60  ASN A CA  1 
ATOM   470  C C   . ASN A 1 60  ? -1.303  4.266   -0.076  1.00 9.06  ? 60  ASN A C   1 
ATOM   471  O O   . ASN A 1 60  ? -2.191  3.507   -0.447  1.00 9.76  ? 60  ASN A O   1 
ATOM   472  C CB  . ASN A 1 60  ? -1.913  6.599   -0.392  1.00 9.79  ? 60  ASN A CB  1 
ATOM   473  C CG  . ASN A 1 60  ? -1.689  7.947   -1.042  1.00 9.03  ? 60  ASN A CG  1 
ATOM   474  O OD1 . ASN A 1 60  ? -2.593  8.795   -1.054  1.00 12.47 ? 60  ASN A OD1 1 
ATOM   475  N ND2 . ASN A 1 60  ? -0.495  8.170   -1.558  1.00 7.40  ? 60  ASN A ND2 1 
ATOM   476  N N   . TYR A 1 61  ? -0.607  4.063   1.040   1.00 9.09  ? 61  TYR A N   1 
ATOM   477  C CA  . TYR A 1 61  ? -0.966  2.968   1.930   1.00 8.38  ? 61  TYR A CA  1 
ATOM   478  C C   . TYR A 1 61  ? -0.869  3.466   3.365   1.00 8.51  ? 61  TYR A C   1 
ATOM   479  O O   . TYR A 1 61  ? -0.136  4.412   3.667   1.00 9.53  ? 61  TYR A O   1 
ATOM   480  C CB  . TYR A 1 61  ? -0.118  1.701   1.684   1.00 9.13  ? 61  TYR A CB  1 
ATOM   481  C CG  . TYR A 1 61  ? 1.246   1.617   2.338   1.00 7.98  ? 61  TYR A CG  1 
ATOM   482  C CD1 . TYR A 1 61  ? 1.382   1.311   3.697   1.00 9.84  ? 61  TYR A CD1 1 
ATOM   483  C CD2 . TYR A 1 61  ? 2.407   1.769   1.580   1.00 8.67  ? 61  TYR A CD2 1 
ATOM   484  C CE1 . TYR A 1 61  ? 2.642   1.151   4.277   1.00 8.89  ? 61  TYR A CE1 1 
ATOM   485  C CE2 . TYR A 1 61  ? 3.666   1.612   2.149   1.00 9.19  ? 61  TYR A CE2 1 
ATOM   486  C CZ  . TYR A 1 61  ? 3.777   1.302   3.494   1.00 8.95  ? 61  TYR A CZ  1 
ATOM   487  O OH  . TYR A 1 61  ? 5.032   1.125   4.039   1.00 9.48  ? 61  TYR A OH  1 
ATOM   488  N N   . ALA A 1 62  ? -1.665  2.866   4.237   1.00 9.31  ? 62  ALA A N   1 
ATOM   489  C CA  . ALA A 1 62  ? -1.674  3.244   5.641   1.00 8.66  ? 62  ALA A CA  1 
ATOM   490  C C   . ALA A 1 62  ? -1.681  1.990   6.499   1.00 9.33  ? 62  ALA A C   1 
ATOM   491  O O   . ALA A 1 62  ? -2.481  1.082   6.274   1.00 9.55  ? 62  ALA A O   1 
ATOM   492  C CB  . ALA A 1 62  ? -2.907  4.089   5.952   1.00 11.14 ? 62  ALA A CB  1 
ATOM   493  N N   . PHE A 1 63  ? -0.778  1.933   7.472   1.00 10.28 ? 63  PHE A N   1 
ATOM   494  C CA  . PHE A 1 63  ? -0.741  0.791   8.371   1.00 8.95  ? 63  PHE A CA  1 
ATOM   495  C C   . PHE A 1 63  ? -1.953  0.982   9.274   1.00 9.58  ? 63  PHE A C   1 
ATOM   496  O O   . PHE A 1 63  ? -2.154  2.067   9.828   1.00 11.39 ? 63  PHE A O   1 
ATOM   497  C CB  . PHE A 1 63  ? 0.555   0.784   9.182   1.00 10.95 ? 63  PHE A CB  1 
ATOM   498  C CG  . PHE A 1 63  ? 0.780   -0.486  9.951   1.00 10.20 ? 63  PHE A CG  1 
ATOM   499  C CD1 . PHE A 1 63  ? 0.136   -0.704  11.165  1.00 11.12 ? 63  PHE A CD1 1 
ATOM   500  C CD2 . PHE A 1 63  ? 1.620   -1.474  9.449   1.00 11.43 ? 63  PHE A CD2 1 
ATOM   501  C CE1 . PHE A 1 63  ? 0.325   -1.889  11.871  1.00 12.30 ? 63  PHE A CE1 1 
ATOM   502  C CE2 . PHE A 1 63  ? 1.817   -2.667  10.146  1.00 11.94 ? 63  PHE A CE2 1 
ATOM   503  C CZ  . PHE A 1 63  ? 1.168   -2.874  11.359  1.00 12.21 ? 63  PHE A CZ  1 
ATOM   504  N N   . CYS A 1 64  ? -2.766  -0.059  9.406   1.00 10.03 ? 64  CYS A N   1 
ATOM   505  C CA  . CYS A 1 64  ? -3.986  0.016   10.203  1.00 10.34 ? 64  CYS A CA  1 
ATOM   506  C C   . CYS A 1 64  ? -3.800  -0.336  11.668  1.00 9.90  ? 64  CYS A C   1 
ATOM   507  O O   . CYS A 1 64  ? -3.173  -1.343  12.004  1.00 10.75 ? 64  CYS A O   1 
ATOM   508  C CB  . CYS A 1 64  ? -5.056  -0.895  9.599   1.00 10.02 ? 64  CYS A CB  1 
ATOM   509  S SG  . CYS A 1 64  ? -5.522  -0.457  7.913   1.00 11.51 ? 64  CYS A SG  1 
ATOM   510  N N   . ARG A 1 65  ? -4.360  0.501   12.538  1.00 10.45 ? 65  ARG A N   1 
ATOM   511  C CA  . ARG A 1 65  ? -4.270  0.286   13.979  1.00 11.86 ? 65  ARG A CA  1 
ATOM   512  C C   . ARG A 1 65  ? -5.583  0.622   14.680  1.00 12.02 ? 65  ARG A C   1 
ATOM   513  O O   . ARG A 1 65  ? -5.600  0.953   15.867  1.00 11.29 ? 65  ARG A O   1 
ATOM   514  C CB  . ARG A 1 65  ? -3.124  1.121   14.561  1.00 13.51 ? 65  ARG A CB  1 
ATOM   515  C CG  . ARG A 1 65  ? -1.752  0.605   14.150  1.00 15.49 ? 65  ARG A CG  1 
ATOM   516  C CD  . ARG A 1 65  ? -0.611  1.395   14.766  1.00 16.47 ? 65  ARG A CD  1 
ATOM   517  N NE  . ARG A 1 65  ? 0.682   0.787   14.454  1.00 15.84 ? 65  ARG A NE  1 
ATOM   518  C CZ  . ARG A 1 65  ? 1.137   -0.338  14.996  1.00 14.89 ? 65  ARG A CZ  1 
ATOM   519  N NH1 . ARG A 1 65  ? 0.412   -0.994  15.895  1.00 16.23 ? 65  ARG A NH1 1 
ATOM   520  N NH2 . ARG A 1 65  ? 2.318   -0.821  14.632  1.00 17.41 ? 65  ARG A NH2 1 
ATOM   521  N N   . PHE A 1 66  ? -6.688  0.525   13.950  1.00 11.21 ? 66  PHE A N   1 
ATOM   522  C CA  . PHE A 1 66  ? -7.991  0.833   14.526  1.00 11.51 ? 66  PHE A CA  1 
ATOM   523  C C   . PHE A 1 66  ? -8.415  -0.178  15.590  1.00 11.27 ? 66  PHE A C   1 
ATOM   524  O O   . PHE A 1 66  ? -8.131  -1.372  15.482  1.00 11.85 ? 66  PHE A O   1 
ATOM   525  C CB  . PHE A 1 66  ? -9.048  0.954   13.419  1.00 11.40 ? 66  PHE A CB  1 
ATOM   526  C CG  . PHE A 1 66  ? -8.952  -0.103  12.352  1.00 10.92 ? 66  PHE A CG  1 
ATOM   527  C CD1 . PHE A 1 66  ? -9.268  -1.428  12.630  1.00 11.65 ? 66  PHE A CD1 1 
ATOM   528  C CD2 . PHE A 1 66  ? -8.555  0.236   11.058  1.00 10.82 ? 66  PHE A CD2 1 
ATOM   529  C CE1 . PHE A 1 66  ? -9.194  -2.403  11.636  1.00 11.83 ? 66  PHE A CE1 1 
ATOM   530  C CE2 . PHE A 1 66  ? -8.479  -0.735  10.054  1.00 10.46 ? 66  PHE A CE2 1 
ATOM   531  C CZ  . PHE A 1 66  ? -8.799  -2.056  10.346  1.00 11.10 ? 66  PHE A CZ  1 
ATOM   532  N N   . VAL A 1 67  ? -9.097  0.315   16.622  1.00 11.85 ? 67  VAL A N   1 
ATOM   533  C CA  . VAL A 1 67  ? -9.522  -0.526  17.738  1.00 12.15 ? 67  VAL A CA  1 
ATOM   534  C C   . VAL A 1 67  ? -11.024 -0.780  17.821  1.00 12.48 ? 67  VAL A C   1 
ATOM   535  O O   . VAL A 1 67  ? -11.494 -1.482  18.721  1.00 13.69 ? 67  VAL A O   1 
ATOM   536  C CB  . VAL A 1 67  ? -9.045  0.082   19.079  1.00 12.01 ? 67  VAL A CB  1 
ATOM   537  C CG1 . VAL A 1 67  ? -7.527  0.187   19.087  1.00 12.74 ? 67  VAL A CG1 1 
ATOM   538  C CG2 . VAL A 1 67  ? -9.663  1.455   19.277  1.00 13.45 ? 67  VAL A CG2 1 
ATOM   539  N N   . SER A 1 68  ? -11.773 -0.204  16.889  1.00 12.70 ? 68  SER A N   1 
ATOM   540  C CA  . SER A 1 68  ? -13.219 -0.370  16.844  1.00 13.09 ? 68  SER A CA  1 
ATOM   541  C C   . SER A 1 68  ? -13.710 0.106   15.486  1.00 13.02 ? 68  SER A C   1 
ATOM   542  O O   . SER A 1 68  ? -12.945 0.687   14.714  1.00 11.98 ? 68  SER A O   1 
ATOM   543  C CB  . SER A 1 68  ? -13.889 0.462   17.939  1.00 13.19 ? 68  SER A CB  1 
ATOM   544  O OG  . SER A 1 68  ? -13.809 1.844   17.635  1.00 15.95 ? 68  SER A OG  1 
ATOM   545  N N   . ILE A 1 69  ? -14.985 -0.132  15.201  1.00 14.65 ? 69  ILE A N   1 
ATOM   546  C CA  . ILE A 1 69  ? -15.573 0.288   13.936  1.00 14.11 ? 69  ILE A CA  1 
ATOM   547  C C   . ILE A 1 69  ? -15.486 1.808   13.786  1.00 13.42 ? 69  ILE A C   1 
ATOM   548  O O   . ILE A 1 69  ? -15.071 2.323   12.743  1.00 13.62 ? 69  ILE A O   1 
ATOM   549  C CB  . ILE A 1 69  ? -17.056 -0.147  13.844  1.00 15.72 ? 69  ILE A CB  1 
ATOM   550  C CG1 . ILE A 1 69  ? -17.148 -1.673  13.844  1.00 17.02 ? 69  ILE A CG1 1 
ATOM   551  C CG2 . ILE A 1 69  ? -17.700 0.434   12.593  1.00 16.50 ? 69  ILE A CG2 1 
ATOM   552  C CD1 . ILE A 1 69  ? -16.490 -2.328  12.651  1.00 18.21 ? 69  ILE A CD1 1 
ATOM   553  N N   . ALA A 1 70  ? -15.874 2.526   14.835  1.00 13.27 ? 70  ALA A N   1 
ATOM   554  C CA  . ALA A 1 70  ? -15.835 3.981   14.816  1.00 12.23 ? 70  ALA A CA  1 
ATOM   555  C C   . ALA A 1 70  ? -14.405 4.470   14.635  1.00 11.82 ? 70  ALA A C   1 
ATOM   556  O O   . ALA A 1 70  ? -14.151 5.406   13.881  1.00 12.54 ? 70  ALA A O   1 
ATOM   557  C CB  . ALA A 1 70  ? -16.413 4.540   16.113  1.00 13.62 ? 70  ALA A CB  1 
ATOM   558  N N   . ASP A 1 71  ? -13.470 3.831   15.329  1.00 11.18 ? 71  ASP A N   1 
ATOM   559  C CA  . ASP A 1 71  ? -12.070 4.221   15.240  1.00 11.31 ? 71  ASP A CA  1 
ATOM   560  C C   . ASP A 1 71  ? -11.497 3.938   13.849  1.00 11.14 ? 71  ASP A C   1 
ATOM   561  O O   . ASP A 1 71  ? -10.598 4.639   13.386  1.00 11.62 ? 71  ASP A O   1 
ATOM   562  C CB  . ASP A 1 71  ? -11.262 3.491   16.314  1.00 12.05 ? 71  ASP A CB  1 
ATOM   563  C CG  . ASP A 1 71  ? -9.873  4.054   16.475  1.00 11.53 ? 71  ASP A CG  1 
ATOM   564  O OD1 . ASP A 1 71  ? -9.751  5.272   16.728  1.00 12.38 ? 71  ASP A OD1 1 
ATOM   565  O OD2 . ASP A 1 71  ? -8.904  3.280   16.355  1.00 11.92 ? 71  ASP A OD2 1 
ATOM   566  N N   . ALA A 1 72  ? -12.020 2.909   13.188  1.00 11.29 ? 72  ALA A N   1 
ATOM   567  C CA  . ALA A 1 72  ? -11.575 2.555   11.844  1.00 10.78 ? 72  ALA A CA  1 
ATOM   568  C C   . ALA A 1 72  ? -11.978 3.660   10.870  1.00 11.33 ? 72  ALA A C   1 
ATOM   569  O O   . ALA A 1 72  ? -11.217 4.025   9.973   1.00 11.32 ? 72  ALA A O   1 
ATOM   570  C CB  . ALA A 1 72  ? -12.191 1.231   11.420  1.00 11.04 ? 72  ALA A CB  1 
ATOM   571  N N   . LYS A 1 73  ? -13.183 4.191   11.044  1.00 10.77 ? 73  LYS A N   1 
ATOM   572  C CA  . LYS A 1 73  ? -13.651 5.266   10.183  1.00 10.71 ? 73  LYS A CA  1 
ATOM   573  C C   . LYS A 1 73  ? -12.772 6.497   10.410  1.00 10.59 ? 73  LYS A C   1 
ATOM   574  O O   . LYS A 1 73  ? -12.461 7.232   9.471   1.00 12.30 ? 73  LYS A O   1 
ATOM   575  C CB  . LYS A 1 73  ? -15.121 5.581   10.481  1.00 12.20 ? 73  LYS A CB  1 
ATOM   576  C CG  . LYS A 1 73  ? -16.048 4.409   10.189  1.00 14.21 ? 73  LYS A CG  1 
ATOM   577  C CD  . LYS A 1 73  ? -17.496 4.736   10.487  1.00 16.63 ? 73  LYS A CD  1 
ATOM   578  C CE  . LYS A 1 73  ? -18.388 3.538   10.203  1.00 18.39 ? 73  LYS A CE  1 
ATOM   579  N NZ  . LYS A 1 73  ? -19.812 3.810   10.536  1.00 21.59 ? 73  LYS A NZ  1 
ATOM   580  N N   . LYS A 1 74  ? -12.360 6.718   11.657  1.00 11.41 ? 74  LYS A N   1 
ATOM   581  C CA  . LYS A 1 74  ? -11.502 7.854   11.969  1.00 12.17 ? 74  LYS A CA  1 
ATOM   582  C C   . LYS A 1 74  ? -10.130 7.681   11.316  1.00 12.61 ? 74  LYS A C   1 
ATOM   583  O O   . LYS A 1 74  ? -9.591  8.628   10.744  1.00 12.20 ? 74  LYS A O   1 
ATOM   584  C CB  . LYS A 1 74  ? -11.340 8.007   13.485  1.00 12.19 ? 74  LYS A CB  1 
ATOM   585  C CG  . LYS A 1 74  ? -10.498 9.210   13.912  1.00 15.91 ? 74  LYS A CG  1 
ATOM   586  C CD  . LYS A 1 74  ? -11.117 10.522  13.436  1.00 19.38 ? 74  LYS A CD  1 
ATOM   587  C CE  . LYS A 1 74  ? -10.429 11.732  14.055  1.00 21.73 ? 74  LYS A CE  1 
ATOM   588  N NZ  . LYS A 1 74  ? -8.987  11.826  13.702  1.00 22.85 ? 74  LYS A NZ  1 
ATOM   589  N N   . GLU A 1 75  ? -9.561  6.480   11.399  1.00 11.06 ? 75  GLU A N   1 
ATOM   590  C CA  . GLU A 1 75  ? -8.261  6.246   10.778  1.00 10.80 ? 75  GLU A CA  1 
ATOM   591  C C   . GLU A 1 75  ? -8.352  6.482   9.275   1.00 10.78 ? 75  GLU A C   1 
ATOM   592  O O   . GLU A 1 75  ? -7.431  7.031   8.678   1.00 10.93 ? 75  GLU A O   1 
ATOM   593  C CB  . GLU A 1 75  ? -7.755  4.818   11.031  1.00 11.48 ? 75  GLU A CB  1 
ATOM   594  C CG  . GLU A 1 75  ? -7.316  4.535   12.460  1.00 12.81 ? 75  GLU A CG  1 
ATOM   595  C CD  . GLU A 1 75  ? -6.101  3.618   12.535  1.00 11.58 ? 75  GLU A CD  1 
ATOM   596  O OE1 . GLU A 1 75  ? -5.844  2.857   11.573  1.00 11.57 ? 75  GLU A OE1 1 
ATOM   597  O OE2 . GLU A 1 75  ? -5.403  3.647   13.569  1.00 13.94 ? 75  GLU A OE2 1 
ATOM   598  N N   . ALA A 1 76  ? -9.460  6.068   8.662   1.00 10.42 ? 76  ALA A N   1 
ATOM   599  C CA  . ALA A 1 76  ? -9.636  6.259   7.224   1.00 10.45 ? 76  ALA A CA  1 
ATOM   600  C C   . ALA A 1 76  ? -9.701  7.746   6.893   1.00 11.00 ? 76  ALA A C   1 
ATOM   601  O O   . ALA A 1 76  ? -9.132  8.196   5.898   1.00 11.26 ? 76  ALA A O   1 
ATOM   602  C CB  . ALA A 1 76  ? -10.903 5.559   6.746   1.00 11.36 ? 76  ALA A CB  1 
ATOM   603  N N   . GLN A 1 77  ? -10.402 8.506   7.730   1.00 11.15 ? 77  GLN A N   1 
ATOM   604  C CA  . GLN A 1 77  ? -10.521 9.944   7.529   1.00 11.65 ? 77  GLN A CA  1 
ATOM   605  C C   . GLN A 1 77  ? -9.140  10.594  7.634   1.00 10.61 ? 77  GLN A C   1 
ATOM   606  O O   . GLN A 1 77  ? -8.795  11.457  6.831   1.00 12.23 ? 77  GLN A O   1 
ATOM   607  C CB  . GLN A 1 77  ? -11.478 10.541  8.567   1.00 13.09 ? 77  GLN A CB  1 
ATOM   608  C CG  . GLN A 1 77  ? -12.943 10.214  8.302   1.00 14.44 ? 77  GLN A CG  1 
ATOM   609  C CD  . GLN A 1 77  ? -13.809 10.354  9.538   1.00 16.12 ? 77  GLN A CD  1 
ATOM   610  O OE1 . GLN A 1 77  ? -13.420 10.991  10.514  1.00 16.97 ? 77  GLN A OE1 1 
ATOM   611  N NE2 . GLN A 1 77  ? -14.998 9.763   9.496   1.00 17.92 ? 77  GLN A NE2 1 
ATOM   612  N N   . ASP A 1 78  ? -8.343  10.177  8.615   1.00 10.40 ? 78  ASP A N   1 
ATOM   613  C CA  . ASP A 1 78  ? -7.001  10.740  8.764   1.00 11.01 ? 78  ASP A CA  1 
ATOM   614  C C   . ASP A 1 78  ? -6.151  10.392  7.541   1.00 10.96 ? 78  ASP A C   1 
ATOM   615  O O   . ASP A 1 78  ? -5.402  11.225  7.034   1.00 11.21 ? 78  ASP A O   1 
ATOM   616  C CB  . ASP A 1 78  ? -6.317  10.205  10.028  1.00 12.10 ? 78  ASP A CB  1 
ATOM   617  C CG  . ASP A 1 78  ? -6.937  10.737  11.308  1.00 13.65 ? 78  ASP A CG  1 
ATOM   618  O OD1 . ASP A 1 78  ? -7.605  11.792  11.266  1.00 16.36 ? 78  ASP A OD1 1 
ATOM   619  O OD2 . ASP A 1 78  ? -6.737  10.104  12.365  1.00 15.62 ? 78  ASP A OD2 1 
ATOM   620  N N   . PHE A 1 79  ? -6.276  9.153   7.079   1.00 10.37 ? 79  PHE A N   1 
ATOM   621  C CA  . PHE A 1 79  ? -5.540  8.655   5.919   1.00 10.08 ? 79  PHE A CA  1 
ATOM   622  C C   . PHE A 1 79  ? -5.867  9.502   4.687   1.00 9.18  ? 79  PHE A C   1 
ATOM   623  O O   . PHE A 1 79  ? -4.973  9.992   3.996   1.00 9.35  ? 79  PHE A O   1 
ATOM   624  C CB  . PHE A 1 79  ? -5.924  7.183   5.711   1.00 10.46 ? 79  PHE A CB  1 
ATOM   625  C CG  . PHE A 1 79  ? -5.245  6.501   4.547   1.00 9.60  ? 79  PHE A CG  1 
ATOM   626  C CD1 . PHE A 1 79  ? -3.978  6.881   4.110   1.00 9.60  ? 79  PHE A CD1 1 
ATOM   627  C CD2 . PHE A 1 79  ? -5.860  5.409   3.937   1.00 9.54  ? 79  PHE A CD2 1 
ATOM   628  C CE1 . PHE A 1 79  ? -3.338  6.180   3.085   1.00 8.87  ? 79  PHE A CE1 1 
ATOM   629  C CE2 . PHE A 1 79  ? -5.228  4.707   2.916   1.00 9.18  ? 79  PHE A CE2 1 
ATOM   630  C CZ  . PHE A 1 79  ? -3.962  5.093   2.490   1.00 8.26  ? 79  PHE A CZ  1 
ATOM   631  N N   . TRP A 1 80  ? -7.157  9.686   4.435   1.00 10.52 ? 80  TRP A N   1 
ATOM   632  C CA  . TRP A 1 80  ? -7.623  10.472  3.299   1.00 11.14 ? 80  TRP A CA  1 
ATOM   633  C C   . TRP A 1 80  ? -7.141  11.919  3.370   1.00 11.53 ? 80  TRP A C   1 
ATOM   634  O O   . TRP A 1 80  ? -6.631  12.464  2.389   1.00 12.59 ? 80  TRP A O   1 
ATOM   635  C CB  . TRP A 1 80  ? -9.151  10.426  3.252   1.00 11.54 ? 80  TRP A CB  1 
ATOM   636  C CG  . TRP A 1 80  ? -9.771  11.170  2.113   1.00 11.64 ? 80  TRP A CG  1 
ATOM   637  C CD1 . TRP A 1 80  ? -10.477 12.334  2.185   1.00 12.65 ? 80  TRP A CD1 1 
ATOM   638  C CD2 . TRP A 1 80  ? -9.793  10.771  0.738   1.00 10.60 ? 80  TRP A CD2 1 
ATOM   639  N NE1 . TRP A 1 80  ? -10.943 12.684  0.940   1.00 12.62 ? 80  TRP A NE1 1 
ATOM   640  C CE2 . TRP A 1 80  ? -10.537 11.743  0.032   1.00 12.07 ? 80  TRP A CE2 1 
ATOM   641  C CE3 . TRP A 1 80  ? -9.255  9.687   0.031   1.00 11.35 ? 80  TRP A CE3 1 
ATOM   642  C CZ2 . TRP A 1 80  ? -10.759 11.661  -1.347  1.00 12.21 ? 80  TRP A CZ2 1 
ATOM   643  C CZ3 . TRP A 1 80  ? -9.477  9.607   -1.340  1.00 11.66 ? 80  TRP A CZ3 1 
ATOM   644  C CH2 . TRP A 1 80  ? -10.222 10.588  -2.012  1.00 11.56 ? 80  TRP A CH2 1 
ATOM   645  N N   . ASN A 1 81  ? -7.280  12.540  4.535   1.00 11.77 ? 81  ASN A N   1 
ATOM   646  C CA  . ASN A 1 81  ? -6.867  13.929  4.680   1.00 13.30 ? 81  ASN A CA  1 
ATOM   647  C C   . ASN A 1 81  ? -5.361  14.148  4.574   1.00 12.44 ? 81  ASN A C   1 
ATOM   648  O O   . ASN A 1 81  ? -4.917  15.186  4.079   1.00 14.54 ? 81  ASN A O   1 
ATOM   649  C CB  . ASN A 1 81  ? -7.391  14.498  6.001   1.00 15.14 ? 81  ASN A CB  1 
ATOM   650  C CG  . ASN A 1 81  ? -8.905  14.622  6.017   1.00 17.73 ? 81  ASN A CG  1 
ATOM   651  O OD1 . ASN A 1 81  ? -9.514  15.044  5.031   1.00 19.98 ? 81  ASN A OD1 1 
ATOM   652  N ND2 . ASN A 1 81  ? -9.519  14.266  7.139   1.00 20.88 ? 81  ASN A ND2 1 
ATOM   653  N N   . ARG A 1 82  ? -4.577  13.173  5.021   1.00 11.15 ? 82  ARG A N   1 
ATOM   654  C CA  . ARG A 1 82  ? -3.121  13.281  4.976   1.00 10.48 ? 82  ARG A CA  1 
ATOM   655  C C   . ARG A 1 82  ? -2.516  12.844  3.648   1.00 10.99 ? 82  ARG A C   1 
ATOM   656  O O   . ARG A 1 82  ? -1.411  13.260  3.295   1.00 12.67 ? 82  ARG A O   1 
ATOM   657  C CB  . ARG A 1 82  ? -2.504  12.450  6.100   1.00 10.42 ? 82  ARG A CB  1 
ATOM   658  C CG  . ARG A 1 82  ? -2.833  12.955  7.489   1.00 10.28 ? 82  ARG A CG  1 
ATOM   659  C CD  . ARG A 1 82  ? -2.516  11.905  8.532   1.00 12.42 ? 82  ARG A CD  1 
ATOM   660  N NE  . ARG A 1 82  ? -2.758  12.400  9.883   1.00 14.48 ? 82  ARG A NE  1 
ATOM   661  C CZ  . ARG A 1 82  ? -2.760  11.636  10.968  1.00 14.27 ? 82  ARG A CZ  1 
ATOM   662  N NH1 . ARG A 1 82  ? -2.537  10.333  10.867  1.00 13.89 ? 82  ARG A NH1 1 
ATOM   663  N NH2 . ARG A 1 82  ? -2.979  12.180  12.158  1.00 15.95 ? 82  ARG A NH2 1 
ATOM   664  N N   . GLY A 1 83  ? -3.238  12.002  2.919   1.00 11.15 ? 83  GLY A N   1 
ATOM   665  C CA  . GLY A 1 83  ? -2.732  11.510  1.651   1.00 10.64 ? 83  GLY A CA  1 
ATOM   666  C C   . GLY A 1 83  ? -2.917  12.458  0.485   1.00 10.51 ? 83  GLY A C   1 
ATOM   667  O O   . GLY A 1 83  ? -3.879  13.228  0.437   1.00 11.18 ? 83  GLY A O   1 
ATOM   668  N N   . ASP A 1 84  ? -1.989  12.404  -0.466  1.00 10.49 ? 84  ASP A N   1 
ATOM   669  C CA  . ASP A 1 84  ? -2.082  13.254  -1.640  1.00 12.54 ? 84  ASP A CA  1 
ATOM   670  C C   . ASP A 1 84  ? -3.161  12.676  -2.547  1.00 12.02 ? 84  ASP A C   1 
ATOM   671  O O   . ASP A 1 84  ? -3.189  11.473  -2.814  1.00 11.37 ? 84  ASP A O   1 
ATOM   672  C CB  . ASP A 1 84  ? -0.753  13.303  -2.389  1.00 12.74 ? 84  ASP A CB  1 
ATOM   673  C CG  . ASP A 1 84  ? -0.720  14.409  -3.415  1.00 13.36 ? 84  ASP A CG  1 
ATOM   674  O OD1 . ASP A 1 84  ? -0.331  15.541  -3.054  1.00 16.35 ? 84  ASP A OD1 1 
ATOM   675  O OD2 . ASP A 1 84  ? -1.106  14.153  -4.573  1.00 15.02 ? 84  ASP A OD2 1 
ATOM   676  N N   . LYS A 1 85  ? -4.038  13.546  -3.032  1.00 13.99 ? 85  LYS A N   1 
ATOM   677  C CA  . LYS A 1 85  ? -5.145  13.127  -3.873  1.00 14.37 ? 85  LYS A CA  1 
ATOM   678  C C   . LYS A 1 85  ? -4.775  12.705  -5.294  1.00 15.62 ? 85  LYS A C   1 
ATOM   679  O O   . LYS A 1 85  ? -5.638  12.279  -6.056  1.00 16.95 ? 85  LYS A O   1 
ATOM   680  C CB  . LYS A 1 85  ? -6.206  14.231  -3.885  1.00 16.24 ? 85  LYS A CB  1 
ATOM   681  C CG  . LYS A 1 85  ? -6.617  14.664  -2.474  1.00 16.49 ? 85  LYS A CG  1 
ATOM   682  C CD  . LYS A 1 85  ? -7.045  13.469  -1.624  1.00 14.66 ? 85  LYS A CD  1 
ATOM   683  C CE  . LYS A 1 85  ? -7.539  13.889  -0.238  1.00 15.39 ? 85  LYS A CE  1 
ATOM   684  N NZ  . LYS A 1 85  ? -6.481  14.508  0.614   1.00 14.20 ? 85  LYS A NZ  1 
ATOM   685  N N   . SER A 1 86  ? -3.497  12.811  -5.645  1.00 13.94 ? 86  SER A N   1 
ATOM   686  C CA  . SER A 1 86  ? -3.041  12.396  -6.969  1.00 13.73 ? 86  SER A CA  1 
ATOM   687  C C   . SER A 1 86  ? -2.762  10.891  -6.983  1.00 13.13 ? 86  SER A C   1 
ATOM   688  O O   . SER A 1 86  ? -2.457  10.312  -8.029  1.00 13.43 ? 86  SER A O   1 
ATOM   689  C CB  . SER A 1 86  ? -1.776  13.159  -7.370  1.00 13.89 ? 86  SER A CB  1 
ATOM   690  O OG  . SER A 1 86  ? -2.080  14.508  -7.695  1.00 17.51 ? 86  SER A OG  1 
ATOM   691  N N   . ALA A 1 87  ? -2.865  10.263  -5.816  1.00 11.48 ? 87  ALA A N   1 
ATOM   692  C CA  . ALA A 1 87  ? -2.643  8.826   -5.703  1.00 11.46 ? 87  ALA A CA  1 
ATOM   693  C C   . ALA A 1 87  ? -3.688  8.113   -6.555  1.00 11.82 ? 87  ALA A C   1 
ATOM   694  O O   . ALA A 1 87  ? -4.831  8.554   -6.638  1.00 12.86 ? 87  ALA A O   1 
ATOM   695  C CB  . ALA A 1 87  ? -2.772  8.392   -4.242  1.00 10.51 ? 87  ALA A CB  1 
ATOM   696  N N   . THR A 1 88  ? -3.296  7.017   -7.194  1.00 10.60 ? 88  THR A N   1 
ATOM   697  C CA  . THR A 1 88  ? -4.229  6.261   -8.027  1.00 11.60 ? 88  THR A CA  1 
ATOM   698  C C   . THR A 1 88  ? -4.962  5.199   -7.209  1.00 11.25 ? 88  THR A C   1 
ATOM   699  O O   . THR A 1 88  ? -6.052  4.762   -7.583  1.00 12.22 ? 88  THR A O   1 
ATOM   700  C CB  . THR A 1 88  ? -3.507  5.560   -9.187  1.00 12.30 ? 88  THR A CB  1 
ATOM   701  O OG1 . THR A 1 88  ? -2.538  4.650   -8.662  1.00 12.68 ? 88  THR A OG1 1 
ATOM   702  C CG2 . THR A 1 88  ? -2.808  6.579   -10.079 1.00 13.60 ? 88  THR A CG2 1 
ATOM   703  N N   . VAL A 1 89  ? -4.356  4.768   -6.105  1.00 10.33 ? 89  VAL A N   1 
ATOM   704  C CA  . VAL A 1 89  ? -4.965  3.763   -5.237  1.00 10.91 ? 89  VAL A CA  1 
ATOM   705  C C   . VAL A 1 89  ? -4.682  4.083   -3.770  1.00 9.53  ? 89  VAL A C   1 
ATOM   706  O O   . VAL A 1 89  ? -3.719  4.788   -3.452  1.00 10.12 ? 89  VAL A O   1 
ATOM   707  C CB  . VAL A 1 89  ? -4.430  2.334   -5.540  1.00 10.29 ? 89  VAL A CB  1 
ATOM   708  C CG1 . VAL A 1 89  ? -4.659  1.987   -7.002  1.00 11.68 ? 89  VAL A CG1 1 
ATOM   709  C CG2 . VAL A 1 89  ? -2.954  2.229   -5.183  1.00 11.77 ? 89  VAL A CG2 1 
ATOM   710  N N   . TRP A 1 90  ? -5.535  3.567   -2.889  1.00 10.05 ? 90  TRP A N   1 
ATOM   711  C CA  . TRP A 1 90  ? -5.409  3.749   -1.444  1.00 9.48  ? 90  TRP A CA  1 
ATOM   712  C C   . TRP A 1 90  ? -5.469  2.354   -0.834  1.00 9.61  ? 90  TRP A C   1 
ATOM   713  O O   . TRP A 1 90  ? -6.398  1.595   -1.111  1.00 10.75 ? 90  TRP A O   1 
ATOM   714  C CB  . TRP A 1 90  ? -6.553  4.612   -0.911  1.00 9.42  ? 90  TRP A CB  1 
ATOM   715  C CG  . TRP A 1 90  ? -6.550  5.995   -1.475  1.00 8.89  ? 90  TRP A CG  1 
ATOM   716  C CD1 . TRP A 1 90  ? -6.871  6.366   -2.752  1.00 9.47  ? 90  TRP A CD1 1 
ATOM   717  C CD2 . TRP A 1 90  ? -6.175  7.194   -0.791  1.00 9.44  ? 90  TRP A CD2 1 
ATOM   718  N NE1 . TRP A 1 90  ? -6.718  7.725   -2.902  1.00 9.75  ? 90  TRP A NE1 1 
ATOM   719  C CE2 . TRP A 1 90  ? -6.292  8.258   -1.714  1.00 8.52  ? 90  TRP A CE2 1 
ATOM   720  C CE3 . TRP A 1 90  ? -5.751  7.475   0.515   1.00 9.26  ? 90  TRP A CE3 1 
ATOM   721  C CZ2 . TRP A 1 90  ? -5.997  9.584   -1.372  1.00 9.18  ? 90  TRP A CZ2 1 
ATOM   722  C CZ3 . TRP A 1 90  ? -5.459  8.792   0.856   1.00 9.08  ? 90  TRP A CZ3 1 
ATOM   723  C CH2 . TRP A 1 90  ? -5.585  9.830   -0.085  1.00 9.03  ? 90  TRP A CH2 1 
ATOM   724  N N   . VAL A 1 91  ? -4.493  2.028   0.008   1.00 8.89  ? 91  VAL A N   1 
ATOM   725  C CA  . VAL A 1 91  ? -4.409  0.700   0.599   1.00 9.11  ? 91  VAL A CA  1 
ATOM   726  C C   . VAL A 1 91  ? -4.476  0.607   2.120   1.00 9.25  ? 91  VAL A C   1 
ATOM   727  O O   . VAL A 1 91  ? -3.817  1.373   2.831   1.00 9.56  ? 91  VAL A O   1 
ATOM   728  C CB  . VAL A 1 91  ? -3.091  0.012   0.152   1.00 8.46  ? 91  VAL A CB  1 
ATOM   729  C CG1 . VAL A 1 91  ? -2.942  -1.352  0.815   1.00 8.93  ? 91  VAL A CG1 1 
ATOM   730  C CG2 . VAL A 1 91  ? -3.061  -0.117  -1.362  1.00 9.70  ? 91  VAL A CG2 1 
ATOM   731  N N   . ALA A 1 92  ? -5.285  -0.339  2.600   1.00 9.18  ? 92  ALA A N   1 
ATOM   732  C CA  . ALA A 1 92  ? -5.403  -0.628  4.027   1.00 8.69  ? 92  ALA A CA  1 
ATOM   733  C C   . ALA A 1 92  ? -4.335  -1.698  4.257   1.00 9.31  ? 92  ALA A C   1 
ATOM   734  O O   . ALA A 1 92  ? -4.404  -2.785  3.680   1.00 9.70  ? 92  ALA A O   1 
ATOM   735  C CB  . ALA A 1 92  ? -6.785  -1.187  4.353   1.00 9.48  ? 92  ALA A CB  1 
ATOM   736  N N   . ASP A 1 93  ? -3.343  -1.378  5.082   1.00 9.31  ? 93  ASP A N   1 
ATOM   737  C CA  . ASP A 1 93  ? -2.235  -2.283  5.378   1.00 9.73  ? 93  ASP A CA  1 
ATOM   738  C C   . ASP A 1 93  ? -2.472  -2.935  6.739   1.00 9.56  ? 93  ASP A C   1 
ATOM   739  O O   . ASP A 1 93  ? -2.258  -2.320  7.784   1.00 10.20 ? 93  ASP A O   1 
ATOM   740  C CB  . ASP A 1 93  ? -0.937  -1.464  5.331   1.00 9.96  ? 93  ASP A CB  1 
ATOM   741  C CG  . ASP A 1 93  ? 0.279   -2.224  5.809   1.00 10.38 ? 93  ASP A CG  1 
ATOM   742  O OD1 . ASP A 1 93  ? 0.243   -3.471  5.886   1.00 11.07 ? 93  ASP A OD1 1 
ATOM   743  O OD2 . ASP A 1 93  ? 1.293   -1.553  6.097   1.00 10.93 ? 93  ASP A OD2 1 
ATOM   744  N N   . VAL A 1 94  ? -2.925  -4.185  6.702   1.00 9.60  ? 94  VAL A N   1 
ATOM   745  C CA  . VAL A 1 94  ? -3.264  -4.952  7.899   1.00 9.95  ? 94  VAL A CA  1 
ATOM   746  C C   . VAL A 1 94  ? -2.217  -6.007  8.243   1.00 10.97 ? 94  VAL A C   1 
ATOM   747  O O   . VAL A 1 94  ? -2.060  -6.990  7.516   1.00 11.38 ? 94  VAL A O   1 
ATOM   748  C CB  . VAL A 1 94  ? -4.641  -5.638  7.695   1.00 10.98 ? 94  VAL A CB  1 
ATOM   749  C CG1 . VAL A 1 94  ? -5.014  -6.479  8.901   1.00 13.10 ? 94  VAL A CG1 1 
ATOM   750  C CG2 . VAL A 1 94  ? -5.700  -4.584  7.432   1.00 13.24 ? 94  VAL A CG2 1 
ATOM   751  N N   . GLU A 1 95  ? -1.523  -5.814  9.363   1.00 11.31 ? 95  GLU A N   1 
ATOM   752  C CA  . GLU A 1 95  ? -0.480  -6.742  9.789   1.00 11.80 ? 95  GLU A CA  1 
ATOM   753  C C   . GLU A 1 95  ? -0.535  -7.161  11.258  1.00 12.31 ? 95  GLU A C   1 
ATOM   754  O O   . GLU A 1 95  ? 0.086   -8.154  11.638  1.00 13.18 ? 95  GLU A O   1 
ATOM   755  C CB  . GLU A 1 95  ? 0.893   -6.141  9.484   1.00 11.54 ? 95  GLU A CB  1 
ATOM   756  C CG  . GLU A 1 95  ? 1.142   -5.915  7.999   1.00 11.25 ? 95  GLU A CG  1 
ATOM   757  C CD  . GLU A 1 95  ? 2.475   -5.247  7.722   1.00 11.40 ? 95  GLU A CD  1 
ATOM   758  O OE1 . GLU A 1 95  ? 3.491   -5.675  8.306   1.00 14.62 ? 95  GLU A OE1 1 
ATOM   759  O OE2 . GLU A 1 95  ? 2.509   -4.301  6.908   1.00 10.61 ? 95  GLU A OE2 1 
ATOM   760  N N   . VAL A 1 96  ? -1.265  -6.410  12.079  1.00 13.12 ? 96  VAL A N   1 
ATOM   761  C CA  . VAL A 1 96  ? -1.382  -6.733  13.500  1.00 14.37 ? 96  VAL A CA  1 
ATOM   762  C C   . VAL A 1 96  ? -2.825  -6.641  13.980  1.00 12.84 ? 96  VAL A C   1 
ATOM   763  O O   . VAL A 1 96  ? -3.604  -5.832  13.486  1.00 13.11 ? 96  VAL A O   1 
ATOM   764  C CB  . VAL A 1 96  ? -0.520  -5.787  14.377  1.00 15.72 ? 96  VAL A CB  1 
ATOM   765  C CG1 . VAL A 1 96  ? 0.947   -5.939  14.025  1.00 18.48 ? 96  VAL A CG1 1 
ATOM   766  C CG2 . VAL A 1 96  ? -0.965  -4.351  14.194  1.00 18.07 ? 96  VAL A CG2 1 
ATOM   767  N N   . LYS A 1 97  ? -3.175  -7.480  14.948  1.00 13.37 ? 97  LYS A N   1 
ATOM   768  C CA  . LYS A 1 97  ? -4.522  -7.478  15.504  1.00 14.58 ? 97  LYS A CA  1 
ATOM   769  C C   . LYS A 1 97  ? -4.676  -6.308  16.473  1.00 15.02 ? 97  LYS A C   1 
ATOM   770  O O   . LYS A 1 97  ? -3.998  -6.254  17.504  1.00 17.20 ? 97  LYS A O   1 
ATOM   771  C CB  . LYS A 1 97  ? -4.783  -8.793  16.241  1.00 15.66 ? 97  LYS A CB  1 
ATOM   772  C CG  . LYS A 1 97  ? -6.108  -8.841  16.989  1.00 17.98 ? 97  LYS A CG  1 
ATOM   773  C CD  . LYS A 1 97  ? -6.222  -10.113 17.815  1.00 20.28 ? 97  LYS A CD  1 
ATOM   774  C CE  . LYS A 1 97  ? -7.525  -10.152 18.592  1.00 21.07 ? 97  LYS A CE  1 
ATOM   775  N NZ  . LYS A 1 97  ? -7.628  -11.379 19.434  1.00 24.61 ? 97  LYS A NZ  1 
ATOM   776  N N   . THR A 1 98  ? -5.556  -5.369  16.139  1.00 14.76 ? 98  THR A N   1 
ATOM   777  C CA  . THR A 1 98  ? -5.793  -4.217  16.999  1.00 13.54 ? 98  THR A CA  1 
ATOM   778  C C   . THR A 1 98  ? -7.221  -4.214  17.537  1.00 13.60 ? 98  THR A C   1 
ATOM   779  O O   . THR A 1 98  ? -7.581  -3.393  18.382  1.00 14.13 ? 98  THR A O   1 
ATOM   780  C CB  . THR A 1 98  ? -5.483  -2.894  16.268  1.00 13.89 ? 98  THR A CB  1 
ATOM   781  O OG1 . THR A 1 98  ? -6.029  -2.930  14.945  1.00 13.92 ? 98  THR A OG1 1 
ATOM   782  C CG2 . THR A 1 98  ? -3.973  -2.678  16.191  1.00 16.08 ? 98  THR A CG2 1 
ATOM   783  N N   . MET A 1 99  ? -8.028  -5.142  17.034  1.00 12.80 ? 99  MET A N   1 
ATOM   784  C CA  . MET A 1 99  ? -9.403  -5.329  17.489  1.00 13.23 ? 99  MET A CA  1 
ATOM   785  C C   . MET A 1 99  ? -9.773  -6.770  17.148  1.00 13.53 ? 99  MET A C   1 
ATOM   786  O O   . MET A 1 99  ? -9.196  -7.368  16.240  1.00 13.85 ? 99  MET A O   1 
ATOM   787  C CB  . MET A 1 99  ? -10.369 -4.323  16.839  1.00 12.21 ? 99  MET A CB  1 
ATOM   788  C CG  . MET A 1 99  ? -10.559 -4.438  15.334  1.00 12.80 ? 99  MET A CG  1 
ATOM   789  S SD  . MET A 1 99  ? -11.693 -3.173  14.685  1.00 14.12 ? 99  MET A SD  1 
ATOM   790  C CE  . MET A 1 99  ? -13.266 -3.830  15.204  1.00 14.40 ? 99  MET A CE  1 
ATOM   791  N N   . ASN A 1 100 ? -10.718 -7.339  17.889  1.00 13.85 ? 100 ASN A N   1 
ATOM   792  C CA  . ASN A 1 100 ? -11.113 -8.727  17.675  1.00 13.34 ? 100 ASN A CA  1 
ATOM   793  C C   . ASN A 1 100 ? -11.617 -9.031  16.269  1.00 12.22 ? 100 ASN A C   1 
ATOM   794  O O   . ASN A 1 100 ? -11.256 -10.054 15.683  1.00 13.64 ? 100 ASN A O   1 
ATOM   795  C CB  . ASN A 1 100 ? -12.174 -9.133  18.702  1.00 14.38 ? 100 ASN A CB  1 
ATOM   796  C CG  . ASN A 1 100 ? -12.510 -10.609 18.637  1.00 19.17 ? 100 ASN A CG  1 
ATOM   797  O OD1 . ASN A 1 100 ? -11.641 -11.463 18.823  1.00 21.03 ? 100 ASN A OD1 1 
ATOM   798  N ND2 . ASN A 1 100 ? -13.772 -10.918 18.369  1.00 19.16 ? 100 ASN A ND2 1 
ATOM   799  N N   . ASP A 1 101 ? -12.449 -8.147  15.728  1.00 11.90 ? 101 ASP A N   1 
ATOM   800  C CA  . ASP A 1 101 ? -12.999 -8.348  14.393  1.00 11.22 ? 101 ASP A CA  1 
ATOM   801  C C   . ASP A 1 101 ? -12.267 -7.461  13.384  1.00 10.90 ? 101 ASP A C   1 
ATOM   802  O O   . ASP A 1 101 ? -12.763 -6.401  12.992  1.00 11.50 ? 101 ASP A O   1 
ATOM   803  C CB  . ASP A 1 101 ? -14.495 -8.023  14.395  1.00 13.01 ? 101 ASP A CB  1 
ATOM   804  C CG  . ASP A 1 101 ? -15.228 -8.633  13.218  1.00 12.39 ? 101 ASP A CG  1 
ATOM   805  O OD1 . ASP A 1 101 ? -14.585 -8.907  12.183  1.00 13.04 ? 101 ASP A OD1 1 
ATOM   806  O OD2 . ASP A 1 101 ? -16.456 -8.827  13.323  1.00 13.48 ? 101 ASP A OD2 1 
ATOM   807  N N   . MET A 1 102 ? -11.082 -7.894  12.968  1.00 11.22 ? 102 MET A N   1 
ATOM   808  C CA  . MET A 1 102 ? -10.300 -7.120  12.015  1.00 11.86 ? 102 MET A CA  1 
ATOM   809  C C   . MET A 1 102 ? -10.973 -6.992  10.657  1.00 11.61 ? 102 MET A C   1 
ATOM   810  O O   . MET A 1 102 ? -10.805 -5.988  9.973   1.00 11.56 ? 102 MET A O   1 
ATOM   811  C CB  . MET A 1 102 ? -8.908  -7.730  11.842  1.00 11.87 ? 102 MET A CB  1 
ATOM   812  C CG  . MET A 1 102 ? -7.991  -7.547  13.047  1.00 12.82 ? 102 MET A CG  1 
ATOM   813  S SD  . MET A 1 102 ? -7.680  -5.811  13.468  1.00 13.65 ? 102 MET A SD  1 
ATOM   814  C CE  . MET A 1 102 ? -6.573  -5.323  12.119  1.00 12.50 ? 102 MET A CE  1 
ATOM   815  N N   . ARG A 1 103 ? -11.738 -8.002  10.263  1.00 11.19 ? 103 ARG A N   1 
ATOM   816  C CA  . ARG A 1 103 ? -12.407 -7.942  8.975   1.00 11.59 ? 103 ARG A CA  1 
ATOM   817  C C   . ARG A 1 103 ? -13.445 -6.812  8.997   1.00 11.50 ? 103 ARG A C   1 
ATOM   818  O O   . ARG A 1 103 ? -13.541 -6.028  8.053   1.00 11.31 ? 103 ARG A O   1 
ATOM   819  C CB  . ARG A 1 103 ? -13.047 -9.302  8.670   1.00 13.47 ? 103 ARG A CB  1 
ATOM   820  C CG  . ARG A 1 103 ? -13.332 -9.565  7.199   1.00 15.72 ? 103 ARG A CG  1 
ATOM   821  C CD  . ARG A 1 103 ? -14.602 -8.870  6.790   1.00 14.77 ? 103 ARG A CD  1 
ATOM   822  N NE  . ARG A 1 103 ? -15.655 -9.181  7.748   1.00 16.20 ? 103 ARG A NE  1 
ATOM   823  C CZ  . ARG A 1 103 ? -16.726 -8.429  7.958   1.00 15.27 ? 103 ARG A CZ  1 
ATOM   824  N NH1 . ARG A 1 103 ? -16.905 -7.309  7.267   1.00 15.21 ? 103 ARG A NH1 1 
ATOM   825  N NH2 . ARG A 1 103 ? -17.595 -8.774  8.892   1.00 19.22 ? 103 ARG A NH2 1 
ATOM   826  N N   . ALA A 1 104 ? -14.203 -6.706  10.085  1.00 10.53 ? 104 ALA A N   1 
ATOM   827  C CA  . ALA A 1 104 ? -15.213 -5.656  10.195  1.00 10.73 ? 104 ALA A CA  1 
ATOM   828  C C   . ALA A 1 104 ? -14.566 -4.268  10.241  1.00 10.16 ? 104 ALA A C   1 
ATOM   829  O O   . ALA A 1 104 ? -15.045 -3.327  9.610   1.00 10.38 ? 104 ALA A O   1 
ATOM   830  C CB  . ALA A 1 104 ? -16.074 -5.879  11.439  1.00 11.52 ? 104 ALA A CB  1 
ATOM   831  N N   . GLY A 1 105 ? -13.480 -4.144  10.997  1.00 10.79 ? 105 GLY A N   1 
ATOM   832  C CA  . GLY A 1 105 ? -12.800 -2.864  11.087  1.00 10.78 ? 105 GLY A CA  1 
ATOM   833  C C   . GLY A 1 105 ? -12.212 -2.468  9.744   1.00 9.90  ? 105 GLY A C   1 
ATOM   834  O O   . GLY A 1 105 ? -12.297 -1.313  9.320   1.00 10.84 ? 105 GLY A O   1 
ATOM   835  N N   . THR A 1 106 ? -11.621 -3.441  9.060   1.00 10.82 ? 106 THR A N   1 
ATOM   836  C CA  . THR A 1 106 ? -11.025 -3.184  7.759   1.00 10.50 ? 106 THR A CA  1 
ATOM   837  C C   . THR A 1 106 ? -12.094 -2.759  6.754   1.00 9.54  ? 106 THR A C   1 
ATOM   838  O O   . THR A 1 106 ? -11.880 -1.838  5.969   1.00 9.78  ? 106 THR A O   1 
ATOM   839  C CB  . THR A 1 106 ? -10.282 -4.429  7.233   1.00 10.44 ? 106 THR A CB  1 
ATOM   840  O OG1 . THR A 1 106 ? -9.252  -4.792  8.160   1.00 11.24 ? 106 THR A OG1 1 
ATOM   841  C CG2 . THR A 1 106 ? -9.645  -4.136  5.881   1.00 12.18 ? 106 THR A CG2 1 
ATOM   842  N N   . GLN A 1 107 ? -13.253 -3.411  6.778   1.00 9.44  ? 107 GLN A N   1 
ATOM   843  C CA  . GLN A 1 107 ? -14.300 -3.032  5.839   1.00 10.35 ? 107 GLN A CA  1 
ATOM   844  C C   . GLN A 1 107 ? -14.803 -1.620  6.147   1.00 10.35 ? 107 GLN A C   1 
ATOM   845  O O   . GLN A 1 107 ? -15.110 -0.854  5.235   1.00 11.07 ? 107 GLN A O   1 
ATOM   846  C CB  . GLN A 1 107 ? -15.467 -4.020  5.880   1.00 11.27 ? 107 GLN A CB  1 
ATOM   847  C CG  . GLN A 1 107 ? -16.377 -3.886  4.671   1.00 12.17 ? 107 GLN A CG  1 
ATOM   848  C CD  . GLN A 1 107 ? -15.657 -4.229  3.384   1.00 11.95 ? 107 GLN A CD  1 
ATOM   849  O OE1 . GLN A 1 107 ? -15.234 -5.367  3.187   1.00 12.74 ? 107 GLN A OE1 1 
ATOM   850  N NE2 . GLN A 1 107 ? -15.502 -3.241  2.505   1.00 11.78 ? 107 GLN A NE2 1 
ATOM   851  N N   . ALA A 1 108 ? -14.889 -1.274  7.428   1.00 10.56 ? 108 ALA A N   1 
ATOM   852  C CA  . ALA A 1 108 ? -15.344 0.061   7.809   1.00 10.99 ? 108 ALA A CA  1 
ATOM   853  C C   . ALA A 1 108 ? -14.356 1.104   7.281   1.00 10.57 ? 108 ALA A C   1 
ATOM   854  O O   . ALA A 1 108 ? -14.751 2.148   6.761   1.00 11.28 ? 108 ALA A O   1 
ATOM   855  C CB  . ALA A 1 108 ? -15.463 0.163   9.327   1.00 10.81 ? 108 ALA A CB  1 
ATOM   856  N N   . PHE A 1 109 ? -13.068 0.803   7.424   1.00 10.23 ? 109 PHE A N   1 
ATOM   857  C CA  . PHE A 1 109 ? -11.980 1.664   6.962   1.00 10.15 ? 109 PHE A CA  1 
ATOM   858  C C   . PHE A 1 109 ? -12.087 1.858   5.446   1.00 9.29  ? 109 PHE A C   1 
ATOM   859  O O   . PHE A 1 109 ? -12.077 2.986   4.941   1.00 10.23 ? 109 PHE A O   1 
ATOM   860  C CB  . PHE A 1 109 ? -10.650 0.988   7.328   1.00 9.67  ? 109 PHE A CB  1 
ATOM   861  C CG  . PHE A 1 109 ? -9.417  1.776   6.966   1.00 9.35  ? 109 PHE A CG  1 
ATOM   862  C CD1 . PHE A 1 109 ? -8.830  2.644   7.882   1.00 10.39 ? 109 PHE A CD1 1 
ATOM   863  C CD2 . PHE A 1 109 ? -8.803  1.589   5.733   1.00 9.62  ? 109 PHE A CD2 1 
ATOM   864  C CE1 . PHE A 1 109 ? -7.639  3.308   7.574   1.00 10.50 ? 109 PHE A CE1 1 
ATOM   865  C CE2 . PHE A 1 109 ? -7.615  2.247   5.416   1.00 10.16 ? 109 PHE A CE2 1 
ATOM   866  C CZ  . PHE A 1 109 ? -7.033  3.105   6.338   1.00 10.06 ? 109 PHE A CZ  1 
ATOM   867  N N   . ILE A 1 110 ? -12.197 0.748   4.723   1.00 9.22  ? 110 ILE A N   1 
ATOM   868  C CA  . ILE A 1 110 ? -12.295 0.774   3.271   1.00 10.87 ? 110 ILE A CA  1 
ATOM   869  C C   . ILE A 1 110 ? -13.557 1.496   2.792   1.00 10.20 ? 110 ILE A C   1 
ATOM   870  O O   . ILE A 1 110 ? -13.497 2.330   1.885   1.00 10.65 ? 110 ILE A O   1 
ATOM   871  C CB  . ILE A 1 110 ? -12.242 -0.668  2.717   1.00 10.02 ? 110 ILE A CB  1 
ATOM   872  C CG1 . ILE A 1 110 ? -10.821 -1.221  2.886   1.00 10.57 ? 110 ILE A CG1 1 
ATOM   873  C CG2 . ILE A 1 110 ? -12.697 -0.701  1.271   1.00 10.96 ? 110 ILE A CG2 1 
ATOM   874  C CD1 . ILE A 1 110 ? -10.643 -2.653  2.438   1.00 13.38 ? 110 ILE A CD1 1 
ATOM   875  N N   . ASP A 1 111 ? -14.698 1.190   3.402   1.00 10.16 ? 111 ASP A N   1 
ATOM   876  C CA  . ASP A 1 111 ? -15.949 1.836   3.009   1.00 10.92 ? 111 ASP A CA  1 
ATOM   877  C C   . ASP A 1 111 ? -15.902 3.343   3.232   1.00 11.47 ? 111 ASP A C   1 
ATOM   878  O O   . ASP A 1 111 ? -16.486 4.105   2.464   1.00 11.72 ? 111 ASP A O   1 
ATOM   879  C CB  . ASP A 1 111 ? -17.133 1.251   3.784   1.00 12.17 ? 111 ASP A CB  1 
ATOM   880  C CG  . ASP A 1 111 ? -17.440 -0.177  3.395   1.00 13.21 ? 111 ASP A CG  1 
ATOM   881  O OD1 . ASP A 1 111 ? -16.865 -0.672  2.401   1.00 13.40 ? 111 ASP A OD1 1 
ATOM   882  O OD2 . ASP A 1 111 ? -18.270 -0.802  4.085   1.00 16.28 ? 111 ASP A OD2 1 
ATOM   883  N N   . GLU A 1 112 ? -15.218 3.777   4.287   1.00 10.83 ? 112 GLU A N   1 
ATOM   884  C CA  . GLU A 1 112 ? -15.121 5.205   4.566   1.00 11.66 ? 112 GLU A CA  1 
ATOM   885  C C   . GLU A 1 112 ? -14.283 5.879   3.478   1.00 11.26 ? 112 GLU A C   1 
ATOM   886  O O   . GLU A 1 112 ? -14.572 7.003   3.068   1.00 11.13 ? 112 GLU A O   1 
ATOM   887  C CB  . GLU A 1 112 ? -14.512 5.440   5.954   1.00 12.75 ? 112 GLU A CB  1 
ATOM   888  C CG  . GLU A 1 112 ? -14.347 6.908   6.342   1.00 13.71 ? 112 GLU A CG  1 
ATOM   889  C CD  . GLU A 1 112 ? -15.661 7.666   6.442   1.00 17.37 ? 112 GLU A CD  1 
ATOM   890  O OE1 . GLU A 1 112 ? -15.616 8.887   6.713   1.00 17.68 ? 112 GLU A OE1 1 
ATOM   891  O OE2 . GLU A 1 112 ? -16.737 7.058   6.252   1.00 16.73 ? 112 GLU A OE2 1 
ATOM   892  N N   . LEU A 1 113 ? -13.246 5.196   3.002   1.00 11.17 ? 113 LEU A N   1 
ATOM   893  C CA  . LEU A 1 113 ? -12.433 5.765   1.933   1.00 10.80 ? 113 LEU A CA  1 
ATOM   894  C C   . LEU A 1 113 ? -13.307 5.947   0.691   1.00 10.71 ? 113 LEU A C   1 
ATOM   895  O O   . LEU A 1 113 ? -13.252 6.985   0.032   1.00 10.91 ? 113 LEU A O   1 
ATOM   896  C CB  . LEU A 1 113 ? -11.241 4.859   1.614   1.00 10.95 ? 113 LEU A CB  1 
ATOM   897  C CG  . LEU A 1 113 ? -10.126 4.871   2.666   1.00 11.00 ? 113 LEU A CG  1 
ATOM   898  C CD1 . LEU A 1 113 ? -9.062  3.852   2.304   1.00 12.53 ? 113 LEU A CD1 1 
ATOM   899  C CD2 . LEU A 1 113 ? -9.526  6.276   2.757   1.00 12.92 ? 113 LEU A CD2 1 
ATOM   900  N N   . TYR A 1 114 ? -14.119 4.941   0.370   1.00 10.98 ? 114 TYR A N   1 
ATOM   901  C CA  . TYR A 1 114 ? -15.006 5.056   -0.785  1.00 11.16 ? 114 TYR A CA  1 
ATOM   902  C C   . TYR A 1 114 ? -15.971 6.224   -0.581  1.00 11.33 ? 114 TYR A C   1 
ATOM   903  O O   . TYR A 1 114 ? -16.222 7.003   -1.499  1.00 11.85 ? 114 TYR A O   1 
ATOM   904  C CB  . TYR A 1 114 ? -15.817 3.771   -0.994  1.00 11.81 ? 114 TYR A CB  1 
ATOM   905  C CG  . TYR A 1 114 ? -15.048 2.599   -1.575  1.00 11.34 ? 114 TYR A CG  1 
ATOM   906  C CD1 . TYR A 1 114 ? -14.288 2.737   -2.739  1.00 12.12 ? 114 TYR A CD1 1 
ATOM   907  C CD2 . TYR A 1 114 ? -15.119 1.335   -0.984  1.00 11.99 ? 114 TYR A CD2 1 
ATOM   908  C CE1 . TYR A 1 114 ? -13.622 1.642   -3.302  1.00 11.98 ? 114 TYR A CE1 1 
ATOM   909  C CE2 . TYR A 1 114 ? -14.459 0.239   -1.538  1.00 12.00 ? 114 TYR A CE2 1 
ATOM   910  C CZ  . TYR A 1 114 ? -13.715 0.399   -2.695  1.00 11.77 ? 114 TYR A CZ  1 
ATOM   911  O OH  . TYR A 1 114 ? -13.071 -0.685  -3.247  1.00 12.86 ? 114 TYR A OH  1 
ATOM   912  N N   . ARG A 1 115 ? -16.510 6.353   0.629   1.00 11.19 ? 115 ARG A N   1 
ATOM   913  C CA  . ARG A 1 115 ? -17.456 7.427   0.920   1.00 12.37 ? 115 ARG A CA  1 
ATOM   914  C C   . ARG A 1 115 ? -16.823 8.803   0.732   1.00 12.04 ? 115 ARG A C   1 
ATOM   915  O O   . ARG A 1 115 ? -17.474 9.737   0.255   1.00 14.11 ? 115 ARG A O   1 
ATOM   916  C CB  . ARG A 1 115 ? -17.984 7.301   2.354   1.00 12.66 ? 115 ARG A CB  1 
ATOM   917  C CG  . ARG A 1 115 ? -19.179 8.202   2.642   1.00 13.51 ? 115 ARG A CG  1 
ATOM   918  C CD  . ARG A 1 115 ? -19.562 8.159   4.114   1.00 16.48 ? 115 ARG A CD  1 
ATOM   919  N NE  . ARG A 1 115 ? -18.581 8.851   4.946   1.00 17.04 ? 115 ARG A NE  1 
ATOM   920  C CZ  . ARG A 1 115 ? -18.428 10.171  4.982   1.00 18.88 ? 115 ARG A CZ  1 
ATOM   921  N NH1 . ARG A 1 115 ? -19.195 10.953  4.233   1.00 21.25 ? 115 ARG A NH1 1 
ATOM   922  N NH2 . ARG A 1 115 ? -17.504 10.710  5.764   1.00 19.96 ? 115 ARG A NH2 1 
ATOM   923  N N   . LEU A 1 116 ? -15.552 8.922   1.105   1.00 12.54 ? 116 LEU A N   1 
ATOM   924  C CA  . LEU A 1 116 ? -14.829 10.183  0.990   1.00 12.72 ? 116 LEU A CA  1 
ATOM   925  C C   . LEU A 1 116 ? -14.459 10.547  -0.444  1.00 13.69 ? 116 LEU A C   1 
ATOM   926  O O   . LEU A 1 116 ? -14.226 11.719  -0.747  1.00 13.77 ? 116 LEU A O   1 
ATOM   927  C CB  . LEU A 1 116 ? -13.573 10.138  1.862   1.00 14.06 ? 116 LEU A CB  1 
ATOM   928  C CG  . LEU A 1 116 ? -13.874 10.170  3.363   1.00 12.70 ? 116 LEU A CG  1 
ATOM   929  C CD1 . LEU A 1 116 ? -12.633 9.804   4.156   1.00 13.26 ? 116 LEU A CD1 1 
ATOM   930  C CD2 . LEU A 1 116 ? -14.382 11.554  3.744   1.00 15.03 ? 116 LEU A CD2 1 
ATOM   931  N N   . GLY A 1 117 ? -14.400 9.551   -1.323  1.00 12.71 ? 117 GLY A N   1 
ATOM   932  C CA  . GLY A 1 117 ? -14.073 9.827   -2.710  1.00 13.23 ? 117 GLY A CA  1 
ATOM   933  C C   . GLY A 1 117 ? -13.049 8.926   -3.377  1.00 12.35 ? 117 GLY A C   1 
ATOM   934  O O   . GLY A 1 117 ? -12.820 9.045   -4.580  1.00 12.67 ? 117 GLY A O   1 
ATOM   935  N N   . ALA A 1 118 ? -12.421 8.033   -2.619  1.00 11.07 ? 118 ALA A N   1 
ATOM   936  C CA  . ALA A 1 118 ? -11.431 7.132   -3.199  1.00 11.37 ? 118 ALA A CA  1 
ATOM   937  C C   . ALA A 1 118 ? -12.118 6.227   -4.217  1.00 11.09 ? 118 ALA A C   1 
ATOM   938  O O   . ALA A 1 118 ? -13.186 5.682   -3.942  1.00 11.91 ? 118 ALA A O   1 
ATOM   939  C CB  . ALA A 1 118 ? -10.783 6.298   -2.106  1.00 11.23 ? 118 ALA A CB  1 
ATOM   940  N N   . LYS A 1 119 ? -11.516 6.064   -5.391  1.00 11.81 ? 119 LYS A N   1 
ATOM   941  C CA  . LYS A 1 119 ? -12.119 5.226   -6.425  1.00 10.87 ? 119 LYS A CA  1 
ATOM   942  C C   . LYS A 1 119 ? -11.503 3.835   -6.558  1.00 11.02 ? 119 LYS A C   1 
ATOM   943  O O   . LYS A 1 119 ? -12.162 2.909   -7.029  1.00 13.81 ? 119 LYS A O   1 
ATOM   944  C CB  . LYS A 1 119 ? -12.093 5.960   -7.773  1.00 12.84 ? 119 LYS A CB  1 
ATOM   945  C CG  . LYS A 1 119 ? -12.886 7.269   -7.763  1.00 12.68 ? 119 LYS A CG  1 
ATOM   946  C CD  . LYS A 1 119 ? -14.327 7.053   -7.311  1.00 13.04 ? 119 LYS A CD  1 
ATOM   947  C CE  . LYS A 1 119 ? -15.070 8.373   -7.145  1.00 12.26 ? 119 LYS A CE  1 
ATOM   948  N NZ  . LYS A 1 119 ? -16.440 8.152   -6.594  1.00 13.64 ? 119 LYS A NZ  1 
ATOM   949  N N   . LYS A 1 120 ? -10.247 3.685   -6.153  1.00 9.84  ? 120 LYS A N   1 
ATOM   950  C CA  . LYS A 1 120 ? -9.578  2.388   -6.199  1.00 10.48 ? 120 LYS A CA  1 
ATOM   951  C C   . LYS A 1 120 ? -8.956  2.149   -4.830  1.00 10.41 ? 120 LYS A C   1 
ATOM   952  O O   . LYS A 1 120 ? -8.035  2.858   -4.423  1.00 12.03 ? 120 LYS A O   1 
ATOM   953  C CB  . LYS A 1 120 ? -8.502  2.364   -7.292  1.00 10.95 ? 120 LYS A CB  1 
ATOM   954  C CG  . LYS A 1 120 ? -9.064  2.413   -8.708  1.00 11.19 ? 120 LYS A CG  1 
ATOM   955  C CD  . LYS A 1 120 ? -7.964  2.434   -9.755  1.00 12.87 ? 120 LYS A CD  1 
ATOM   956  C CE  . LYS A 1 120 ? -8.545  2.440   -11.159 1.00 13.85 ? 120 LYS A CE  1 
ATOM   957  N NZ  . LYS A 1 120 ? -7.491  2.650   -12.190 1.00 15.73 ? 120 LYS A NZ  1 
ATOM   958  N N   . VAL A 1 121 ? -9.480  1.157   -4.117  1.00 10.06 ? 121 VAL A N   1 
ATOM   959  C CA  . VAL A 1 121 ? -9.006  0.834   -2.778  1.00 10.62 ? 121 VAL A CA  1 
ATOM   960  C C   . VAL A 1 121 ? -8.562  -0.620  -2.706  1.00 10.14 ? 121 VAL A C   1 
ATOM   961  O O   . VAL A 1 121 ? -9.236  -1.514  -3.223  1.00 10.93 ? 121 VAL A O   1 
ATOM   962  C CB  . VAL A 1 121 ? -10.118 1.082   -1.735  1.00 9.72  ? 121 VAL A CB  1 
ATOM   963  C CG1 . VAL A 1 121 ? -9.619  0.737   -0.341  1.00 11.62 ? 121 VAL A CG1 1 
ATOM   964  C CG2 . VAL A 1 121 ? -10.571 2.536   -1.798  1.00 11.69 ? 121 VAL A CG2 1 
ATOM   965  N N   . GLY A 1 122 ? -7.418  -0.844  -2.068  1.00 9.83  ? 122 GLY A N   1 
ATOM   966  C CA  . GLY A 1 122 ? -6.880  -2.185  -1.941  1.00 10.07 ? 122 GLY A CA  1 
ATOM   967  C C   . GLY A 1 122 ? -6.592  -2.582  -0.510  1.00 8.72  ? 122 GLY A C   1 
ATOM   968  O O   . GLY A 1 122 ? -6.712  -1.771  0.413   1.00 9.63  ? 122 GLY A O   1 
ATOM   969  N N   . LEU A 1 123 ? -6.177  -3.831  -0.337  1.00 8.91  ? 123 LEU A N   1 
ATOM   970  C CA  . LEU A 1 123 ? -5.887  -4.390  0.974   1.00 9.06  ? 123 LEU A CA  1 
ATOM   971  C C   . LEU A 1 123 ? -4.598  -5.199  0.979   1.00 9.22  ? 123 LEU A C   1 
ATOM   972  O O   . LEU A 1 123 ? -4.400  -6.048  0.114   1.00 10.42 ? 123 LEU A O   1 
ATOM   973  C CB  . LEU A 1 123 ? -7.039  -5.306  1.387   1.00 10.86 ? 123 LEU A CB  1 
ATOM   974  C CG  . LEU A 1 123 ? -6.828  -6.234  2.582   1.00 10.23 ? 123 LEU A CG  1 
ATOM   975  C CD1 . LEU A 1 123 ? -6.782  -5.407  3.856   1.00 11.55 ? 123 LEU A CD1 1 
ATOM   976  C CD2 . LEU A 1 123 ? -7.965  -7.249  2.651   1.00 12.52 ? 123 LEU A CD2 1 
ATOM   977  N N   . TYR A 1 124 ? -3.727  -4.923  1.945   1.00 9.21  ? 124 TYR A N   1 
ATOM   978  C CA  . TYR A 1 124 ? -2.483  -5.670  2.114   1.00 8.86  ? 124 TYR A CA  1 
ATOM   979  C C   . TYR A 1 124 ? -2.679  -6.464  3.404   1.00 10.10 ? 124 TYR A C   1 
ATOM   980  O O   . TYR A 1 124 ? -3.097  -5.895  4.416   1.00 10.49 ? 124 TYR A O   1 
ATOM   981  C CB  . TYR A 1 124 ? -1.287  -4.726  2.273   1.00 9.33  ? 124 TYR A CB  1 
ATOM   982  C CG  . TYR A 1 124 ? 0.025   -5.430  2.575   1.00 8.94  ? 124 TYR A CG  1 
ATOM   983  C CD1 . TYR A 1 124 ? 0.968   -5.652  1.569   1.00 9.78  ? 124 TYR A CD1 1 
ATOM   984  C CD2 . TYR A 1 124 ? 0.329   -5.863  3.868   1.00 8.92  ? 124 TYR A CD2 1 
ATOM   985  C CE1 . TYR A 1 124 ? 2.179   -6.284  1.844   1.00 10.28 ? 124 TYR A CE1 1 
ATOM   986  C CE2 . TYR A 1 124 ? 1.538   -6.498  4.155   1.00 9.13  ? 124 TYR A CE2 1 
ATOM   987  C CZ  . TYR A 1 124 ? 2.457   -6.701  3.139   1.00 8.87  ? 124 TYR A CZ  1 
ATOM   988  O OH  . TYR A 1 124 ? 3.662   -7.306  3.419   1.00 11.08 ? 124 TYR A OH  1 
ATOM   989  N N   . VAL A 1 125 ? -2.400  -7.765  3.373   1.00 9.03  ? 125 VAL A N   1 
ATOM   990  C CA  . VAL A 1 125 ? -2.553  -8.605  4.561   1.00 9.53  ? 125 VAL A CA  1 
ATOM   991  C C   . VAL A 1 125 ? -1.256  -9.349  4.866   1.00 9.48  ? 125 VAL A C   1 
ATOM   992  O O   . VAL A 1 125 ? -0.794  -10.158 4.063   1.00 9.84  ? 125 VAL A O   1 
ATOM   993  C CB  . VAL A 1 125 ? -3.678  -9.648  4.378   1.00 10.58 ? 125 VAL A CB  1 
ATOM   994  C CG1 . VAL A 1 125 ? -3.923  -10.384 5.691   1.00 12.88 ? 125 VAL A CG1 1 
ATOM   995  C CG2 . VAL A 1 125 ? -4.950  -8.965  3.895   1.00 12.74 ? 125 VAL A CG2 1 
ATOM   996  N N   . GLY A 1 126 ? -0.676  -9.068  6.027   1.00 9.56  ? 126 GLY A N   1 
ATOM   997  C CA  . GLY A 1 126 ? 0.559   -9.723  6.421   1.00 10.32 ? 126 GLY A CA  1 
ATOM   998  C C   . GLY A 1 126 ? 0.329   -11.136 6.923   1.00 10.11 ? 126 GLY A C   1 
ATOM   999  O O   . GLY A 1 126 ? -0.812  -11.562 7.118   1.00 11.35 ? 126 GLY A O   1 
ATOM   1000 N N   . HIS A 1 127 ? 1.416   -11.865 7.145   1.00 10.89 ? 127 HIS A N   1 
ATOM   1001 C CA  . HIS A 1 127 ? 1.317   -13.238 7.614   1.00 10.29 ? 127 HIS A CA  1 
ATOM   1002 C C   . HIS A 1 127 ? 0.587   -13.363 8.945   1.00 10.83 ? 127 HIS A C   1 
ATOM   1003 O O   . HIS A 1 127 ? 0.684   -12.487 9.810   1.00 11.65 ? 127 HIS A O   1 
ATOM   1004 C CB  . HIS A 1 127 ? 2.709   -13.861 7.740   1.00 11.48 ? 127 HIS A CB  1 
ATOM   1005 C CG  . HIS A 1 127 ? 3.439   -13.968 6.438   1.00 12.33 ? 127 HIS A CG  1 
ATOM   1006 N ND1 . HIS A 1 127 ? 2.852   -14.472 5.296   1.00 13.84 ? 127 HIS A ND1 1 
ATOM   1007 C CD2 . HIS A 1 127 ? 4.715   -13.663 6.102   1.00 12.35 ? 127 HIS A CD2 1 
ATOM   1008 C CE1 . HIS A 1 127 ? 3.736   -14.473 4.313   1.00 14.04 ? 127 HIS A CE1 1 
ATOM   1009 N NE2 . HIS A 1 127 ? 4.874   -13.987 4.776   1.00 13.28 ? 127 HIS A NE2 1 
ATOM   1010 N N   . HIS A 1 128 ? -0.145  -14.467 9.084   1.00 10.71 ? 128 HIS A N   1 
ATOM   1011 C CA  . HIS A 1 128 ? -0.915  -14.789 10.281  1.00 11.80 ? 128 HIS A CA  1 
ATOM   1012 C C   . HIS A 1 128 ? -2.052  -13.820 10.590  1.00 13.80 ? 128 HIS A C   1 
ATOM   1013 O O   . HIS A 1 128 ? -2.434  -13.638 11.745  1.00 16.65 ? 128 HIS A O   1 
ATOM   1014 C CB  . HIS A 1 128 ? 0.030   -14.927 11.478  1.00 11.77 ? 128 HIS A CB  1 
ATOM   1015 C CG  . HIS A 1 128 ? 0.953   -16.100 11.366  1.00 11.22 ? 128 HIS A CG  1 
ATOM   1016 N ND1 . HIS A 1 128 ? 0.527   -17.399 11.551  1.00 12.59 ? 128 HIS A ND1 1 
ATOM   1017 C CD2 . HIS A 1 128 ? 2.258   -16.180 11.012  1.00 11.13 ? 128 HIS A CD2 1 
ATOM   1018 C CE1 . HIS A 1 128 ? 1.529   -18.226 11.313  1.00 13.12 ? 128 HIS A CE1 1 
ATOM   1019 N NE2 . HIS A 1 128 ? 2.590   -17.512 10.982  1.00 13.16 ? 128 HIS A NE2 1 
ATOM   1020 N N   . MET A 1 129 ? -2.601  -13.209 9.547   1.00 13.26 ? 129 MET A N   1 
ATOM   1021 C CA  . MET A 1 129 ? -3.714  -12.277 9.702   1.00 14.76 ? 129 MET A CA  1 
ATOM   1022 C C   . MET A 1 129 ? -4.887  -12.653 8.801   1.00 15.36 ? 129 MET A C   1 
ATOM   1023 O O   . MET A 1 129 ? -6.041  -12.374 9.121   1.00 18.51 ? 129 MET A O   1 
ATOM   1024 C CB  . MET A 1 129 ? -3.279  -10.847 9.367   1.00 14.75 ? 129 MET A CB  1 
ATOM   1025 C CG  . MET A 1 129 ? -2.345  -10.200 10.376  1.00 15.29 ? 129 MET A CG  1 
ATOM   1026 S SD  . MET A 1 129 ? -3.064  -10.050 12.030  1.00 13.32 ? 129 MET A SD  1 
ATOM   1027 C CE  . MET A 1 129 ? -4.426  -8.939  11.731  1.00 13.66 ? 129 MET A CE  1 
ATOM   1028 N N   . TYR A 1 130 ? -4.590  -13.303 7.683   1.00 14.27 ? 130 TYR A N   1 
ATOM   1029 C CA  . TYR A 1 130 ? -5.618  -13.665 6.713   1.00 14.67 ? 130 TYR A CA  1 
ATOM   1030 C C   . TYR A 1 130 ? -6.714  -14.611 7.201   1.00 15.66 ? 130 TYR A C   1 
ATOM   1031 O O   . TYR A 1 130 ? -7.882  -14.231 7.286   1.00 17.03 ? 130 TYR A O   1 
ATOM   1032 C CB  . TYR A 1 130 ? -4.959  -14.266 5.472   1.00 13.63 ? 130 TYR A CB  1 
ATOM   1033 C CG  . TYR A 1 130 ? -5.832  -14.252 4.240   1.00 14.79 ? 130 TYR A CG  1 
ATOM   1034 C CD1 . TYR A 1 130 ? -5.779  -13.190 3.336   1.00 14.73 ? 130 TYR A CD1 1 
ATOM   1035 C CD2 . TYR A 1 130 ? -6.698  -15.309 3.964   1.00 14.96 ? 130 TYR A CD2 1 
ATOM   1036 C CE1 . TYR A 1 130 ? -6.564  -13.186 2.183   1.00 15.77 ? 130 TYR A CE1 1 
ATOM   1037 C CE2 . TYR A 1 130 ? -7.488  -15.315 2.818   1.00 16.22 ? 130 TYR A CE2 1 
ATOM   1038 C CZ  . TYR A 1 130 ? -7.412  -14.253 1.930   1.00 13.91 ? 130 TYR A CZ  1 
ATOM   1039 O OH  . TYR A 1 130 ? -8.165  -14.272 0.779   1.00 16.39 ? 130 TYR A OH  1 
ATOM   1040 N N   . THR A 1 131 ? -6.339  -15.846 7.511   1.00 15.72 ? 131 THR A N   1 
ATOM   1041 C CA  . THR A 1 131 ? -7.310  -16.844 7.945   1.00 16.72 ? 131 THR A CA  1 
ATOM   1042 C C   . THR A 1 131 ? -7.950  -16.612 9.314   1.00 16.51 ? 131 THR A C   1 
ATOM   1043 O O   . THR A 1 131 ? -9.165  -16.750 9.464   1.00 16.78 ? 131 THR A O   1 
ATOM   1044 C CB  . THR A 1 131 ? -6.684  -18.252 7.890   1.00 18.49 ? 131 THR A CB  1 
ATOM   1045 O OG1 . THR A 1 131 ? -6.317  -18.549 6.536   1.00 20.48 ? 131 THR A OG1 1 
ATOM   1046 C CG2 . THR A 1 131 ? -7.674  -19.305 8.373   1.00 20.07 ? 131 THR A CG2 1 
ATOM   1047 N N   . PRO A 1 132 ? -7.152  -16.247 10.329  1.00 15.31 ? 132 PRO A N   1 
ATOM   1048 C CA  . PRO A 1 132 ? -7.728  -16.017 11.659  1.00 15.92 ? 132 PRO A CA  1 
ATOM   1049 C C   . PRO A 1 132 ? -8.862  -14.992 11.687  1.00 15.94 ? 132 PRO A C   1 
ATOM   1050 O O   . PRO A 1 132 ? -9.776  -15.089 12.509  1.00 16.32 ? 132 PRO A O   1 
ATOM   1051 C CB  . PRO A 1 132 ? -6.524  -15.564 12.480  1.00 17.52 ? 132 PRO A CB  1 
ATOM   1052 C CG  . PRO A 1 132 ? -5.390  -16.312 11.842  1.00 17.67 ? 132 PRO A CG  1 
ATOM   1053 C CD  . PRO A 1 132 ? -5.683  -16.146 10.369  1.00 16.00 ? 132 PRO A CD  1 
ATOM   1054 N N   . PHE A 1 133 ? -8.809  -14.017 10.786  1.00 14.40 ? 133 PHE A N   1 
ATOM   1055 C CA  . PHE A 1 133 ? -9.826  -12.976 10.750  1.00 14.39 ? 133 PHE A CA  1 
ATOM   1056 C C   . PHE A 1 133 ? -10.764 -13.046 9.549   1.00 14.15 ? 133 PHE A C   1 
ATOM   1057 O O   . PHE A 1 133 ? -11.669 -12.222 9.415   1.00 15.24 ? 133 PHE A O   1 
ATOM   1058 C CB  . PHE A 1 133 ? -9.150  -11.604 10.826  1.00 14.54 ? 133 PHE A CB  1 
ATOM   1059 C CG  . PHE A 1 133 ? -8.357  -11.400 12.085  1.00 14.16 ? 133 PHE A CG  1 
ATOM   1060 C CD1 . PHE A 1 133 ? -6.979  -11.605 12.105  1.00 14.46 ? 133 PHE A CD1 1 
ATOM   1061 C CD2 . PHE A 1 133 ? -9.000  -11.056 13.269  1.00 15.70 ? 133 PHE A CD2 1 
ATOM   1062 C CE1 . PHE A 1 133 ? -6.254  -11.470 13.291  1.00 17.18 ? 133 PHE A CE1 1 
ATOM   1063 C CE2 . PHE A 1 133 ? -8.287  -10.920 14.458  1.00 17.08 ? 133 PHE A CE2 1 
ATOM   1064 C CZ  . PHE A 1 133 ? -6.911  -11.128 14.469  1.00 16.86 ? 133 PHE A CZ  1 
ATOM   1065 N N   . GLY A 1 134 ? -10.557 -14.038 8.688   1.00 14.03 ? 134 GLY A N   1 
ATOM   1066 C CA  . GLY A 1 134 ? -11.401 -14.193 7.515   1.00 13.38 ? 134 GLY A CA  1 
ATOM   1067 C C   . GLY A 1 134 ? -11.300 -13.017 6.560   1.00 12.58 ? 134 GLY A C   1 
ATOM   1068 O O   . GLY A 1 134 ? -12.304 -12.524 6.048   1.00 14.38 ? 134 GLY A O   1 
ATOM   1069 N N   . MET A 1 135 ? -10.072 -12.579 6.300   1.00 13.40 ? 135 MET A N   1 
ATOM   1070 C CA  . MET A 1 135 ? -9.836  -11.442 5.421   1.00 12.95 ? 135 MET A CA  1 
ATOM   1071 C C   . MET A 1 135 ? -10.239 -11.667 3.967   1.00 13.15 ? 135 MET A C   1 
ATOM   1072 O O   . MET A 1 135 ? -10.288 -10.719 3.181   1.00 13.66 ? 135 MET A O   1 
ATOM   1073 C CB  . MET A 1 135 ? -8.368  -11.020 5.511   1.00 12.70 ? 135 MET A CB  1 
ATOM   1074 C CG  . MET A 1 135 ? -7.940  -10.614 6.921   1.00 11.91 ? 135 MET A CG  1 
ATOM   1075 S SD  . MET A 1 135 ? -8.922  -9.262  7.630   1.00 13.14 ? 135 MET A SD  1 
ATOM   1076 C CE  . MET A 1 135 ? -8.234  -7.882  6.753   1.00 13.00 ? 135 MET A CE  1 
ATOM   1077 N N   . ALA A 1 136 ? -10.536 -12.911 3.610   1.00 13.71 ? 136 ALA A N   1 
ATOM   1078 C CA  . ALA A 1 136 ? -10.963 -13.218 2.250   1.00 12.96 ? 136 ALA A CA  1 
ATOM   1079 C C   . ALA A 1 136 ? -12.337 -12.593 2.017   1.00 12.42 ? 136 ALA A C   1 
ATOM   1080 O O   . ALA A 1 136 ? -12.771 -12.426 0.876   1.00 15.00 ? 136 ALA A O   1 
ATOM   1081 C CB  . ALA A 1 136 ? -11.042 -14.725 2.052   1.00 15.28 ? 136 ALA A CB  1 
ATOM   1082 N N   . ASN A 1 137 ? -13.007 -12.230 3.108   1.00 12.43 ? 137 ASN A N   1 
ATOM   1083 C CA  . ASN A 1 137 ? -14.342 -11.651 3.025   1.00 12.64 ? 137 ASN A CA  1 
ATOM   1084 C C   . ASN A 1 137 ? -14.371 -10.136 2.911   1.00 12.21 ? 137 ASN A C   1 
ATOM   1085 O O   . ASN A 1 137 ? -15.442 -9.535  2.833   1.00 13.28 ? 137 ASN A O   1 
ATOM   1086 C CB  . ASN A 1 137 ? -15.176 -12.106 4.222   1.00 13.16 ? 137 ASN A CB  1 
ATOM   1087 C CG  . ASN A 1 137 ? -15.297 -13.612 4.291   1.00 15.52 ? 137 ASN A CG  1 
ATOM   1088 O OD1 . ASN A 1 137 ? -15.634 -14.260 3.302   1.00 16.64 ? 137 ASN A OD1 1 
ATOM   1089 N ND2 . ASN A 1 137 ? -15.018 -14.178 5.457   1.00 17.66 ? 137 ASN A ND2 1 
ATOM   1090 N N   . VAL A 1 138 ? -13.197 -9.518  2.902   1.00 11.87 ? 138 VAL A N   1 
ATOM   1091 C CA  . VAL A 1 138 ? -13.126 -8.073  2.760   1.00 12.23 ? 138 VAL A CA  1 
ATOM   1092 C C   . VAL A 1 138 ? -13.391 -7.738  1.295   1.00 12.32 ? 138 VAL A C   1 
ATOM   1093 O O   . VAL A 1 138 ? -12.888 -8.413  0.394   1.00 14.26 ? 138 VAL A O   1 
ATOM   1094 C CB  . VAL A 1 138 ? -11.733 -7.531  3.154   1.00 11.67 ? 138 VAL A CB  1 
ATOM   1095 C CG1 . VAL A 1 138 ? -11.616 -6.059  2.774   1.00 13.66 ? 138 VAL A CG1 1 
ATOM   1096 C CG2 . VAL A 1 138 ? -11.515 -7.706  4.651   1.00 12.83 ? 138 VAL A CG2 1 
ATOM   1097 N N   . LYS A 1 139 ? -14.202 -6.715  1.061   1.00 12.31 ? 139 LYS A N   1 
ATOM   1098 C CA  . LYS A 1 139 ? -14.513 -6.295  -0.297  1.00 12.47 ? 139 LYS A CA  1 
ATOM   1099 C C   . LYS A 1 139 ? -13.682 -5.072  -0.653  1.00 12.25 ? 139 LYS A C   1 
ATOM   1100 O O   . LYS A 1 139 ? -13.784 -4.032  -0.004  1.00 13.35 ? 139 LYS A O   1 
ATOM   1101 C CB  . LYS A 1 139 ? -16.001 -5.960  -0.431  1.00 14.27 ? 139 LYS A CB  1 
ATOM   1102 C CG  . LYS A 1 139 ? -16.925 -7.162  -0.352  1.00 18.36 ? 139 LYS A CG  1 
ATOM   1103 C CD  . LYS A 1 139 ? -18.369 -6.754  -0.599  1.00 21.90 ? 139 LYS A CD  1 
ATOM   1104 C CE  . LYS A 1 139 ? -19.288 -7.965  -0.640  1.00 23.41 ? 139 LYS A CE  1 
ATOM   1105 N NZ  . LYS A 1 139 ? -20.705 -7.578  -0.891  1.00 26.07 ? 139 LYS A NZ  1 
ATOM   1106 N N   . SER A 1 140 ? -12.848 -5.214  -1.677  1.00 12.16 ? 140 SER A N   1 
ATOM   1107 C CA  . SER A 1 140 ? -12.000 -4.126  -2.149  1.00 12.15 ? 140 SER A CA  1 
ATOM   1108 C C   . SER A 1 140 ? -11.710 -4.367  -3.624  1.00 11.60 ? 140 SER A C   1 
ATOM   1109 O O   . SER A 1 140 ? -12.115 -5.385  -4.184  1.00 12.23 ? 140 SER A O   1 
ATOM   1110 C CB  . SER A 1 140 ? -10.681 -4.074  -1.363  1.00 14.14 ? 140 SER A CB  1 
ATOM   1111 O OG  . SER A 1 140 ? -9.866  -5.202  -1.629  1.00 16.93 ? 140 SER A OG  1 
ATOM   1112 N N   . ASP A 1 141 ? -11.005 -3.433  -4.249  1.00 10.59 ? 141 ASP A N   1 
ATOM   1113 C CA  . ASP A 1 141 ? -10.682 -3.564  -5.662  1.00 11.09 ? 141 ASP A CA  1 
ATOM   1114 C C   . ASP A 1 141 ? -9.512  -4.493  -5.945  1.00 11.87 ? 141 ASP A C   1 
ATOM   1115 O O   . ASP A 1 141 ? -9.413  -5.052  -7.035  1.00 12.48 ? 141 ASP A O   1 
ATOM   1116 C CB  . ASP A 1 141 ? -10.409 -2.188  -6.261  1.00 11.68 ? 141 ASP A CB  1 
ATOM   1117 C CG  . ASP A 1 141 ? -11.620 -1.291  -6.207  1.00 12.77 ? 141 ASP A CG  1 
ATOM   1118 O OD1 . ASP A 1 141 ? -11.608 -0.305  -5.441  1.00 12.80 ? 141 ASP A OD1 1 
ATOM   1119 O OD2 . ASP A 1 141 ? -12.599 -1.581  -6.926  1.00 16.63 ? 141 ASP A OD2 1 
ATOM   1120 N N   . PHE A 1 142 ? -8.621  -4.654  -4.973  1.00 11.02 ? 142 PHE A N   1 
ATOM   1121 C CA  . PHE A 1 142 ? -7.479  -5.533  -5.160  1.00 11.46 ? 142 PHE A CA  1 
ATOM   1122 C C   . PHE A 1 142 ? -6.872  -5.964  -3.837  1.00 11.28 ? 142 PHE A C   1 
ATOM   1123 O O   . PHE A 1 142 ? -7.059  -5.303  -2.809  1.00 9.77  ? 142 PHE A O   1 
ATOM   1124 C CB  . PHE A 1 142 ? -6.424  -4.856  -6.051  1.00 11.78 ? 142 PHE A CB  1 
ATOM   1125 C CG  . PHE A 1 142 ? -5.782  -3.638  -5.438  1.00 11.09 ? 142 PHE A CG  1 
ATOM   1126 C CD1 . PHE A 1 142 ? -4.583  -3.743  -4.738  1.00 11.44 ? 142 PHE A CD1 1 
ATOM   1127 C CD2 . PHE A 1 142 ? -6.360  -2.379  -5.589  1.00 11.57 ? 142 PHE A CD2 1 
ATOM   1128 C CE1 . PHE A 1 142 ? -3.966  -2.610  -4.202  1.00 10.80 ? 142 PHE A CE1 1 
ATOM   1129 C CE2 . PHE A 1 142 ? -5.751  -1.244  -5.058  1.00 11.83 ? 142 PHE A CE2 1 
ATOM   1130 C CZ  . PHE A 1 142 ? -4.550  -1.360  -4.363  1.00 11.64 ? 142 PHE A CZ  1 
ATOM   1131 N N   . VAL A 1 143 ? -6.157  -7.085  -3.879  1.00 11.11 ? 143 VAL A N   1 
ATOM   1132 C CA  . VAL A 1 143 ? -5.508  -7.661  -2.708  1.00 10.35 ? 143 VAL A CA  1 
ATOM   1133 C C   . VAL A 1 143 ? -4.008  -7.749  -2.971  1.00 9.48  ? 143 VAL A C   1 
ATOM   1134 O O   . VAL A 1 143 ? -3.574  -8.045  -4.087  1.00 9.96  ? 143 VAL A O   1 
ATOM   1135 C CB  . VAL A 1 143 ? -6.090  -9.054  -2.400  1.00 11.18 ? 143 VAL A CB  1 
ATOM   1136 C CG1 . VAL A 1 143 ? -5.478  -9.615  -1.121  1.00 12.81 ? 143 VAL A CG1 1 
ATOM   1137 C CG2 . VAL A 1 143 ? -7.604  -8.951  -2.264  1.00 12.19 ? 143 VAL A CG2 1 
ATOM   1138 N N   . TRP A 1 144 ? -3.236  -7.506  -1.918  1.00 9.06  ? 144 TRP A N   1 
ATOM   1139 C CA  . TRP A 1 144 ? -1.778  -7.455  -1.966  1.00 8.61  ? 144 TRP A CA  1 
ATOM   1140 C C   . TRP A 1 144 ? -1.254  -8.290  -0.796  1.00 9.80  ? 144 TRP A C   1 
ATOM   1141 O O   . TRP A 1 144 ? -1.547  -8.004  0.366   1.00 9.36  ? 144 TRP A O   1 
ATOM   1142 C CB  . TRP A 1 144 ? -1.416  -5.970  -1.860  1.00 9.52  ? 144 TRP A CB  1 
ATOM   1143 C CG  . TRP A 1 144 ? 0.011   -5.556  -1.831  1.00 8.99  ? 144 TRP A CG  1 
ATOM   1144 C CD1 . TRP A 1 144 ? 1.114   -6.300  -2.144  1.00 9.54  ? 144 TRP A CD1 1 
ATOM   1145 C CD2 . TRP A 1 144 ? 0.484   -4.247  -1.507  1.00 8.82  ? 144 TRP A CD2 1 
ATOM   1146 N NE1 . TRP A 1 144 ? 2.251   -5.525  -2.031  1.00 9.41  ? 144 TRP A NE1 1 
ATOM   1147 C CE2 . TRP A 1 144 ? 1.890   -4.260  -1.641  1.00 8.50  ? 144 TRP A CE2 1 
ATOM   1148 C CE3 . TRP A 1 144 ? -0.147  -3.059  -1.113  1.00 10.30 ? 144 TRP A CE3 1 
ATOM   1149 C CZ2 . TRP A 1 144 ? 2.676   -3.130  -1.393  1.00 10.70 ? 144 TRP A CZ2 1 
ATOM   1150 C CZ3 . TRP A 1 144 ? 0.633   -1.936  -0.865  1.00 11.33 ? 144 TRP A CZ3 1 
ATOM   1151 C CH2 . TRP A 1 144 ? 2.031   -1.980  -1.006  1.00 11.18 ? 144 TRP A CH2 1 
ATOM   1152 N N   . ILE A 1 145 ? -0.485  -9.329  -1.106  1.00 9.55  ? 145 ILE A N   1 
ATOM   1153 C CA  . ILE A 1 145 ? 0.021   -10.231 -0.080  1.00 9.89  ? 145 ILE A CA  1 
ATOM   1154 C C   . ILE A 1 145 ? 1.493   -10.565 -0.261  1.00 9.15  ? 145 ILE A C   1 
ATOM   1155 O O   . ILE A 1 145 ? 1.977   -10.697 -1.385  1.00 9.76  ? 145 ILE A O   1 
ATOM   1156 C CB  . ILE A 1 145 ? -0.774  -11.560 -0.098  1.00 11.34 ? 145 ILE A CB  1 
ATOM   1157 C CG1 . ILE A 1 145 ? -2.276  -11.273 -0.054  1.00 13.58 ? 145 ILE A CG1 1 
ATOM   1158 C CG2 . ILE A 1 145 ? -0.363  -12.436 1.077   1.00 13.37 ? 145 ILE A CG2 1 
ATOM   1159 C CD1 . ILE A 1 145 ? -3.141  -12.519 -0.076  1.00 15.93 ? 145 ILE A CD1 1 
ATOM   1160 N N   . PRO A 1 146 ? 2.226   -10.711 0.852   1.00 9.39  ? 146 PRO A N   1 
ATOM   1161 C CA  . PRO A 1 146 ? 3.651   -11.036 0.785   1.00 9.36  ? 146 PRO A CA  1 
ATOM   1162 C C   . PRO A 1 146 ? 3.970   -12.523 0.938   1.00 10.15 ? 146 PRO A C   1 
ATOM   1163 O O   . PRO A 1 146 ? 3.198   -13.290 1.509   1.00 10.80 ? 146 PRO A O   1 
ATOM   1164 C CB  . PRO A 1 146 ? 4.224   -10.253 1.956   1.00 9.45  ? 146 PRO A CB  1 
ATOM   1165 C CG  . PRO A 1 146 ? 3.154   -10.459 2.995   1.00 9.92  ? 146 PRO A CG  1 
ATOM   1166 C CD  . PRO A 1 146 ? 1.874   -10.215 2.199   1.00 10.13 ? 146 PRO A CD  1 
ATOM   1167 N N   . ARG A 1 147 ? 5.124   -12.903 0.405   1.00 10.91 ? 147 ARG A N   1 
ATOM   1168 C CA  . ARG A 1 147 ? 5.686   -14.244 0.542   1.00 10.44 ? 147 ARG A CA  1 
ATOM   1169 C C   . ARG A 1 147 ? 7.043   -14.133 -0.120  1.00 10.46 ? 147 ARG A C   1 
ATOM   1170 O O   . ARG A 1 147 ? 7.146   -13.968 -1.332  1.00 11.04 ? 147 ARG A O   1 
ATOM   1171 C CB  . ARG A 1 147 ? 4.837   -15.338 -0.102  1.00 10.61 ? 147 ARG A CB  1 
ATOM   1172 C CG  . ARG A 1 147 ? 5.065   -16.657 0.620   1.00 13.54 ? 147 ARG A CG  1 
ATOM   1173 C CD  . ARG A 1 147 ? 4.114   -17.743 0.184   1.00 13.78 ? 147 ARG A CD  1 
ATOM   1174 N NE  . ARG A 1 147 ? 4.146   -18.870 1.111   1.00 16.87 ? 147 ARG A NE  1 
ATOM   1175 C CZ  . ARG A 1 147 ? 3.383   -19.948 0.982   1.00 18.49 ? 147 ARG A CZ  1 
ATOM   1176 N NH1 . ARG A 1 147 ? 2.539   -20.036 -0.034  1.00 18.32 ? 147 ARG A NH1 1 
ATOM   1177 N NH2 . ARG A 1 147 ? 3.465   -20.935 1.864   1.00 21.14 ? 147 ARG A NH2 1 
ATOM   1178 N N   . TYR A 1 148 ? 8.085   -14.211 0.698   1.00 11.30 ? 148 TYR A N   1 
ATOM   1179 C CA  . TYR A 1 148 ? 9.455   -14.027 0.237   1.00 12.51 ? 148 TYR A CA  1 
ATOM   1180 C C   . TYR A 1 148 ? 10.255  -15.299 -0.025  1.00 15.13 ? 148 TYR A C   1 
ATOM   1181 O O   . TYR A 1 148 ? 11.482  -15.239 -0.126  1.00 19.19 ? 148 TYR A O   1 
ATOM   1182 C CB  . TYR A 1 148 ? 10.206  -13.177 1.269   1.00 12.67 ? 148 TYR A CB  1 
ATOM   1183 C CG  . TYR A 1 148 ? 9.474   -11.930 1.742   1.00 11.34 ? 148 TYR A CG  1 
ATOM   1184 C CD1 . TYR A 1 148 ? 9.710   -11.414 3.016   1.00 11.46 ? 148 TYR A CD1 1 
ATOM   1185 C CD2 . TYR A 1 148 ? 8.566   -11.258 0.921   1.00 10.57 ? 148 TYR A CD2 1 
ATOM   1186 C CE1 . TYR A 1 148 ? 9.062   -10.265 3.463   1.00 11.03 ? 148 TYR A CE1 1 
ATOM   1187 C CE2 . TYR A 1 148 ? 7.914   -10.103 1.358   1.00 10.56 ? 148 TYR A CE2 1 
ATOM   1188 C CZ  . TYR A 1 148 ? 8.165   -9.614  2.628   1.00 11.51 ? 148 TYR A CZ  1 
ATOM   1189 O OH  . TYR A 1 148 ? 7.522   -8.480  3.074   1.00 13.82 ? 148 TYR A OH  1 
ATOM   1190 N N   . GLY A 1 149 ? 9.578   -16.436 -0.154  1.00 17.41 ? 149 GLY A N   1 
ATOM   1191 C CA  . GLY A 1 149 ? 10.287  -17.687 -0.377  1.00 19.76 ? 149 GLY A CA  1 
ATOM   1192 C C   . GLY A 1 149 ? 10.315  -18.280 -1.776  1.00 20.95 ? 149 GLY A C   1 
ATOM   1193 O O   . GLY A 1 149 ? 10.648  -19.455 -1.937  1.00 23.10 ? 149 GLY A O   1 
ATOM   1194 N N   . GLY A 1 150 ? 9.976   -17.496 -2.793  1.00 20.79 ? 150 GLY A N   1 
ATOM   1195 C CA  . GLY A 1 150 ? 10.000  -18.027 -4.146  1.00 19.83 ? 150 GLY A CA  1 
ATOM   1196 C C   . GLY A 1 150 ? 8.664   -18.572 -4.620  1.00 18.84 ? 150 GLY A C   1 
ATOM   1197 O O   . GLY A 1 150 ? 8.416   -18.655 -5.823  1.00 18.84 ? 150 GLY A O   1 
ATOM   1198 N N   . ASN A 1 151 ? 7.811   -18.969 -3.683  1.00 18.59 ? 151 ASN A N   1 
ATOM   1199 C CA  . ASN A 1 151 ? 6.491   -19.472 -4.043  1.00 17.22 ? 151 ASN A CA  1 
ATOM   1200 C C   . ASN A 1 151 ? 5.475   -18.359 -3.797  1.00 15.11 ? 151 ASN A C   1 
ATOM   1201 O O   . ASN A 1 151 ? 5.646   -17.539 -2.893  1.00 13.96 ? 151 ASN A O   1 
ATOM   1202 C CB  . ASN A 1 151 ? 6.141   -20.722 -3.228  1.00 21.73 ? 151 ASN A CB  1 
ATOM   1203 C CG  . ASN A 1 151 ? 6.277   -20.507 -1.739  1.00 24.74 ? 151 ASN A CG  1 
ATOM   1204 O OD1 . ASN A 1 151 ? 7.356   -20.191 -1.239  1.00 28.74 ? 151 ASN A OD1 1 
ATOM   1205 N ND2 . ASN A 1 151 ? 5.179   -20.686 -1.017  1.00 28.81 ? 151 ASN A ND2 1 
ATOM   1206 N N   . LYS A 1 152 ? 4.429   -18.320 -4.610  1.00 12.92 ? 152 LYS A N   1 
ATOM   1207 C CA  . LYS A 1 152 ? 3.413   -17.282 -4.484  1.00 11.47 ? 152 LYS A CA  1 
ATOM   1208 C C   . LYS A 1 152 ? 2.602   -17.395 -3.199  1.00 11.11 ? 152 LYS A C   1 
ATOM   1209 O O   . LYS A 1 152 ? 2.593   -18.435 -2.540  1.00 10.82 ? 152 LYS A O   1 
ATOM   1210 C CB  . LYS A 1 152 ? 2.470   -17.321 -5.692  1.00 12.07 ? 152 LYS A CB  1 
ATOM   1211 C CG  . LYS A 1 152 ? 1.615   -18.576 -5.794  1.00 12.47 ? 152 LYS A CG  1 
ATOM   1212 C CD  . LYS A 1 152 ? 0.777   -18.558 -7.068  1.00 13.30 ? 152 LYS A CD  1 
ATOM   1213 C CE  . LYS A 1 152 ? 0.016   -19.862 -7.251  1.00 13.34 ? 152 LYS A CE  1 
ATOM   1214 N NZ  . LYS A 1 152 ? 0.941   -21.023 -7.361  1.00 14.51 ? 152 LYS A NZ  1 
ATOM   1215 N N   . PRO A 1 153 ? 1.913   -16.307 -2.822  1.00 10.29 ? 153 PRO A N   1 
ATOM   1216 C CA  . PRO A 1 153 ? 1.094   -16.292 -1.608  1.00 11.08 ? 153 PRO A CA  1 
ATOM   1217 C C   . PRO A 1 153 ? 0.082   -17.437 -1.581  1.00 11.71 ? 153 PRO A C   1 
ATOM   1218 O O   . PRO A 1 153 ? -0.343  -17.932 -2.631  1.00 11.79 ? 153 PRO A O   1 
ATOM   1219 C CB  . PRO A 1 153 ? 0.434   -14.918 -1.664  1.00 11.49 ? 153 PRO A CB  1 
ATOM   1220 C CG  . PRO A 1 153 ? 1.501   -14.079 -2.315  1.00 11.64 ? 153 PRO A CG  1 
ATOM   1221 C CD  . PRO A 1 153 ? 1.941   -14.974 -3.450  1.00 10.79 ? 153 PRO A CD  1 
ATOM   1222 N N   . ALA A 1 154 ? -0.299  -17.842 -0.373  1.00 12.94 ? 154 ALA A N   1 
ATOM   1223 C CA  . ALA A 1 154 ? -1.240  -18.940 -0.171  1.00 13.10 ? 154 ALA A CA  1 
ATOM   1224 C C   . ALA A 1 154 ? -2.682  -18.588 -0.511  1.00 13.34 ? 154 ALA A C   1 
ATOM   1225 O O   . ALA A 1 154 ? -3.564  -19.443 -0.454  1.00 14.44 ? 154 ALA A O   1 
ATOM   1226 C CB  . ALA A 1 154 ? -1.157  -19.421 1.268   1.00 15.32 ? 154 ALA A CB  1 
ATOM   1227 N N   . TYR A 1 155 ? -2.926  -17.331 -0.857  1.00 14.08 ? 155 TYR A N   1 
ATOM   1228 C CA  . TYR A 1 155 ? -4.273  -16.897 -1.200  1.00 16.19 ? 155 TYR A CA  1 
ATOM   1229 C C   . TYR A 1 155 ? -4.228  -16.089 -2.484  1.00 17.39 ? 155 TYR A C   1 
ATOM   1230 O O   . TYR A 1 155 ? -3.199  -15.512 -2.824  1.00 16.32 ? 155 TYR A O   1 
ATOM   1231 C CB  . TYR A 1 155 ? -4.858  -16.050 -0.070  1.00 17.85 ? 155 TYR A CB  1 
ATOM   1232 C CG  . TYR A 1 155 ? -4.614  -16.631 1.302   1.00 18.03 ? 155 TYR A CG  1 
ATOM   1233 C CD1 . TYR A 1 155 ? -3.574  -16.160 2.105   1.00 20.29 ? 155 TYR A CD1 1 
ATOM   1234 C CD2 . TYR A 1 155 ? -5.394  -17.680 1.784   1.00 19.47 ? 155 TYR A CD2 1 
ATOM   1235 C CE1 . TYR A 1 155 ? -3.317  -16.722 3.353   1.00 21.37 ? 155 TYR A CE1 1 
ATOM   1236 C CE2 . TYR A 1 155 ? -5.145  -18.250 3.028   1.00 20.51 ? 155 TYR A CE2 1 
ATOM   1237 C CZ  . TYR A 1 155 ? -4.107  -17.767 3.808   1.00 21.00 ? 155 TYR A CZ  1 
ATOM   1238 O OH  . TYR A 1 155 ? -3.857  -18.336 5.035   1.00 23.25 ? 155 TYR A OH  1 
ATOM   1239 N N   . PRO A 1 156 ? -5.342  -16.043 -3.225  1.00 19.14 ? 156 PRO A N   1 
ATOM   1240 C CA  . PRO A 1 156 ? -5.329  -15.270 -4.466  1.00 19.07 ? 156 PRO A CA  1 
ATOM   1241 C C   . PRO A 1 156 ? -5.083  -13.791 -4.178  1.00 17.24 ? 156 PRO A C   1 
ATOM   1242 O O   . PRO A 1 156 ? -5.569  -13.249 -3.188  1.00 17.56 ? 156 PRO A O   1 
ATOM   1243 C CB  . PRO A 1 156 ? -6.713  -15.537 -5.051  1.00 21.30 ? 156 PRO A CB  1 
ATOM   1244 C CG  . PRO A 1 156 ? -7.560  -15.717 -3.831  1.00 21.06 ? 156 PRO A CG  1 
ATOM   1245 C CD  . PRO A 1 156 ? -6.686  -16.584 -2.952  1.00 20.62 ? 156 PRO A CD  1 
ATOM   1246 N N   . CYS A 1 157 ? -4.300  -13.148 -5.033  1.00 16.51 ? 157 CYS A N   1 
ATOM   1247 C CA  . CYS A 1 157 ? -4.012  -11.733 -4.862  1.00 14.56 ? 157 CYS A CA  1 
ATOM   1248 C C   . CYS A 1 157 ? -3.648  -11.111 -6.198  1.00 13.09 ? 157 CYS A C   1 
ATOM   1249 O O   . CYS A 1 157 ? -3.373  -11.814 -7.175  1.00 13.41 ? 157 CYS A O   1 
ATOM   1250 C CB  . CYS A 1 157 ? -2.871  -11.524 -3.857  1.00 14.54 ? 157 CYS A CB  1 
ATOM   1251 S SG  . CYS A 1 157 ? -1.254  -12.141 -4.369  1.00 14.54 ? 157 CYS A SG  1 
ATOM   1252 N N   . ASP A 1 158 ? -3.651  -9.787  -6.237  1.00 11.77 ? 158 ASP A N   1 
ATOM   1253 C CA  . ASP A 1 158 ? -3.339  -9.057  -7.455  1.00 10.63 ? 158 ASP A CA  1 
ATOM   1254 C C   . ASP A 1 158 ? -1.906  -8.558  -7.440  1.00 10.75 ? 158 ASP A C   1 
ATOM   1255 O O   . ASP A 1 158 ? -1.275  -8.427  -8.487  1.00 11.20 ? 158 ASP A O   1 
ATOM   1256 C CB  . ASP A 1 158 ? -4.321  -7.904  -7.604  1.00 12.37 ? 158 ASP A CB  1 
ATOM   1257 C CG  . ASP A 1 158 ? -5.750  -8.385  -7.622  1.00 13.93 ? 158 ASP A CG  1 
ATOM   1258 O OD1 . ASP A 1 158 ? -6.134  -9.048  -8.609  1.00 15.95 ? 158 ASP A OD1 1 
ATOM   1259 O OD2 . ASP A 1 158 ? -6.478  -8.130  -6.639  1.00 14.78 ? 158 ASP A OD2 1 
ATOM   1260 N N   . ILE A 1 159 ? -1.400  -8.269  -6.245  1.00 10.83 ? 159 ILE A N   1 
ATOM   1261 C CA  . ILE A 1 159 ? -0.027  -7.818  -6.090  1.00 10.12 ? 159 ILE A CA  1 
ATOM   1262 C C   . ILE A 1 159 ? 0.665   -8.761  -5.121  1.00 10.24 ? 159 ILE A C   1 
ATOM   1263 O O   . ILE A 1 159 ? 0.165   -9.013  -4.021  1.00 9.76  ? 159 ILE A O   1 
ATOM   1264 C CB  . ILE A 1 159 ? 0.066   -6.391  -5.509  1.00 9.97  ? 159 ILE A CB  1 
ATOM   1265 C CG1 . ILE A 1 159 ? -0.799  -5.426  -6.322  1.00 10.69 ? 159 ILE A CG1 1 
ATOM   1266 C CG2 . ILE A 1 159 ? 1.524   -5.931  -5.524  1.00 10.03 ? 159 ILE A CG2 1 
ATOM   1267 C CD1 . ILE A 1 159 ? -0.777  -4.004  -5.791  1.00 12.88 ? 159 ILE A CD1 1 
ATOM   1268 N N   . TRP A 1 160 ? 1.809   -9.285  -5.541  1.00 9.71  ? 160 TRP A N   1 
ATOM   1269 C CA  . TRP A 1 160 ? 2.601   -10.191 -4.723  1.00 9.10  ? 160 TRP A CA  1 
ATOM   1270 C C   . TRP A 1 160 ? 3.886   -9.488  -4.293  1.00 8.72  ? 160 TRP A C   1 
ATOM   1271 O O   . TRP A 1 160 ? 4.698   -9.103  -5.132  1.00 10.05 ? 160 TRP A O   1 
ATOM   1272 C CB  . TRP A 1 160 ? 2.933   -11.460 -5.527  1.00 9.89  ? 160 TRP A CB  1 
ATOM   1273 C CG  . TRP A 1 160 ? 3.952   -12.383 -4.903  1.00 10.78 ? 160 TRP A CG  1 
ATOM   1274 C CD1 . TRP A 1 160 ? 4.213   -12.547 -3.572  1.00 9.99  ? 160 TRP A CD1 1 
ATOM   1275 C CD2 . TRP A 1 160 ? 4.798   -13.312 -5.592  1.00 10.41 ? 160 TRP A CD2 1 
ATOM   1276 N NE1 . TRP A 1 160 ? 5.168   -13.520 -3.389  1.00 12.09 ? 160 TRP A NE1 1 
ATOM   1277 C CE2 . TRP A 1 160 ? 5.543   -14.008 -4.612  1.00 12.03 ? 160 TRP A CE2 1 
ATOM   1278 C CE3 . TRP A 1 160 ? 4.998   -13.628 -6.944  1.00 12.87 ? 160 TRP A CE3 1 
ATOM   1279 C CZ2 . TRP A 1 160 ? 6.475   -15.001 -4.940  1.00 12.47 ? 160 TRP A CZ2 1 
ATOM   1280 C CZ3 . TRP A 1 160 ? 5.928   -14.618 -7.270  1.00 13.23 ? 160 TRP A CZ3 1 
ATOM   1281 C CH2 . TRP A 1 160 ? 6.652   -15.292 -6.270  1.00 13.23 ? 160 TRP A CH2 1 
ATOM   1282 N N   . GLN A 1 161 ? 4.049   -9.285  -2.989  1.00 9.44  ? 161 GLN A N   1 
ATOM   1283 C CA  . GLN A 1 161 ? 5.272   -8.668  -2.485  1.00 8.81  ? 161 GLN A CA  1 
ATOM   1284 C C   . GLN A 1 161 ? 6.200   -9.867  -2.335  1.00 9.80  ? 161 GLN A C   1 
ATOM   1285 O O   . GLN A 1 161 ? 6.103   -10.633 -1.370  1.00 9.58  ? 161 GLN A O   1 
ATOM   1286 C CB  . GLN A 1 161 ? 5.018   -8.001  -1.140  1.00 9.50  ? 161 GLN A CB  1 
ATOM   1287 C CG  . GLN A 1 161 ? 6.136   -7.092  -0.693  1.00 8.91  ? 161 GLN A CG  1 
ATOM   1288 C CD  . GLN A 1 161 ? 5.823   -6.455  0.630   1.00 8.52  ? 161 GLN A CD  1 
ATOM   1289 O OE1 . GLN A 1 161 ? 5.712   -7.141  1.646   1.00 9.73  ? 161 GLN A OE1 1 
ATOM   1290 N NE2 . GLN A 1 161 ? 5.656   -5.139  0.629   1.00 10.22 ? 161 GLN A NE2 1 
ATOM   1291 N N   . TYR A 1 162 ? 7.099   -10.027 -3.300  1.00 10.45 ? 162 TYR A N   1 
ATOM   1292 C CA  . TYR A 1 162 ? 7.980   -11.183 -3.318  1.00 9.94  ? 162 TYR A CA  1 
ATOM   1293 C C   . TYR A 1 162 ? 9.313   -11.078 -2.604  1.00 10.89 ? 162 TYR A C   1 
ATOM   1294 O O   . TYR A 1 162 ? 10.025  -12.073 -2.474  1.00 11.55 ? 162 TYR A O   1 
ATOM   1295 C CB  . TYR A 1 162 ? 8.186   -11.636 -4.767  1.00 10.93 ? 162 TYR A CB  1 
ATOM   1296 C CG  . TYR A 1 162 ? 8.932   -10.661 -5.651  1.00 11.15 ? 162 TYR A CG  1 
ATOM   1297 C CD1 . TYR A 1 162 ? 10.326  -10.634 -5.666  1.00 12.82 ? 162 TYR A CD1 1 
ATOM   1298 C CD2 . TYR A 1 162 ? 8.247   -9.786  -6.496  1.00 12.21 ? 162 TYR A CD2 1 
ATOM   1299 C CE1 . TYR A 1 162 ? 11.021  -9.763  -6.503  1.00 12.59 ? 162 TYR A CE1 1 
ATOM   1300 C CE2 . TYR A 1 162 ? 8.935   -8.912  -7.337  1.00 13.01 ? 162 TYR A CE2 1 
ATOM   1301 C CZ  . TYR A 1 162 ? 10.319  -8.909  -7.336  1.00 14.26 ? 162 TYR A CZ  1 
ATOM   1302 O OH  . TYR A 1 162 ? 10.997  -8.057  -8.178  1.00 16.43 ? 162 TYR A OH  1 
ATOM   1303 N N   . THR A 1 163 ? 9.653   -9.884  -2.133  1.00 10.59 ? 163 THR A N   1 
ATOM   1304 C CA  . THR A 1 163 ? 10.900  -9.709  -1.407  1.00 11.03 ? 163 THR A CA  1 
ATOM   1305 C C   . THR A 1 163 ? 10.907  -8.421  -0.608  1.00 11.35 ? 163 THR A C   1 
ATOM   1306 O O   . THR A 1 163 ? 10.232  -7.453  -0.966  1.00 10.66 ? 163 THR A O   1 
ATOM   1307 C CB  . THR A 1 163 ? 12.120  -9.692  -2.352  1.00 11.18 ? 163 THR A CB  1 
ATOM   1308 O OG1 . THR A 1 163 ? 13.321  -9.631  -1.570  1.00 12.02 ? 163 THR A OG1 1 
ATOM   1309 C CG2 . THR A 1 163 ? 12.069  -8.479  -3.278  1.00 11.87 ? 163 THR A CG2 1 
ATOM   1310 N N   . GLU A 1 164 ? 11.654  -8.429  0.491   1.00 11.84 ? 164 GLU A N   1 
ATOM   1311 C CA  . GLU A 1 164 ? 11.797  -7.243  1.324   1.00 10.36 ? 164 GLU A CA  1 
ATOM   1312 C C   . GLU A 1 164 ? 13.284  -6.895  1.317   1.00 11.41 ? 164 GLU A C   1 
ATOM   1313 O O   . GLU A 1 164 ? 13.739  -6.036  2.072   1.00 12.61 ? 164 GLU A O   1 
ATOM   1314 C CB  . GLU A 1 164 ? 11.316  -7.505  2.757   1.00 12.38 ? 164 GLU A CB  1 
ATOM   1315 C CG  . GLU A 1 164 ? 12.189  -8.462  3.553   1.00 13.22 ? 164 GLU A CG  1 
ATOM   1316 C CD  . GLU A 1 164 ? 11.739  -8.634  4.995   1.00 13.93 ? 164 GLU A CD  1 
ATOM   1317 O OE1 . GLU A 1 164 ? 10.980  -7.782  5.508   1.00 15.13 ? 164 GLU A OE1 1 
ATOM   1318 O OE2 . GLU A 1 164 ? 12.166  -9.622  5.627   1.00 14.55 ? 164 GLU A OE2 1 
ATOM   1319 N N   . THR A 1 165 ? 14.033  -7.570  0.448   1.00 11.19 ? 165 THR A N   1 
ATOM   1320 C CA  . THR A 1 165 ? 15.468  -7.336  0.325   1.00 12.68 ? 165 THR A CA  1 
ATOM   1321 C C   . THR A 1 165 ? 15.901  -7.046  -1.109  1.00 12.51 ? 165 THR A C   1 
ATOM   1322 O O   . THR A 1 165 ? 17.006  -7.404  -1.526  1.00 14.76 ? 165 THR A O   1 
ATOM   1323 C CB  . THR A 1 165 ? 16.279  -8.526  0.863   1.00 14.18 ? 165 THR A CB  1 
ATOM   1324 O OG1 . THR A 1 165 ? 15.840  -9.733  0.231   1.00 16.14 ? 165 THR A OG1 1 
ATOM   1325 C CG2 . THR A 1 165 ? 16.101  -8.648  2.369   1.00 15.63 ? 165 THR A CG2 1 
ATOM   1326 N N   . GLY A 1 166 ? 15.024  -6.403  -1.868  1.00 11.77 ? 166 GLY A N   1 
ATOM   1327 C CA  . GLY A 1 166 ? 15.373  -6.046  -3.228  1.00 12.21 ? 166 GLY A CA  1 
ATOM   1328 C C   . GLY A 1 166 ? 16.290  -4.840  -3.160  1.00 12.69 ? 166 GLY A C   1 
ATOM   1329 O O   . GLY A 1 166 ? 16.484  -4.258  -2.091  1.00 12.62 ? 166 GLY A O   1 
ATOM   1330 N N   . ASN A 1 167 ? 16.875  -4.468  -4.290  1.00 12.97 ? 167 ASN A N   1 
ATOM   1331 C CA  . ASN A 1 167 ? 17.756  -3.312  -4.330  1.00 14.19 ? 167 ASN A CA  1 
ATOM   1332 C C   . ASN A 1 167 ? 17.562  -2.606  -5.662  1.00 14.35 ? 167 ASN A C   1 
ATOM   1333 O O   . ASN A 1 167 ? 17.700  -3.210  -6.729  1.00 16.95 ? 167 ASN A O   1 
ATOM   1334 C CB  . ASN A 1 167 ? 19.216  -3.742  -4.157  1.00 16.36 ? 167 ASN A CB  1 
ATOM   1335 C CG  . ASN A 1 167 ? 20.124  -2.577  -3.808  1.00 18.92 ? 167 ASN A CG  1 
ATOM   1336 O OD1 . ASN A 1 167 ? 20.302  -1.656  -4.604  1.00 21.56 ? 167 ASN A OD1 1 
ATOM   1337 N ND2 . ASN A 1 167 ? 20.693  -2.607  -2.610  1.00 23.25 ? 167 ASN A ND2 1 
ATOM   1338 N N   . VAL A 1 168 ? 17.220  -1.327  -5.590  1.00 12.68 ? 168 VAL A N   1 
ATOM   1339 C CA  . VAL A 1 168 ? 16.987  -0.521  -6.778  1.00 12.57 ? 168 VAL A CA  1 
ATOM   1340 C C   . VAL A 1 168 ? 17.865  0.725   -6.747  1.00 12.13 ? 168 VAL A C   1 
ATOM   1341 O O   . VAL A 1 168 ? 17.961  1.400   -5.723  1.00 12.62 ? 168 VAL A O   1 
ATOM   1342 C CB  . VAL A 1 168 ? 15.503  -0.093  -6.862  1.00 12.71 ? 168 VAL A CB  1 
ATOM   1343 C CG1 . VAL A 1 168 ? 15.283  0.824   -8.057  1.00 13.16 ? 168 VAL A CG1 1 
ATOM   1344 C CG2 . VAL A 1 168 ? 14.615  -1.328  -6.969  1.00 14.08 ? 168 VAL A CG2 1 
ATOM   1345 N N   . PRO A 1 169 ? 18.526  1.041   -7.872  1.00 11.21 ? 169 PRO A N   1 
ATOM   1346 C CA  . PRO A 1 169 ? 19.392  2.221   -7.938  1.00 12.29 ? 169 PRO A CA  1 
ATOM   1347 C C   . PRO A 1 169 ? 18.672  3.477   -7.454  1.00 11.49 ? 169 PRO A C   1 
ATOM   1348 O O   . PRO A 1 169 ? 17.538  3.749   -7.856  1.00 12.03 ? 169 PRO A O   1 
ATOM   1349 C CB  . PRO A 1 169 ? 19.755  2.293   -9.419  1.00 12.45 ? 169 PRO A CB  1 
ATOM   1350 C CG  . PRO A 1 169 ? 19.834  0.850   -9.795  1.00 12.50 ? 169 PRO A CG  1 
ATOM   1351 C CD  . PRO A 1 169 ? 18.591  0.276   -9.130  1.00 11.81 ? 169 PRO A CD  1 
ATOM   1352 N N   . GLY A 1 170 ? 19.337  4.224   -6.575  1.00 13.04 ? 170 GLY A N   1 
ATOM   1353 C CA  . GLY A 1 170 ? 18.767  5.448   -6.039  1.00 13.33 ? 170 GLY A CA  1 
ATOM   1354 C C   . GLY A 1 170 ? 17.864  5.255   -4.835  1.00 12.68 ? 170 GLY A C   1 
ATOM   1355 O O   . GLY A 1 170 ? 17.510  6.224   -4.161  1.00 12.79 ? 170 GLY A O   1 
ATOM   1356 N N   . ILE A 1 171 ? 17.497  4.007   -4.556  1.00 12.40 ? 171 ILE A N   1 
ATOM   1357 C CA  . ILE A 1 171 ? 16.614  3.695   -3.432  1.00 12.43 ? 171 ILE A CA  1 
ATOM   1358 C C   . ILE A 1 171 ? 17.266  2.799   -2.386  1.00 12.19 ? 171 ILE A C   1 
ATOM   1359 O O   . ILE A 1 171 ? 17.008  2.946   -1.193  1.00 13.44 ? 171 ILE A O   1 
ATOM   1360 C CB  . ILE A 1 171 ? 15.323  2.997   -3.924  1.00 12.25 ? 171 ILE A CB  1 
ATOM   1361 C CG1 . ILE A 1 171 ? 14.519  3.955   -4.802  1.00 13.04 ? 171 ILE A CG1 1 
ATOM   1362 C CG2 . ILE A 1 171 ? 14.481  2.525   -2.738  1.00 12.32 ? 171 ILE A CG2 1 
ATOM   1363 C CD1 . ILE A 1 171 ? 13.275  3.330   -5.412  1.00 14.59 ? 171 ILE A CD1 1 
ATOM   1364 N N   . GLY A 1 172 ? 18.110  1.875   -2.833  1.00 11.92 ? 172 GLY A N   1 
ATOM   1365 C CA  . GLY A 1 172 ? 18.748  0.962   -1.904  1.00 11.59 ? 172 GLY A CA  1 
ATOM   1366 C C   . GLY A 1 172 ? 17.832  -0.213  -1.605  1.00 12.82 ? 172 GLY A C   1 
ATOM   1367 O O   . GLY A 1 172 ? 17.071  -0.649  -2.472  1.00 11.91 ? 172 GLY A O   1 
ATOM   1368 N N   . LYS A 1 173 ? 17.892  -0.720  -0.377  1.00 11.72 ? 173 LYS A N   1 
ATOM   1369 C CA  . LYS A 1 173 ? 17.068  -1.856  0.023   1.00 11.31 ? 173 LYS A CA  1 
ATOM   1370 C C   . LYS A 1 173 ? 15.588  -1.502  -0.017  1.00 12.05 ? 173 LYS A C   1 
ATOM   1371 O O   . LYS A 1 173 ? 15.175  -0.463  0.498   1.00 12.56 ? 173 LYS A O   1 
ATOM   1372 C CB  . LYS A 1 173 ? 17.453  -2.313  1.431   1.00 12.57 ? 173 LYS A CB  1 
ATOM   1373 C CG  . LYS A 1 173 ? 16.710  -3.554  1.901   1.00 14.86 ? 173 LYS A CG  1 
ATOM   1374 C CD  . LYS A 1 173 ? 17.376  -4.165  3.127   1.00 18.06 ? 173 LYS A CD  1 
ATOM   1375 C CE  . LYS A 1 173 ? 17.292  -3.260  4.349   1.00 19.29 ? 173 LYS A CE  1 
ATOM   1376 N NZ  . LYS A 1 173 ? 15.903  -3.156  4.884   1.00 20.81 ? 173 LYS A NZ  1 
ATOM   1377 N N   . CYS A 1 174 ? 14.783  -2.372  -0.617  1.00 11.40 ? 174 CYS A N   1 
ATOM   1378 C CA  . CYS A 1 174 ? 13.358  -2.095  -0.709  1.00 10.73 ? 174 CYS A CA  1 
ATOM   1379 C C   . CYS A 1 174 ? 12.479  -3.315  -0.970  1.00 11.03 ? 174 CYS A C   1 
ATOM   1380 O O   . CYS A 1 174 ? 12.965  -4.387  -1.347  1.00 12.30 ? 174 CYS A O   1 
ATOM   1381 C CB  . CYS A 1 174 ? 13.112  -1.048  -1.801  1.00 10.66 ? 174 CYS A CB  1 
ATOM   1382 S SG  . CYS A 1 174 ? 13.711  -1.518  -3.451  1.00 13.01 ? 174 CYS A SG  1 
ATOM   1383 N N   . ASP A 1 175 ? 11.179  -3.132  -0.746  1.00 10.20 ? 175 ASP A N   1 
ATOM   1384 C CA  . ASP A 1 175 ? 10.173  -4.163  -0.977  1.00 10.63 ? 175 ASP A CA  1 
ATOM   1385 C C   . ASP A 1 175 ? 9.820   -4.125  -2.463  1.00 10.72 ? 175 ASP A C   1 
ATOM   1386 O O   . ASP A 1 175 ? 9.516   -3.055  -2.996  1.00 11.35 ? 175 ASP A O   1 
ATOM   1387 C CB  . ASP A 1 175 ? 8.881   -3.876  -0.198  1.00 11.30 ? 175 ASP A CB  1 
ATOM   1388 C CG  . ASP A 1 175 ? 9.042   -3.987  1.307   1.00 11.93 ? 175 ASP A CG  1 
ATOM   1389 O OD1 . ASP A 1 175 ? 9.986   -4.653  1.779   1.00 13.61 ? 175 ASP A OD1 1 
ATOM   1390 O OD2 . ASP A 1 175 ? 8.185   -3.421  2.023   1.00 12.06 ? 175 ASP A OD2 1 
ATOM   1391 N N   . LEU A 1 176 ? 9.841   -5.281  -3.121  1.00 10.25 ? 176 LEU A N   1 
ATOM   1392 C CA  . LEU A 1 176 ? 9.500   -5.354  -4.540  1.00 10.18 ? 176 LEU A CA  1 
ATOM   1393 C C   . LEU A 1 176 ? 8.233   -6.184  -4.732  1.00 9.97  ? 176 LEU A C   1 
ATOM   1394 O O   . LEU A 1 176 ? 8.000   -7.164  -4.016  1.00 10.12 ? 176 LEU A O   1 
ATOM   1395 C CB  . LEU A 1 176 ? 10.666  -5.933  -5.348  1.00 10.43 ? 176 LEU A CB  1 
ATOM   1396 C CG  . LEU A 1 176 ? 11.930  -5.061  -5.323  1.00 10.23 ? 176 LEU A CG  1 
ATOM   1397 C CD1 . LEU A 1 176 ? 12.985  -5.674  -6.227  1.00 11.98 ? 176 LEU A CD1 1 
ATOM   1398 C CD2 . LEU A 1 176 ? 11.599  -3.640  -5.776  1.00 12.69 ? 176 LEU A CD2 1 
ATOM   1399 N N   . ASN A 1 177 ? 7.429   -5.787  -5.714  1.00 10.33 ? 177 ASN A N   1 
ATOM   1400 C CA  . ASN A 1 177 ? 6.146   -6.427  -5.976  1.00 10.16 ? 177 ASN A CA  1 
ATOM   1401 C C   . ASN A 1 177 ? 5.924   -6.803  -7.435  1.00 9.99  ? 177 ASN A C   1 
ATOM   1402 O O   . ASN A 1 177 ? 6.460   -6.166  -8.340  1.00 12.03 ? 177 ASN A O   1 
ATOM   1403 C CB  . ASN A 1 177 ? 5.031   -5.474  -5.545  1.00 11.16 ? 177 ASN A CB  1 
ATOM   1404 C CG  . ASN A 1 177 ? 5.192   -4.999  -4.114  1.00 10.64 ? 177 ASN A CG  1 
ATOM   1405 O OD1 . ASN A 1 177 ? 4.746   -5.661  -3.182  1.00 9.98  ? 177 ASN A OD1 1 
ATOM   1406 N ND2 . ASN A 1 177 ? 5.844   -3.852  -3.934  1.00 9.58  ? 177 ASN A ND2 1 
ATOM   1407 N N   . SER A 1 178 ? 5.104   -7.825  -7.651  1.00 10.68 ? 178 SER A N   1 
ATOM   1408 C CA  . SER A 1 178 ? 4.778   -8.271  -9.000  1.00 12.11 ? 178 SER A CA  1 
ATOM   1409 C C   . SER A 1 178 ? 3.267   -8.450  -9.120  1.00 11.56 ? 178 SER A C   1 
ATOM   1410 O O   . SER A 1 178 ? 2.576   -8.689  -8.127  1.00 12.33 ? 178 SER A O   1 
ATOM   1411 C CB  . SER A 1 178 ? 5.488   -9.586  -9.320  1.00 14.93 ? 178 SER A CB  1 
ATOM   1412 O OG  . SER A 1 178 ? 5.068   -10.618 -8.456  1.00 19.87 ? 178 SER A OG  1 
ATOM   1413 N N   . LEU A 1 179 ? 2.749   -8.327  -10.335 1.00 12.14 ? 179 LEU A N   1 
ATOM   1414 C CA  . LEU A 1 179 ? 1.317   -8.474  -10.558 1.00 11.89 ? 179 LEU A CA  1 
ATOM   1415 C C   . LEU A 1 179 ? 0.975   -9.896  -10.982 1.00 12.10 ? 179 LEU A C   1 
ATOM   1416 O O   . LEU A 1 179 ? 1.478   -10.389 -11.994 1.00 13.56 ? 179 LEU A O   1 
ATOM   1417 C CB  . LEU A 1 179 ? 0.851   -7.484  -11.628 1.00 11.65 ? 179 LEU A CB  1 
ATOM   1418 C CG  . LEU A 1 179 ? 1.134   -6.006  -11.342 1.00 11.53 ? 179 LEU A CG  1 
ATOM   1419 C CD1 . LEU A 1 179 ? 0.610   -5.162  -12.494 1.00 13.71 ? 179 LEU A CD1 1 
ATOM   1420 C CD2 . LEU A 1 179 ? 0.479   -5.590  -10.029 1.00 13.22 ? 179 LEU A CD2 1 
ATOM   1421 N N   . ILE A 1 180 ? 0.116   -10.550 -10.205 1.00 9.79  ? 180 ILE A N   1 
ATOM   1422 C CA  . ILE A 1 180 ? -0.286  -11.920 -10.500 1.00 11.09 ? 180 ILE A CA  1 
ATOM   1423 C C   . ILE A 1 180 ? -1.792  -12.139 -10.383 1.00 11.24 ? 180 ILE A C   1 
ATOM   1424 O O   . ILE A 1 180 ? -2.246  -13.260 -10.148 1.00 13.10 ? 180 ILE A O   1 
ATOM   1425 C CB  . ILE A 1 180 ? 0.450   -12.930 -9.580  1.00 10.12 ? 180 ILE A CB  1 
ATOM   1426 C CG1 . ILE A 1 180 ? 0.092   -12.692 -8.112  1.00 11.60 ? 180 ILE A CG1 1 
ATOM   1427 C CG2 . ILE A 1 180 ? 1.954   -12.793 -9.765  1.00 11.31 ? 180 ILE A CG2 1 
ATOM   1428 C CD1 . ILE A 1 180 ? 0.643   -13.758 -7.178  1.00 12.35 ? 180 ILE A CD1 1 
ATOM   1429 N N   . GLY A 1 181 ? -2.558  -11.066 -10.551 1.00 11.01 ? 181 GLY A N   1 
ATOM   1430 C CA  . GLY A 1 181 ? -4.008  -11.152 -10.478 1.00 12.21 ? 181 GLY A CA  1 
ATOM   1431 C C   . GLY A 1 181 ? -4.643  -10.701 -11.782 1.00 12.99 ? 181 GLY A C   1 
ATOM   1432 O O   . GLY A 1 181 ? -4.100  -10.962 -12.860 1.00 13.53 ? 181 GLY A O   1 
ATOM   1433 N N   . ASN A 1 182 ? -5.783  -10.019 -11.702 1.00 12.90 ? 182 ASN A N   1 
ATOM   1434 C CA  . ASN A 1 182 ? -6.452  -9.558  -12.916 1.00 13.08 ? 182 ASN A CA  1 
ATOM   1435 C C   . ASN A 1 182 ? -6.348  -8.054  -13.139 1.00 13.76 ? 182 ASN A C   1 
ATOM   1436 O O   . ASN A 1 182 ? -7.075  -7.487  -13.954 1.00 15.39 ? 182 ASN A O   1 
ATOM   1437 C CB  . ASN A 1 182 ? -7.930  -9.989  -12.926 1.00 13.94 ? 182 ASN A CB  1 
ATOM   1438 C CG  . ASN A 1 182 ? -8.769  -9.271  -11.887 1.00 14.40 ? 182 ASN A CG  1 
ATOM   1439 O OD1 . ASN A 1 182 ? -8.285  -8.408  -11.156 1.00 14.82 ? 182 ASN A OD1 1 
ATOM   1440 N ND2 . ASN A 1 182 ? -10.049 -9.625  -11.822 1.00 17.14 ? 182 ASN A ND2 1 
ATOM   1441 N N   . LYS A 1 183 ? -5.433  -7.413  -12.414 1.00 13.39 ? 183 LYS A N   1 
ATOM   1442 C CA  . LYS A 1 183 ? -5.211  -5.976  -12.538 1.00 13.79 ? 183 LYS A CA  1 
ATOM   1443 C C   . LYS A 1 183 ? -3.871  -5.747  -13.233 1.00 13.45 ? 183 LYS A C   1 
ATOM   1444 O O   . LYS A 1 183 ? -2.826  -6.160  -12.732 1.00 13.89 ? 183 LYS A O   1 
ATOM   1445 C CB  . LYS A 1 183 ? -5.194  -5.319  -11.155 1.00 13.42 ? 183 LYS A CB  1 
ATOM   1446 C CG  . LYS A 1 183 ? -6.487  -5.466  -10.363 1.00 14.22 ? 183 LYS A CG  1 
ATOM   1447 C CD  . LYS A 1 183 ? -7.663  -4.846  -11.108 1.00 14.77 ? 183 LYS A CD  1 
ATOM   1448 C CE  . LYS A 1 183 ? -8.917  -4.785  -10.242 1.00 15.61 ? 183 LYS A CE  1 
ATOM   1449 N NZ  . LYS A 1 183 ? -9.375  -6.134  -9.812  1.00 18.18 ? 183 LYS A NZ  1 
ATOM   1450 N N   . SER A 1 184 ? -3.907  -5.088  -14.387 1.00 13.97 ? 184 SER A N   1 
ATOM   1451 C CA  . SER A 1 184 ? -2.697  -4.812  -15.155 1.00 13.90 ? 184 SER A CA  1 
ATOM   1452 C C   . SER A 1 184 ? -1.945  -3.611  -14.596 1.00 12.77 ? 184 SER A C   1 
ATOM   1453 O O   . SER A 1 184 ? -2.470  -2.864  -13.769 1.00 13.10 ? 184 SER A O   1 
ATOM   1454 C CB  . SER A 1 184 ? -3.061  -4.528  -16.612 1.00 14.80 ? 184 SER A CB  1 
ATOM   1455 O OG  . SER A 1 184 ? -3.816  -3.334  -16.709 1.00 18.37 ? 184 SER A OG  1 
ATOM   1456 N N   . LEU A 1 185 ? -0.712  -3.419  -15.055 1.00 12.84 ? 185 LEU A N   1 
ATOM   1457 C CA  . LEU A 1 185 ? 0.084   -2.290  -14.590 1.00 12.35 ? 185 LEU A CA  1 
ATOM   1458 C C   . LEU A 1 185 ? -0.637  -0.974  -14.882 1.00 12.26 ? 185 LEU A C   1 
ATOM   1459 O O   . LEU A 1 185 ? -0.649  -0.067  -14.049 1.00 12.14 ? 185 LEU A O   1 
ATOM   1460 C CB  . LEU A 1 185 ? 1.458   -2.284  -15.266 1.00 12.69 ? 185 LEU A CB  1 
ATOM   1461 C CG  . LEU A 1 185 ? 2.342   -1.075  -14.934 1.00 13.62 ? 185 LEU A CG  1 
ATOM   1462 C CD1 . LEU A 1 185 ? 2.645   -1.047  -13.442 1.00 14.06 ? 185 LEU A CD1 1 
ATOM   1463 C CD2 . LEU A 1 185 ? 3.630   -1.145  -15.739 1.00 15.41 ? 185 LEU A CD2 1 
ATOM   1464 N N   . SER A 1 186 ? -1.243  -0.876  -16.062 1.00 12.39 ? 186 SER A N   1 
ATOM   1465 C CA  . SER A 1 186 ? -1.958  0.332   -16.457 1.00 14.01 ? 186 SER A CA  1 
ATOM   1466 C C   . SER A 1 186 ? -3.130  0.659   -15.533 1.00 12.55 ? 186 SER A C   1 
ATOM   1467 O O   . SER A 1 186 ? -3.513  1.823   -15.392 1.00 13.14 ? 186 SER A O   1 
ATOM   1468 C CB  . SER A 1 186 ? -2.446  0.207   -17.907 1.00 14.99 ? 186 SER A CB  1 
ATOM   1469 O OG  . SER A 1 186 ? -3.266  -0.933  -18.085 1.00 20.30 ? 186 SER A OG  1 
ATOM   1470 N N   . TRP A 1 187 ? -3.703  -0.367  -14.908 1.00 12.34 ? 187 TRP A N   1 
ATOM   1471 C CA  . TRP A 1 187 ? -4.818  -0.164  -13.990 1.00 12.23 ? 187 TRP A CA  1 
ATOM   1472 C C   . TRP A 1 187 ? -4.322  0.630   -12.781 1.00 12.56 ? 187 TRP A C   1 
ATOM   1473 O O   . TRP A 1 187 ? -5.056  1.434   -12.210 1.00 12.93 ? 187 TRP A O   1 
ATOM   1474 C CB  . TRP A 1 187 ? -5.383  -1.510  -13.528 1.00 13.34 ? 187 TRP A CB  1 
ATOM   1475 C CG  . TRP A 1 187 ? -6.671  -1.402  -12.751 1.00 13.76 ? 187 TRP A CG  1 
ATOM   1476 C CD1 . TRP A 1 187 ? -7.937  -1.336  -13.264 1.00 14.90 ? 187 TRP A CD1 1 
ATOM   1477 C CD2 . TRP A 1 187 ? -6.814  -1.337  -11.326 1.00 12.87 ? 187 TRP A CD2 1 
ATOM   1478 N NE1 . TRP A 1 187 ? -8.858  -1.239  -12.247 1.00 14.52 ? 187 TRP A NE1 1 
ATOM   1479 C CE2 . TRP A 1 187 ? -8.196  -1.237  -11.047 1.00 13.66 ? 187 TRP A CE2 1 
ATOM   1480 C CE3 . TRP A 1 187 ? -5.908  -1.354  -10.256 1.00 13.38 ? 187 TRP A CE3 1 
ATOM   1481 C CZ2 . TRP A 1 187 ? -8.695  -1.155  -9.743  1.00 13.60 ? 187 TRP A CZ2 1 
ATOM   1482 C CZ3 . TRP A 1 187 ? -6.405  -1.272  -8.957  1.00 12.69 ? 187 TRP A CZ3 1 
ATOM   1483 C CH2 . TRP A 1 187 ? -7.787  -1.175  -8.713  1.00 13.46 ? 187 TRP A CH2 1 
ATOM   1484 N N   . PHE A 1 188 ? -3.065  0.405   -12.400 1.00 11.63 ? 188 PHE A N   1 
ATOM   1485 C CA  . PHE A 1 188 ? -2.485  1.114   -11.264 1.00 12.53 ? 188 PHE A CA  1 
ATOM   1486 C C   . PHE A 1 188 ? -1.886  2.470   -11.626 1.00 13.59 ? 188 PHE A C   1 
ATOM   1487 O O   . PHE A 1 188 ? -2.070  3.447   -10.904 1.00 15.01 ? 188 PHE A O   1 
ATOM   1488 C CB  . PHE A 1 188 ? -1.400  0.264   -10.596 1.00 12.05 ? 188 PHE A CB  1 
ATOM   1489 C CG  . PHE A 1 188 ? -1.927  -0.961  -9.914  1.00 10.12 ? 188 PHE A CG  1 
ATOM   1490 C CD1 . PHE A 1 188 ? -1.963  -2.181  -10.575 1.00 11.75 ? 188 PHE A CD1 1 
ATOM   1491 C CD2 . PHE A 1 188 ? -2.416  -0.890  -8.615  1.00 11.76 ? 188 PHE A CD2 1 
ATOM   1492 C CE1 . PHE A 1 188 ? -2.479  -3.315  -9.953  1.00 12.75 ? 188 PHE A CE1 1 
ATOM   1493 C CE2 . PHE A 1 188 ? -2.934  -2.013  -7.984  1.00 11.69 ? 188 PHE A CE2 1 
ATOM   1494 C CZ  . PHE A 1 188 ? -2.966  -3.230  -8.655  1.00 12.06 ? 188 PHE A CZ  1 
ATOM   1495 N N   . THR A 1 189 ? -1.169  2.532   -12.744 1.00 13.85 ? 189 THR A N   1 
ATOM   1496 C CA  . THR A 1 189 ? -0.523  3.776   -13.153 1.00 15.24 ? 189 THR A CA  1 
ATOM   1497 C C   . THR A 1 189 ? -1.450  4.806   -13.787 1.00 16.50 ? 189 THR A C   1 
ATOM   1498 O O   . THR A 1 189 ? -1.188  6.008   -13.716 1.00 18.20 ? 189 THR A O   1 
ATOM   1499 C CB  . THR A 1 189 ? 0.611   3.508   -14.153 1.00 15.34 ? 189 THR A CB  1 
ATOM   1500 O OG1 . THR A 1 189 ? 0.059   2.984   -15.369 1.00 16.08 ? 189 THR A OG1 1 
ATOM   1501 C CG2 . THR A 1 189 ? 1.605   2.507   -13.579 1.00 14.66 ? 189 THR A CG2 1 
ATOM   1502 N N   . GLU A 1 190 ? -2.532  4.333   -14.397 1.00 17.82 ? 190 GLU A N   1 
ATOM   1503 C CA  . GLU A 1 190 ? -3.483  5.207   -15.081 1.00 20.36 ? 190 GLU A CA  1 
ATOM   1504 C C   . GLU A 1 190 ? -2.708  6.095   -16.049 1.00 21.67 ? 190 GLU A C   1 
ATOM   1505 O O   . GLU A 1 190 ? -2.984  7.313   -16.103 1.00 23.65 ? 190 GLU A O   1 
ATOM   1506 C CB  . GLU A 1 190 ? -4.253  6.077   -14.082 1.00 19.91 ? 190 GLU A CB  1 
ATOM   1507 C CG  . GLU A 1 190 ? -4.977  5.297   -13.004 1.00 21.19 ? 190 GLU A CG  1 
ATOM   1508 C CD  . GLU A 1 190 ? -6.093  6.087   -12.352 1.00 22.37 ? 190 GLU A CD  1 
ATOM   1509 O OE1 . GLU A 1 190 ? -5.916  7.303   -12.120 1.00 23.55 ? 190 GLU A OE1 1 
ATOM   1510 O OE2 . GLU A 1 190 ? -7.149  5.486   -12.061 1.00 23.10 ? 190 GLU A OE2 1 
HETATM 1511 O O1  . MES B 2 .   ? 4.891   -4.264  3.129   1.00 16.65 ? 400 MES A O1  1 
HETATM 1512 C C2  . MES B 2 .   ? 5.237   -4.711  4.465   1.00 19.54 ? 400 MES A C2  1 
HETATM 1513 C C3  . MES B 2 .   ? 5.575   -3.486  5.329   1.00 22.00 ? 400 MES A C3  1 
HETATM 1514 N N4  . MES B 2 .   ? 4.373   -2.599  5.390   1.00 21.76 ? 400 MES A N4  1 
HETATM 1515 C C5  . MES B 2 .   ? 4.013   -2.175  4.022   1.00 21.61 ? 400 MES A C5  1 
HETATM 1516 C C6  . MES B 2 .   ? 3.720   -3.421  3.176   1.00 20.35 ? 400 MES A C6  1 
HETATM 1517 C C7  . MES B 2 .   ? 4.652   -1.393  6.191   1.00 24.89 ? 400 MES A C7  1 
HETATM 1518 C C8  . MES B 2 .   ? 5.008   -1.728  7.637   1.00 25.62 ? 400 MES A C8  1 
HETATM 1519 S S   . MES B 2 .   ? 5.352   -0.183  8.511   1.00 28.11 ? 400 MES A S   1 
HETATM 1520 O O1S . MES B 2 .   ? 4.194   0.695   8.464   1.00 22.36 ? 400 MES A O1S 1 
HETATM 1521 O O2S . MES B 2 .   ? 6.477   0.468   7.864   1.00 24.45 ? 400 MES A O2S 1 
HETATM 1522 O O3S . MES B 2 .   ? 5.687   -0.486  9.890   1.00 28.37 ? 400 MES A O3S 1 
HETATM 1523 O O   . HOH C 3 .   ? 6.328   7.459   2.846   1.00 10.24 ? 193 HOH A O   1 
HETATM 1524 O O   . HOH C 3 .   ? -4.355  3.749   9.382   1.00 11.06 ? 194 HOH A O   1 
HETATM 1525 O O   . HOH C 3 .   ? -5.670  17.144  0.214   1.00 27.74 ? 195 HOH A O   1 
HETATM 1526 O O   . HOH C 3 .   ? 11.968  -2.185  -23.390 1.00 33.53 ? 196 HOH A O   1 
HETATM 1527 O O   . HOH C 3 .   ? -12.251 -10.539 11.720  1.00 12.59 ? 197 HOH A O   1 
HETATM 1528 O O   . HOH C 3 .   ? -16.673 -10.170 20.569  1.00 38.81 ? 198 HOH A O   1 
HETATM 1529 O O   . HOH C 3 .   ? 2.381   11.531  5.570   1.00 11.05 ? 199 HOH A O   1 
HETATM 1530 O O   . HOH C 3 .   ? -6.179  -20.254 -0.786  1.00 21.02 ? 200 HOH A O   1 
HETATM 1531 O O   . HOH C 3 .   ? 1.354   -9.735  9.668   1.00 13.15 ? 201 HOH A O   1 
HETATM 1532 O O   . HOH C 3 .   ? -16.661 4.241   -5.334  1.00 37.91 ? 202 HOH A O   1 
HETATM 1533 O O   . HOH C 3 .   ? 15.825  2.018   1.063   1.00 13.37 ? 203 HOH A O   1 
HETATM 1534 O O   . HOH C 3 .   ? -3.359  -16.513 7.897   1.00 22.06 ? 204 HOH A O   1 
HETATM 1535 O O   . HOH C 3 .   ? 3.914   -10.531 6.561   1.00 12.85 ? 205 HOH A O   1 
HETATM 1536 O O   . HOH C 3 .   ? 2.595   6.126   17.050  1.00 32.75 ? 206 HOH A O   1 
HETATM 1537 O O   . HOH C 3 .   ? 6.272   -0.062  14.523  1.00 19.93 ? 207 HOH A O   1 
HETATM 1538 O O   . HOH C 3 .   ? 7.530   -14.747 3.652   1.00 13.16 ? 208 HOH A O   1 
HETATM 1539 O O   . HOH C 3 .   ? 7.472   -19.597 1.795   1.00 41.69 ? 209 HOH A O   1 
HETATM 1540 O O   . HOH C 3 .   ? 13.252  -8.256  -21.136 1.00 27.65 ? 210 HOH A O   1 
HETATM 1541 O O   . HOH C 3 .   ? 5.455   13.787  5.117   1.00 13.29 ? 211 HOH A O   1 
HETATM 1542 O O   . HOH C 3 .   ? -7.061  9.110   -5.331  1.00 14.15 ? 212 HOH A O   1 
HETATM 1543 O O   . HOH C 3 .   ? 7.031   0.232   2.435   1.00 12.04 ? 213 HOH A O   1 
HETATM 1544 O O   . HOH C 3 .   ? -15.726 6.588   -4.170  1.00 14.67 ? 214 HOH A O   1 
HETATM 1545 O O   . HOH C 3 .   ? -2.778  -8.208  -10.900 1.00 13.07 ? 215 HOH A O   1 
HETATM 1546 O O   . HOH C 3 .   ? 1.351   -0.744  -18.924 1.00 40.70 ? 216 HOH A O   1 
HETATM 1547 O O   . HOH C 3 .   ? -21.231 1.994   5.874   1.00 35.47 ? 217 HOH A O   1 
HETATM 1548 O O   . HOH C 3 .   ? -0.008  9.236   -9.357  1.00 13.72 ? 218 HOH A O   1 
HETATM 1549 O O   . HOH C 3 .   ? -1.898  16.889  5.920   1.00 38.95 ? 219 HOH A O   1 
HETATM 1550 O O   . HOH C 3 .   ? 3.782   -5.498  -14.743 1.00 41.63 ? 220 HOH A O   1 
HETATM 1551 O O   . HOH C 3 .   ? 13.702  -8.676  -8.605  1.00 29.96 ? 221 HOH A O   1 
HETATM 1552 O O   . HOH C 3 .   ? -5.529  -2.868  -18.636 1.00 40.03 ? 222 HOH A O   1 
HETATM 1553 O O   . HOH C 3 .   ? -17.970 -2.508  0.357   1.00 37.05 ? 223 HOH A O   1 
HETATM 1554 O O   . HOH C 3 .   ? -21.746 10.306  2.866   1.00 40.51 ? 224 HOH A O   1 
HETATM 1555 O O   . HOH C 3 .   ? 10.752  -0.612  0.733   1.00 11.44 ? 225 HOH A O   1 
HETATM 1556 O O   . HOH C 3 .   ? 12.524  10.365  8.771   1.00 25.24 ? 226 HOH A O   1 
HETATM 1557 O O   . HOH C 3 .   ? -20.086 4.319   4.011   1.00 33.29 ? 227 HOH A O   1 
HETATM 1558 O O   . HOH C 3 .   ? -16.568 -7.439  4.307   1.00 14.12 ? 228 HOH A O   1 
HETATM 1559 O O   . HOH C 3 .   ? -7.817  18.417  -1.158  1.00 32.83 ? 229 HOH A O   1 
HETATM 1560 O O   . HOH C 3 .   ? 13.306  -10.822 1.375   1.00 15.18 ? 230 HOH A O   1 
HETATM 1561 O O   . HOH C 3 .   ? -2.943  -4.015  11.308  1.00 13.26 ? 231 HOH A O   1 
HETATM 1562 O O   . HOH C 3 .   ? 4.183   -7.835  6.100   1.00 15.69 ? 232 HOH A O   1 
HETATM 1563 O O   . HOH C 3 .   ? 10.791  13.216  1.689   1.00 15.39 ? 233 HOH A O   1 
HETATM 1564 O O   . HOH C 3 .   ? 13.630  11.766  -1.535  1.00 16.78 ? 234 HOH A O   1 
HETATM 1565 O O   . HOH C 3 .   ? 17.490  -0.029  -16.335 1.00 14.56 ? 235 HOH A O   1 
HETATM 1566 O O   . HOH C 3 .   ? -17.393 2.773   7.142   1.00 16.82 ? 236 HOH A O   1 
HETATM 1567 O O   . HOH C 3 .   ? -16.185 -10.523 10.791  1.00 14.62 ? 237 HOH A O   1 
HETATM 1568 O O   . HOH C 3 .   ? 7.864   4.705   11.422  1.00 17.46 ? 238 HOH A O   1 
HETATM 1569 O O   . HOH C 3 .   ? -15.925 -8.905  17.848  1.00 16.87 ? 239 HOH A O   1 
HETATM 1570 O O   . HOH C 3 .   ? -8.645  15.792  2.476   1.00 18.02 ? 240 HOH A O   1 
HETATM 1571 O O   . HOH C 3 .   ? 7.899   15.120  3.822   1.00 14.93 ? 241 HOH A O   1 
HETATM 1572 O O   . HOH C 3 .   ? 0.801   13.690  5.080   1.00 15.96 ? 242 HOH A O   1 
HETATM 1573 O O   . HOH C 3 .   ? -9.356  7.905   -6.290  1.00 13.65 ? 243 HOH A O   1 
HETATM 1574 O O   . HOH C 3 .   ? -9.806  -10.182 20.661  1.00 34.96 ? 244 HOH A O   1 
HETATM 1575 O O   . HOH C 3 .   ? 4.176   -0.150  12.336  1.00 26.63 ? 245 HOH A O   1 
HETATM 1576 O O   . HOH C 3 .   ? 3.286   12.025  13.718  1.00 17.77 ? 246 HOH A O   1 
HETATM 1577 O O   . HOH C 3 .   ? -12.148 11.370  -5.635  1.00 16.77 ? 247 HOH A O   1 
HETATM 1578 O O   . HOH C 3 .   ? -15.332 -2.836  -3.548  1.00 35.67 ? 248 HOH A O   1 
HETATM 1579 O O   . HOH C 3 .   ? -0.896  4.440   -18.886 1.00 38.96 ? 249 HOH A O   1 
HETATM 1580 O O   . HOH C 3 .   ? 16.733  -6.528  -6.406  1.00 17.71 ? 250 HOH A O   1 
HETATM 1581 O O   . HOH C 3 .   ? 3.537   16.771  -1.107  1.00 15.07 ? 251 HOH A O   1 
HETATM 1582 O O   . HOH C 3 .   ? 21.880  3.666   -14.801 1.00 17.10 ? 252 HOH A O   1 
HETATM 1583 O O   . HOH C 3 .   ? -0.838  4.522   18.218  1.00 16.86 ? 253 HOH A O   1 
HETATM 1584 O O   . HOH C 3 .   ? -1.324  -9.963  16.004  1.00 19.61 ? 254 HOH A O   1 
HETATM 1585 O O   . HOH C 3 .   ? 7.421   1.985   13.610  1.00 21.29 ? 255 HOH A O   1 
HETATM 1586 O O   . HOH C 3 .   ? 1.070   -16.524 1.812   1.00 16.93 ? 256 HOH A O   1 
HETATM 1587 O O   . HOH C 3 .   ? -1.283  -16.135 -4.658  1.00 16.29 ? 257 HOH A O   1 
HETATM 1588 O O   . HOH C 3 .   ? 19.643  0.356   1.784   1.00 18.29 ? 258 HOH A O   1 
HETATM 1589 O O   . HOH C 3 .   ? -4.596  9.674   -12.552 1.00 19.38 ? 259 HOH A O   1 
HETATM 1590 O O   . HOH C 3 .   ? 4.575   -7.572  -12.528 1.00 21.06 ? 260 HOH A O   1 
HETATM 1591 O O   . HOH C 3 .   ? 7.361   17.743  4.048   1.00 32.79 ? 261 HOH A O   1 
HETATM 1592 O O   . HOH C 3 .   ? -18.956 3.586   1.282   1.00 22.56 ? 262 HOH A O   1 
HETATM 1593 O O   . HOH C 3 .   ? -8.560  5.847   -7.804  1.00 17.69 ? 263 HOH A O   1 
HETATM 1594 O O   . HOH C 3 .   ? -17.622 -8.494  15.749  1.00 16.61 ? 264 HOH A O   1 
HETATM 1595 O O   . HOH C 3 .   ? -18.644 7.893   -3.684  1.00 31.81 ? 265 HOH A O   1 
HETATM 1596 O O   . HOH C 3 .   ? -17.786 -3.112  9.499   1.00 18.72 ? 266 HOH A O   1 
HETATM 1597 O O   . HOH C 3 .   ? 9.102   -8.940  7.539   1.00 18.63 ? 267 HOH A O   1 
HETATM 1598 O O   . HOH C 3 .   ? 0.236   15.619  7.324   1.00 36.88 ? 268 HOH A O   1 
HETATM 1599 O O   . HOH C 3 .   ? 0.940   15.918  -0.594  1.00 23.48 ? 269 HOH A O   1 
HETATM 1600 O O   . HOH C 3 .   ? 16.240  7.041   -14.559 1.00 17.36 ? 270 HOH A O   1 
HETATM 1601 O O   . HOH C 3 .   ? 3.992   10.802  16.243  1.00 29.35 ? 271 HOH A O   1 
HETATM 1602 O O   . HOH C 3 .   ? 5.817   4.289   13.205  1.00 21.18 ? 272 HOH A O   1 
HETATM 1603 O O   . HOH C 3 .   ? -0.964  -9.942  -14.590 1.00 37.07 ? 273 HOH A O   1 
HETATM 1604 O O   . HOH C 3 .   ? -14.082 -6.364  17.468  1.00 17.25 ? 274 HOH A O   1 
HETATM 1605 O O   . HOH C 3 .   ? -5.334  14.552  13.436  1.00 38.75 ? 275 HOH A O   1 
HETATM 1606 O O   . HOH C 3 .   ? -0.716  -2.571  -18.481 1.00 20.23 ? 276 HOH A O   1 
HETATM 1607 O O   . HOH C 3 .   ? 9.914   5.196   13.372  1.00 33.53 ? 277 HOH A O   1 
HETATM 1608 O O   . HOH C 3 .   ? -17.591 -10.706 1.630   1.00 21.21 ? 278 HOH A O   1 
HETATM 1609 O O   . HOH C 3 .   ? 15.393  10.705  -14.672 1.00 21.03 ? 279 HOH A O   1 
HETATM 1610 O O   . HOH C 3 .   ? 1.744   14.573  13.499  1.00 37.37 ? 280 HOH A O   1 
HETATM 1611 O O   . HOH C 3 .   ? -7.386  -11.086 -17.473 1.00 34.68 ? 281 HOH A O   1 
HETATM 1612 O O   . HOH C 3 .   ? 9.083   -5.614  4.639   1.00 35.34 ? 282 HOH A O   1 
HETATM 1613 O O   . HOH C 3 .   ? -17.521 1.454   17.201  1.00 20.35 ? 283 HOH A O   1 
HETATM 1614 O O   . HOH C 3 .   ? 12.626  15.420  5.260   1.00 33.55 ? 284 HOH A O   1 
HETATM 1615 O O   . HOH C 3 .   ? -19.026 0.567   6.513   1.00 20.44 ? 285 HOH A O   1 
HETATM 1616 O O   . HOH C 3 .   ? -1.403  -13.032 4.318   1.00 19.02 ? 286 HOH A O   1 
HETATM 1617 O O   . HOH C 3 .   ? -19.684 -7.335  10.057  1.00 18.26 ? 287 HOH A O   1 
HETATM 1618 O O   . HOH C 3 .   ? -3.750  16.432  -2.538  1.00 22.40 ? 288 HOH A O   1 
HETATM 1619 O O   . HOH C 3 .   ? 5.647   12.364  12.034  1.00 20.28 ? 289 HOH A O   1 
HETATM 1620 O O   . HOH C 3 .   ? 9.720   0.645   3.214   1.00 22.87 ? 290 HOH A O   1 
HETATM 1621 O O   . HOH C 3 .   ? -18.432 4.992   6.033   1.00 18.20 ? 291 HOH A O   1 
HETATM 1622 O O   . HOH C 3 .   ? 11.040  -21.051 -0.002  1.00 37.65 ? 292 HOH A O   1 
HETATM 1623 O O   . HOH C 3 .   ? 11.721  -5.926  -13.912 1.00 25.71 ? 293 HOH A O   1 
HETATM 1624 O O   . HOH C 3 .   ? -2.124  -17.670 12.519  1.00 20.76 ? 294 HOH A O   1 
HETATM 1625 O O   . HOH C 3 .   ? -1.380  0.073   17.868  1.00 19.67 ? 295 HOH A O   1 
HETATM 1626 O O   . HOH C 3 .   ? -18.932 -7.653  12.585  1.00 19.81 ? 296 HOH A O   1 
HETATM 1627 O O   . HOH C 3 .   ? -3.059  3.158   19.743  1.00 37.89 ? 297 HOH A O   1 
HETATM 1628 O O   . HOH C 3 .   ? -1.706  4.971   15.428  1.00 20.50 ? 298 HOH A O   1 
HETATM 1629 O O   . HOH C 3 .   ? 13.365  -11.432 4.098   1.00 22.34 ? 299 HOH A O   1 
HETATM 1630 O O   . HOH C 3 .   ? -8.001  6.795   15.355  1.00 22.32 ? 300 HOH A O   1 
HETATM 1631 O O   . HOH C 3 .   ? -18.677 -5.416  8.201   1.00 19.95 ? 301 HOH A O   1 
HETATM 1632 O O   . HOH C 3 .   ? -3.908  16.454  -6.651  1.00 21.21 ? 302 HOH A O   1 
HETATM 1633 O O   . HOH C 3 .   ? -19.215 4.106   13.547  1.00 21.80 ? 303 HOH A O   1 
HETATM 1634 O O   . HOH C 3 .   ? 4.411   15.941  6.735   1.00 30.04 ? 304 HOH A O   1 
HETATM 1635 O O   . HOH C 3 .   ? 13.208  11.914  -13.836 1.00 22.48 ? 305 HOH A O   1 
HETATM 1636 O O   . HOH C 3 .   ? -11.871 13.141  10.987  1.00 23.45 ? 306 HOH A O   1 
HETATM 1637 O O   . HOH C 3 .   ? -9.234  13.173  9.781   1.00 21.41 ? 307 HOH A O   1 
HETATM 1638 O O   . HOH C 3 .   ? 8.902   -5.086  -8.740  1.00 19.78 ? 308 HOH A O   1 
HETATM 1639 O O   . HOH C 3 .   ? -10.060 -15.466 4.986   1.00 21.86 ? 309 HOH A O   1 
HETATM 1640 O O   . HOH C 3 .   ? -15.915 -12.130 7.650   1.00 19.33 ? 310 HOH A O   1 
HETATM 1641 O O   . HOH C 3 .   ? 22.539  -0.972  -0.888  1.00 38.60 ? 311 HOH A O   1 
HETATM 1642 O O   . HOH C 3 .   ? 5.351   -21.592 3.911   1.00 24.80 ? 312 HOH A O   1 
HETATM 1643 O O   . HOH C 3 .   ? 3.032   -4.648  -18.406 1.00 41.29 ? 313 HOH A O   1 
HETATM 1644 O O   . HOH C 3 .   ? 17.781  9.536   4.648   1.00 29.15 ? 314 HOH A O   1 
HETATM 1645 O O   . HOH C 3 .   ? 9.587   -17.349 -7.618  1.00 22.76 ? 315 HOH A O   1 
HETATM 1646 O O   . HOH C 3 .   ? 15.754  -2.288  -13.191 1.00 24.35 ? 316 HOH A O   1 
HETATM 1647 O O   . HOH C 3 .   ? -6.539  -4.518  -15.574 1.00 24.70 ? 317 HOH A O   1 
HETATM 1648 O O   . HOH C 3 .   ? -13.044 14.233  -0.463  1.00 22.15 ? 318 HOH A O   1 
HETATM 1649 O O   . HOH C 3 .   ? 7.361   1.552   10.947  1.00 16.59 ? 319 HOH A O   1 
HETATM 1650 O O   . HOH C 3 .   ? 3.701   13.888  -12.649 1.00 25.00 ? 320 HOH A O   1 
HETATM 1651 O O   . HOH C 3 .   ? 0.832   -20.757 -2.290  1.00 29.52 ? 321 HOH A O   1 
HETATM 1652 O O   . HOH C 3 .   ? 8.824   15.795  7.869   1.00 25.91 ? 322 HOH A O   1 
HETATM 1653 O O   . HOH C 3 .   ? 14.207  8.213   7.587   1.00 22.36 ? 323 HOH A O   1 
HETATM 1654 O O   . HOH C 3 .   ? 0.519   -5.315  -16.791 1.00 24.54 ? 324 HOH A O   1 
HETATM 1655 O O   . HOH C 3 .   ? 10.470  16.633  -2.517  1.00 26.20 ? 325 HOH A O   1 
HETATM 1656 O O   . HOH C 3 .   ? 19.130  8.112   1.616   1.00 22.18 ? 326 HOH A O   1 
HETATM 1657 O O   . HOH C 3 .   ? -11.756 -5.788  20.097  1.00 24.52 ? 327 HOH A O   1 
HETATM 1658 O O   . HOH C 3 .   ? -9.471  -3.158  20.245  1.00 21.80 ? 328 HOH A O   1 
HETATM 1659 O O   . HOH C 3 .   ? 7.884   5.958   -13.584 1.00 23.06 ? 329 HOH A O   1 
HETATM 1660 O O   . HOH C 3 .   ? -3.543  -6.346  11.137  1.00 47.14 ? 330 HOH A O   1 
HETATM 1661 O O   . HOH C 3 .   ? 13.812  1.863   -19.123 1.00 26.60 ? 331 HOH A O   1 
HETATM 1662 O O   . HOH C 3 .   ? 14.633  -0.302  -16.595 1.00 24.90 ? 332 HOH A O   1 
HETATM 1663 O O   . HOH C 3 .   ? -2.833  14.469  -10.323 1.00 29.42 ? 333 HOH A O   1 
HETATM 1664 O O   . HOH C 3 .   ? -3.339  7.794   -19.213 1.00 24.97 ? 334 HOH A O   1 
HETATM 1665 O O   . HOH C 3 .   ? 10.224  4.084   -15.785 1.00 22.40 ? 335 HOH A O   1 
HETATM 1666 O O   . HOH C 3 .   ? -15.843 7.565   13.647  1.00 23.57 ? 336 HOH A O   1 
HETATM 1667 O O   . HOH C 3 .   ? 6.492   -1.371  12.232  1.00 33.28 ? 337 HOH A O   1 
HETATM 1668 O O   . HOH C 3 .   ? -2.971  -12.484 -14.586 1.00 22.39 ? 338 HOH A O   1 
HETATM 1669 O O   . HOH C 3 .   ? -10.980 -17.728 7.738   1.00 26.54 ? 339 HOH A O   1 
HETATM 1670 O O   . HOH C 3 .   ? -18.418 8.199   8.677   1.00 27.50 ? 340 HOH A O   1 
HETATM 1671 O O   . HOH C 3 .   ? -6.408  17.479  3.438   1.00 28.76 ? 341 HOH A O   1 
HETATM 1672 O O   . HOH C 3 .   ? -3.585  -14.605 -7.914  1.00 19.65 ? 342 HOH A O   1 
HETATM 1673 O O   . HOH C 3 .   ? 9.772   9.526   12.811  1.00 28.90 ? 343 HOH A O   1 
HETATM 1674 O O   . HOH C 3 .   ? -10.660 -7.757  -0.899  1.00 26.78 ? 344 HOH A O   1 
HETATM 1675 O O   . HOH C 3 .   ? -11.847 -1.379  -12.056 1.00 28.45 ? 345 HOH A O   1 
HETATM 1676 O O   . HOH C 3 .   ? 5.657   -12.401 -11.099 1.00 36.71 ? 346 HOH A O   1 
HETATM 1677 O O   . HOH C 3 .   ? 0.674   -22.135 1.192   1.00 28.85 ? 347 HOH A O   1 
HETATM 1678 O O   . HOH C 3 .   ? -7.194  -10.861 -5.555  1.00 24.86 ? 348 HOH A O   1 
HETATM 1679 O O   . HOH C 3 .   ? -2.724  10.483  -10.807 1.00 34.92 ? 349 HOH A O   1 
HETATM 1680 O O   . HOH C 3 .   ? 10.543  15.293  3.545   1.00 18.75 ? 350 HOH A O   1 
HETATM 1681 O O   . HOH C 3 .   ? 13.366  12.734  0.965   1.00 21.18 ? 351 HOH A O   1 
HETATM 1682 O O   . HOH C 3 .   ? 22.609  -0.762  -16.766 1.00 27.13 ? 352 HOH A O   1 
HETATM 1683 O O   . HOH C 3 .   ? -20.686 0.793   10.329  1.00 25.96 ? 353 HOH A O   1 
HETATM 1684 O O   . HOH C 3 .   ? -19.361 -0.928  8.774   1.00 26.80 ? 354 HOH A O   1 
HETATM 1685 O O   . HOH C 3 .   ? 1.692   10.104  -13.026 1.00 23.30 ? 355 HOH A O   1 
HETATM 1686 O O   . HOH C 3 .   ? -21.615 -2.615  7.685   1.00 23.55 ? 356 HOH A O   1 
HETATM 1687 O O   . HOH C 3 .   ? -20.416 6.092   7.599   1.00 34.61 ? 357 HOH A O   1 
HETATM 1688 O O   . HOH C 3 .   ? -20.228 9.961   -0.430  1.00 29.56 ? 358 HOH A O   1 
HETATM 1689 O O   . HOH C 3 .   ? 13.015  16.118  -3.677  1.00 28.68 ? 359 HOH A O   1 
HETATM 1690 O O   . HOH C 3 .   ? 4.850   4.598   18.996  1.00 27.00 ? 360 HOH A O   1 
HETATM 1691 O O   . HOH C 3 .   ? 6.440   -10.744 5.435   1.00 22.73 ? 361 HOH A O   1 
HETATM 1692 O O   . HOH C 3 .   ? 8.292   11.969  13.015  1.00 31.29 ? 362 HOH A O   1 
HETATM 1693 O O   . HOH C 3 .   ? -8.336  -8.447  -16.141 1.00 25.14 ? 363 HOH A O   1 
HETATM 1694 O O   . HOH C 3 .   ? -4.019  0.675   18.118  1.00 20.20 ? 364 HOH A O   1 
HETATM 1695 O O   . HOH C 3 .   ? -11.751 -13.179 -1.743  1.00 29.90 ? 365 HOH A O   1 
HETATM 1696 O O   . HOH C 3 .   ? -14.671 11.690  12.766  1.00 28.26 ? 366 HOH A O   1 
HETATM 1697 O O   . HOH C 3 .   ? 12.101  9.146   11.611  1.00 36.75 ? 367 HOH A O   1 
HETATM 1698 O O   . HOH C 3 .   ? -15.121 -0.379  -6.334  1.00 27.62 ? 368 HOH A O   1 
HETATM 1699 O O   . HOH C 3 .   ? 7.129   -2.890  -16.820 1.00 26.02 ? 369 HOH A O   1 
HETATM 1700 O O   . HOH C 3 .   ? 9.601   -4.370  -17.030 1.00 28.46 ? 370 HOH A O   1 
HETATM 1701 O O   . HOH C 3 .   ? -0.631  15.292  1.515   1.00 26.00 ? 371 HOH A O   1 
HETATM 1702 O O   . HOH C 3 .   ? -0.085  18.546  -6.955  1.00 32.17 ? 372 HOH A O   1 
HETATM 1703 O O   . HOH C 3 .   ? 20.204  11.668  3.267   1.00 27.34 ? 373 HOH A O   1 
HETATM 1704 O O   . HOH C 3 .   ? 3.000   11.527  -10.924 1.00 31.80 ? 374 HOH A O   1 
HETATM 1705 O O   . HOH C 3 .   ? 1.482   1.771   -17.574 1.00 25.90 ? 375 HOH A O   1 
HETATM 1706 O O   . HOH C 3 .   ? -19.818 -2.797  3.918   1.00 25.40 ? 376 HOH A O   1 
HETATM 1707 O O   . HOH C 3 .   ? -0.698  8.665   -12.092 1.00 24.35 ? 377 HOH A O   1 
HETATM 1708 O O   . HOH C 3 .   ? 6.105   -4.767  8.516   1.00 23.87 ? 378 HOH A O   1 
HETATM 1709 O O   . HOH C 3 .   ? 5.012   3.647   -15.079 1.00 29.42 ? 379 HOH A O   1 
HETATM 1710 O O   . HOH C 3 .   ? 12.716  -3.289  2.634   1.00 29.85 ? 380 HOH A O   1 
HETATM 1711 O O   . HOH C 3 .   ? -2.517  9.441   -14.350 1.00 30.99 ? 381 HOH A O   1 
HETATM 1712 O O   . HOH C 3 .   ? -14.847 3.326   -7.531  1.00 28.31 ? 382 HOH A O   1 
HETATM 1713 O O   . HOH C 3 .   ? 5.889   18.538  -7.181  1.00 28.33 ? 383 HOH A O   1 
HETATM 1714 O O   . HOH C 3 .   ? -10.485 -12.744 16.605  1.00 23.31 ? 384 HOH A O   1 
HETATM 1715 O O   . HOH C 3 .   ? 0.669   7.082   -15.915 1.00 34.10 ? 385 HOH A O   1 
HETATM 1716 O O   . HOH C 3 .   ? -15.357 -16.698 2.248   1.00 26.47 ? 386 HOH A O   1 
HETATM 1717 O O   . HOH C 3 .   ? 16.089  4.265   7.622   1.00 30.38 ? 387 HOH A O   1 
HETATM 1718 O O   . HOH C 3 .   ? 9.455   -17.294 2.986   1.00 32.66 ? 388 HOH A O   1 
HETATM 1719 O O   . HOH C 3 .   ? -8.145  9.444   16.150  1.00 30.80 ? 389 HOH A O   1 
HETATM 1720 O O   . HOH C 3 .   ? 5.532   -22.572 1.152   1.00 40.51 ? 390 HOH A O   1 
HETATM 1721 O O   . HOH C 3 .   ? 15.440  -5.605  6.723   1.00 40.40 ? 391 HOH A O   1 
HETATM 1722 O O   . HOH C 3 .   ? 19.654  3.987   -12.911 1.00 30.19 ? 392 HOH A O   1 
HETATM 1723 O O   . HOH C 3 .   ? 13.791  -1.086  3.563   1.00 33.87 ? 393 HOH A O   1 
HETATM 1724 O O   . HOH C 3 .   ? -9.048  -16.982 -0.181  1.00 26.37 ? 394 HOH A O   1 
HETATM 1725 O O   . HOH C 3 .   ? -9.035  -8.117  -7.748  1.00 26.87 ? 395 HOH A O   1 
HETATM 1726 O O   . HOH C 3 .   ? -10.279 -7.716  -4.963  1.00 29.20 ? 396 HOH A O   1 
HETATM 1727 O O   . HOH C 3 .   ? -21.541 10.893  -2.507  1.00 27.64 ? 397 HOH A O   1 
HETATM 1728 O O   . HOH C 3 .   ? -19.748 14.151  4.862   1.00 34.34 ? 398 HOH A O   1 
HETATM 1729 O O   . HOH C 3 .   ? -14.398 -10.831 -0.857  1.00 35.90 ? 399 HOH A O   1 
HETATM 1730 O O   . HOH C 3 .   ? 14.445  6.363   9.641   1.00 30.73 ? 401 HOH A O   1 
HETATM 1731 O O   . HOH C 3 .   ? -9.201  -9.933  0.731   1.00 31.84 ? 402 HOH A O   1 
HETATM 1732 O O   . HOH C 3 .   ? 7.516   2.663   -16.161 1.00 36.65 ? 403 HOH A O   1 
HETATM 1733 O O   . HOH C 3 .   ? -17.311 8.745   11.250  1.00 30.78 ? 404 HOH A O   1 
HETATM 1734 O O   . HOH C 3 .   ? -17.561 10.202  -2.538  1.00 26.37 ? 405 HOH A O   1 
HETATM 1735 O O   . HOH C 3 .   ? -9.145  6.984   -13.879 1.00 32.81 ? 406 HOH A O   1 
HETATM 1736 O O   . HOH C 3 .   ? -2.939  -18.339 10.007  1.00 33.78 ? 407 HOH A O   1 
HETATM 1737 O O   . HOH C 3 .   ? -2.296  18.092  -8.379  1.00 29.25 ? 408 HOH A O   1 
HETATM 1738 O O   . HOH C 3 .   ? -9.189  2.900   -14.601 1.00 30.33 ? 409 HOH A O   1 
HETATM 1739 O O   . HOH C 3 .   ? -12.633 0.790   -8.520  1.00 27.07 ? 410 HOH A O   1 
HETATM 1740 O O   . HOH C 3 .   ? 12.240  -17.128 2.518   1.00 33.77 ? 411 HOH A O   1 
HETATM 1741 O O   . HOH C 3 .   ? -4.885  -0.868  -20.377 1.00 36.90 ? 412 HOH A O   1 
HETATM 1742 O O   . HOH C 3 .   ? 20.020  -4.358  -0.143  1.00 39.71 ? 413 HOH A O   1 
HETATM 1743 O O   . HOH C 3 .   ? 3.480   -9.906  -13.867 1.00 25.06 ? 414 HOH A O   1 
HETATM 1744 O O   . HOH C 3 .   ? 13.766  -13.226 0.367   1.00 32.15 ? 415 HOH A O   1 
HETATM 1745 O O   . HOH C 3 .   ? -7.950  -13.718 17.453  1.00 38.48 ? 416 HOH A O   1 
HETATM 1746 O O   . HOH C 3 .   ? 15.405  -10.187 -3.248  1.00 33.86 ? 417 HOH A O   1 
HETATM 1747 O O   . HOH C 3 .   ? -14.021 -7.699  -3.367  1.00 32.60 ? 418 HOH A O   1 
HETATM 1748 O O   . HOH C 3 .   ? -7.448  -12.772 -1.142  1.00 22.30 ? 419 HOH A O   1 
HETATM 1749 O O   . HOH C 3 .   ? -16.813 13.499  5.783   1.00 36.09 ? 420 HOH A O   1 
HETATM 1750 O O   . HOH C 3 .   ? -18.527 -11.657 8.055   1.00 17.67 ? 421 HOH A O   1 
HETATM 1751 O O   . HOH C 3 .   ? 3.079   17.767  -3.903  1.00 28.51 ? 422 HOH A O   1 
HETATM 1752 O O   . HOH C 3 .   ? 4.121   2.817   20.821  1.00 35.79 ? 423 HOH A O   1 
HETATM 1753 O O   . HOH C 3 .   ? -2.754  -14.830 13.977  1.00 36.99 ? 424 HOH A O   1 
# 
